data_4AMV
#
_entry.id   4AMV
#
_cell.length_a   132.197
_cell.length_b   109.677
_cell.length_c   176.332
_cell.angle_alpha   90.00
_cell.angle_beta   97.11
_cell.angle_gamma   90.00
#
_symmetry.space_group_name_H-M   'C 1 2 1'
#
loop_
_entity.id
_entity.type
_entity.pdbx_description
1 polymer 'GLUCOSAMINE--FRUCTOSE-6-PHOSPHATE AMINOTRANSFERASE [ISOMER IZING]'
2 non-polymer 'FRUCTOSE -6-PHOSPHATE'
3 water water
#
_entity_poly.entity_id   1
_entity_poly.type   'polypeptide(L)'
_entity_poly.pdbx_seq_one_letter_code
;MCGIVGAIAQRDVAEILLEGLRRLEYRGYDSAGLAVVDAEGHMTRLRRLGKVQMLAQAAEEHPLHGGTGIAHTRWATHGE
PSEVNAHPHVSEHIVVVHNGIIENHEPLREELKARGYTFVSETDTEVIAHLVNWELKQGGTLREAVLRAIPQLRGAYGTV
IMDSRHPDTLLAARSGSPLVIGLGMGENFIASDQLALLPVTRRFIFLEEGDIAEITRRSVNIFDKTGAEVKRQDIESNLQ
YDAGDKGIYRHYMQKEIYEQPNAIKNTLTGRISHGQVDLSELGPNADELLSKVEHIQILACGTSYNSGMVSRYWFESLAG
IPCDVEIASEFRYRKSAVRRNSLMITLSQSGETADTLAGLRLSKELGYLGSLAICNVPGSSLVRESDLALMTNAGTEIGV
ASTKAFTTQLTVLLMLVAKLSKLKGLDASIEHDIVHGLQALPSRIEQMLSQDKRIEALAEDFSDKHHALFLGRGDQYPIA
LEGALKLKEISYIHAEAYAAGELKHGPLALIDADMPVIVVAPNNELLEKLKSNIEEVRARGGQLYVFADQDAGFVSSDNM
HIIEMPHVEEVIAPIFYTVPLQLLAYHVALIKGTDVDQPRNLAKSVTVE
;
_entity_poly.pdbx_strand_id   A,B,C
#
loop_
_chem_comp.id
_chem_comp.type
_chem_comp.name
_chem_comp.formula
F6R non-polymer 'FRUCTOSE -6-PHOSPHATE' 'C6 H13 O9 P'
#
# COMPACT_ATOMS: atom_id res chain seq x y z
N CYS A 2 -35.18 -27.18 -16.55
CA CYS A 2 -34.19 -27.73 -17.57
C CYS A 2 -32.95 -26.84 -17.72
N GLY A 3 -31.97 -27.25 -18.51
CA GLY A 3 -30.71 -26.49 -18.57
C GLY A 3 -30.27 -26.40 -20.06
N ILE A 4 -29.87 -25.21 -20.52
CA ILE A 4 -29.46 -24.93 -21.90
C ILE A 4 -28.01 -24.46 -21.83
N VAL A 5 -27.19 -24.99 -22.74
CA VAL A 5 -25.82 -24.50 -22.95
C VAL A 5 -25.59 -24.34 -24.39
N GLY A 6 -24.90 -23.28 -24.75
CA GLY A 6 -24.47 -23.10 -26.15
C GLY A 6 -23.09 -22.50 -26.24
N ALA A 7 -22.45 -22.68 -27.39
CA ALA A 7 -21.05 -22.37 -27.49
C ALA A 7 -20.69 -22.10 -28.93
N ILE A 8 -19.94 -21.03 -29.19
CA ILE A 8 -19.42 -20.74 -30.52
C ILE A 8 -17.95 -20.29 -30.45
N ALA A 9 -17.07 -21.16 -30.91
CA ALA A 9 -15.65 -21.04 -30.56
C ALA A 9 -14.82 -21.42 -31.73
N GLN A 10 -13.52 -21.32 -31.54
CA GLN A 10 -12.59 -21.82 -32.51
C GLN A 10 -12.25 -23.24 -32.13
N ARG A 11 -12.13 -23.53 -30.86
CA ARG A 11 -11.77 -24.89 -30.43
C ARG A 11 -13.01 -25.80 -30.45
N ASP A 12 -12.84 -27.12 -30.40
CA ASP A 12 -14.01 -27.99 -30.23
C ASP A 12 -14.77 -27.62 -28.96
N VAL A 13 -16.10 -27.63 -28.99
CA VAL A 13 -16.93 -27.22 -27.85
C VAL A 13 -17.66 -28.35 -27.16
N ALA A 14 -17.63 -29.57 -27.73
CA ALA A 14 -18.39 -30.69 -27.16
C ALA A 14 -18.10 -30.87 -25.67
N GLU A 15 -16.83 -30.90 -25.24
CA GLU A 15 -16.57 -31.13 -23.81
C GLU A 15 -17.09 -30.01 -22.98
N ILE A 16 -17.05 -28.81 -23.57
CA ILE A 16 -17.47 -27.66 -22.83
C ILE A 16 -19.00 -27.75 -22.58
N LEU A 17 -19.73 -28.17 -23.62
CA LEU A 17 -21.21 -28.27 -23.59
C LEU A 17 -21.59 -29.36 -22.59
N LEU A 18 -20.87 -30.49 -22.58
CA LEU A 18 -21.09 -31.56 -21.57
C LEU A 18 -20.84 -31.13 -20.14
N GLU A 19 -19.77 -30.38 -19.94
CA GLU A 19 -19.41 -29.90 -18.62
C GLU A 19 -20.51 -28.90 -18.23
N GLY A 20 -20.97 -28.08 -19.17
CA GLY A 20 -22.10 -27.22 -18.95
C GLY A 20 -23.33 -28.01 -18.48
N LEU A 21 -23.69 -29.10 -19.20
CA LEU A 21 -24.86 -29.90 -18.75
C LEU A 21 -24.66 -30.56 -17.40
N ARG A 22 -23.45 -31.07 -17.12
CA ARG A 22 -23.21 -31.66 -15.74
C ARG A 22 -23.56 -30.66 -14.62
N ARG A 23 -23.26 -29.42 -14.90
CA ARG A 23 -23.46 -28.34 -13.93
C ARG A 23 -24.90 -27.90 -13.88
N LEU A 24 -25.66 -28.17 -14.92
CA LEU A 24 -27.07 -27.80 -14.84
C LEU A 24 -27.95 -28.99 -14.57
N GLU A 25 -27.35 -30.15 -14.33
CA GLU A 25 -28.08 -31.38 -14.21
C GLU A 25 -29.12 -31.40 -13.15
N TYR A 26 -28.83 -30.79 -12.02
CA TYR A 26 -29.81 -30.71 -10.92
C TYR A 26 -31.15 -30.12 -11.35
N ARG A 27 -31.15 -29.33 -12.44
CA ARG A 27 -32.38 -28.78 -13.08
C ARG A 27 -33.19 -29.78 -13.95
N GLY A 28 -32.57 -30.87 -14.38
CA GLY A 28 -33.36 -31.93 -15.02
C GLY A 28 -32.41 -33.02 -15.46
N TYR A 29 -32.70 -34.25 -15.08
CA TYR A 29 -31.77 -35.33 -15.28
C TYR A 29 -32.53 -36.54 -15.84
N ASP A 30 -33.58 -36.25 -16.61
CA ASP A 30 -34.36 -37.32 -17.26
C ASP A 30 -33.77 -37.68 -18.66
N SER A 31 -33.23 -36.67 -19.32
CA SER A 31 -32.57 -36.90 -20.61
C SER A 31 -31.68 -35.74 -20.91
N ALA A 32 -30.87 -35.87 -21.97
CA ALA A 32 -30.03 -34.76 -22.40
C ALA A 32 -29.58 -34.98 -23.85
N GLY A 33 -29.10 -33.92 -24.51
CA GLY A 33 -28.62 -34.13 -25.90
C GLY A 33 -27.76 -32.94 -26.23
N LEU A 34 -27.00 -33.07 -27.29
CA LEU A 34 -26.23 -31.91 -27.79
C LEU A 34 -26.13 -32.10 -29.27
N ALA A 35 -25.88 -31.01 -30.00
CA ALA A 35 -25.67 -31.07 -31.44
C ALA A 35 -24.46 -30.17 -31.71
N VAL A 36 -23.53 -30.62 -32.54
CA VAL A 36 -22.31 -29.86 -32.77
C VAL A 36 -22.11 -29.86 -34.31
N VAL A 37 -21.78 -28.70 -34.87
CA VAL A 37 -21.55 -28.53 -36.31
C VAL A 37 -20.10 -28.20 -36.44
N ASP A 38 -19.42 -28.93 -37.31
CA ASP A 38 -18.08 -28.58 -37.73
C ASP A 38 -18.06 -27.51 -38.83
N ALA A 39 -16.88 -26.95 -39.05
CA ALA A 39 -16.75 -25.77 -39.85
C ALA A 39 -17.37 -26.06 -41.26
N GLU A 40 -17.24 -27.32 -41.75
CA GLU A 40 -17.91 -27.85 -42.99
C GLU A 40 -19.42 -28.04 -42.89
N GLY A 41 -20.04 -27.57 -41.85
CA GLY A 41 -21.49 -27.77 -41.72
C GLY A 41 -21.97 -29.21 -41.55
N HIS A 42 -21.07 -30.20 -41.37
CA HIS A 42 -21.58 -31.53 -40.99
C HIS A 42 -21.95 -31.47 -39.53
N MET A 43 -23.23 -31.64 -39.25
CA MET A 43 -23.80 -31.46 -37.91
C MET A 43 -23.91 -32.81 -37.23
N THR A 44 -23.43 -32.99 -36.00
CA THR A 44 -23.60 -34.31 -35.35
C THR A 44 -24.50 -34.09 -34.14
N ARG A 45 -25.62 -34.80 -34.08
CA ARG A 45 -26.55 -34.69 -32.93
C ARG A 45 -26.55 -36.03 -32.18
N LEU A 46 -26.45 -35.97 -30.85
CA LEU A 46 -26.49 -37.15 -30.00
C LEU A 46 -27.46 -36.86 -28.84
N ARG A 47 -28.33 -37.81 -28.51
CA ARG A 47 -29.37 -37.65 -27.46
C ARG A 47 -29.51 -38.98 -26.70
N ARG A 48 -29.55 -38.92 -25.37
CA ARG A 48 -29.69 -40.11 -24.58
C ARG A 48 -30.72 -39.88 -23.46
N LEU A 49 -31.44 -40.95 -23.16
CA LEU A 49 -32.28 -41.00 -22.01
C LEU A 49 -31.40 -41.22 -20.77
N GLY A 50 -31.68 -40.53 -19.68
CA GLY A 50 -30.93 -40.78 -18.44
C GLY A 50 -30.14 -39.53 -18.08
N LYS A 51 -29.31 -39.66 -17.07
CA LYS A 51 -28.45 -38.62 -16.52
C LYS A 51 -27.46 -38.17 -17.61
N VAL A 52 -26.86 -37.00 -17.44
CA VAL A 52 -25.85 -36.54 -18.43
C VAL A 52 -24.73 -37.58 -18.75
N GLN A 53 -24.32 -38.39 -17.79
CA GLN A 53 -23.30 -39.38 -18.03
C GLN A 53 -23.61 -40.34 -19.19
N MET A 54 -24.90 -40.53 -19.49
CA MET A 54 -25.31 -41.38 -20.56
C MET A 54 -24.93 -40.69 -21.85
N LEU A 55 -25.24 -39.41 -21.97
CA LEU A 55 -24.81 -38.66 -23.10
C LEU A 55 -23.23 -38.64 -23.23
N ALA A 56 -22.52 -38.44 -22.12
CA ALA A 56 -21.07 -38.25 -22.17
C ALA A 56 -20.44 -39.52 -22.64
N GLN A 57 -20.95 -40.61 -22.09
CA GLN A 57 -20.49 -41.89 -22.48
C GLN A 57 -20.68 -42.06 -23.99
N ALA A 58 -21.86 -41.75 -24.52
CA ALA A 58 -22.14 -41.88 -25.94
C ALA A 58 -21.14 -41.07 -26.78
N ALA A 59 -20.94 -39.82 -26.35
CA ALA A 59 -20.00 -38.87 -26.95
C ALA A 59 -18.56 -39.40 -27.01
N GLU A 60 -18.22 -40.26 -26.08
CA GLU A 60 -16.90 -40.84 -25.98
C GLU A 60 -16.74 -41.93 -27.01
N GLU A 61 -17.85 -42.47 -27.47
CA GLU A 61 -17.85 -43.46 -28.54
C GLU A 61 -17.90 -42.84 -29.91
N HIS A 62 -18.43 -41.65 -30.00
CA HIS A 62 -18.67 -41.06 -31.32
C HIS A 62 -18.33 -39.63 -31.18
N PRO A 63 -17.01 -39.30 -31.27
CA PRO A 63 -16.78 -37.94 -30.79
C PRO A 63 -17.24 -36.89 -31.82
N LEU A 64 -17.53 -35.69 -31.30
CA LEU A 64 -18.17 -34.68 -32.07
C LEU A 64 -17.16 -33.57 -32.19
N HIS A 65 -16.66 -33.42 -33.40
CA HIS A 65 -15.86 -32.28 -33.80
C HIS A 65 -16.62 -31.04 -34.17
N GLY A 66 -16.11 -29.91 -33.69
CA GLY A 66 -16.58 -28.65 -34.23
C GLY A 66 -16.71 -27.53 -33.24
N GLY A 67 -16.76 -26.31 -33.75
CA GLY A 67 -16.70 -25.14 -32.88
C GLY A 67 -18.02 -24.52 -32.46
N THR A 68 -19.12 -25.01 -33.03
CA THR A 68 -20.42 -24.45 -32.78
C THR A 68 -21.36 -25.53 -32.30
N GLY A 69 -22.04 -25.33 -31.20
CA GLY A 69 -22.99 -26.35 -30.74
C GLY A 69 -23.97 -25.85 -29.70
N ILE A 70 -25.00 -26.67 -29.43
CA ILE A 70 -25.99 -26.35 -28.35
C ILE A 70 -26.34 -27.65 -27.64
N ALA A 71 -26.86 -27.60 -26.40
CA ALA A 71 -27.01 -28.81 -25.59
C ALA A 71 -28.14 -28.58 -24.59
N HIS A 72 -28.72 -29.64 -24.02
CA HIS A 72 -29.89 -29.48 -23.14
C HIS A 72 -29.94 -30.63 -22.21
N THR A 73 -30.46 -30.44 -20.99
CA THR A 73 -30.71 -31.52 -20.07
C THR A 73 -32.06 -31.20 -19.46
N ARG A 74 -32.87 -32.22 -19.28
CA ARG A 74 -34.22 -31.88 -19.03
C ARG A 74 -34.95 -32.72 -18.01
N TRP A 75 -35.90 -32.05 -17.36
CA TRP A 75 -36.86 -32.68 -16.43
C TRP A 75 -38.06 -33.00 -17.28
N ALA A 76 -38.35 -34.28 -17.53
CA ALA A 76 -39.47 -34.62 -18.42
C ALA A 76 -40.72 -34.60 -17.58
N THR A 77 -41.65 -33.73 -17.95
CA THR A 77 -42.90 -33.66 -17.20
C THR A 77 -43.99 -34.55 -17.78
N HIS A 78 -44.41 -34.14 -19.00
CA HIS A 78 -45.46 -34.83 -19.79
C HIS A 78 -44.93 -36.15 -20.29
N GLY A 79 -45.75 -37.19 -20.17
CA GLY A 79 -45.41 -38.50 -20.69
C GLY A 79 -44.13 -39.07 -20.10
N GLU A 80 -43.98 -40.40 -20.16
CA GLU A 80 -42.69 -41.03 -19.86
C GLU A 80 -41.62 -40.34 -20.73
N PRO A 81 -40.48 -39.96 -20.11
CA PRO A 81 -39.33 -39.46 -20.83
C PRO A 81 -39.01 -40.39 -22.02
N SER A 82 -38.53 -39.80 -23.13
CA SER A 82 -38.23 -40.62 -24.33
C SER A 82 -37.14 -39.91 -25.12
N GLU A 83 -36.29 -40.69 -25.80
CA GLU A 83 -35.16 -40.14 -26.57
C GLU A 83 -35.66 -39.32 -27.77
N VAL A 84 -36.80 -39.75 -28.33
CA VAL A 84 -37.52 -39.05 -29.42
C VAL A 84 -37.85 -37.62 -29.01
N ASN A 85 -38.11 -37.39 -27.73
CA ASN A 85 -38.43 -36.05 -27.23
C ASN A 85 -37.23 -35.28 -26.72
N ALA A 86 -36.11 -35.97 -26.51
CA ALA A 86 -34.89 -35.29 -26.02
C ALA A 86 -34.50 -34.15 -26.99
N HIS A 87 -33.99 -33.05 -26.44
CA HIS A 87 -33.47 -31.94 -27.23
C HIS A 87 -32.06 -32.24 -27.62
N PRO A 88 -31.51 -31.50 -28.60
CA PRO A 88 -32.09 -30.57 -29.52
C PRO A 88 -33.01 -31.24 -30.56
N HIS A 89 -33.96 -30.44 -31.04
CA HIS A 89 -34.85 -30.80 -32.10
C HIS A 89 -34.44 -30.10 -33.36
N VAL A 90 -34.86 -30.64 -34.49
CA VAL A 90 -34.35 -30.21 -35.78
C VAL A 90 -35.50 -29.94 -36.72
N SER A 91 -35.21 -29.15 -37.73
CA SER A 91 -36.05 -29.06 -38.90
C SER A 91 -35.04 -28.91 -40.05
N GLU A 92 -34.58 -30.05 -40.58
CA GLU A 92 -33.48 -30.15 -41.57
C GLU A 92 -32.23 -29.52 -40.96
N HIS A 93 -31.83 -28.37 -41.53
CA HIS A 93 -30.66 -27.55 -41.08
C HIS A 93 -30.85 -26.74 -39.83
N ILE A 94 -32.08 -26.40 -39.44
CA ILE A 94 -32.32 -25.70 -38.14
C ILE A 94 -32.25 -26.65 -36.94
N VAL A 95 -31.55 -26.25 -35.87
CA VAL A 95 -31.43 -27.08 -34.66
C VAL A 95 -31.72 -26.16 -33.47
N VAL A 96 -32.51 -26.63 -32.50
CA VAL A 96 -33.08 -25.80 -31.44
C VAL A 96 -33.08 -26.50 -30.07
N VAL A 97 -32.82 -25.74 -28.99
CA VAL A 97 -33.05 -26.20 -27.62
C VAL A 97 -33.91 -25.11 -27.03
N HIS A 98 -34.76 -25.45 -26.04
CA HIS A 98 -35.50 -24.39 -25.37
C HIS A 98 -35.87 -24.74 -23.92
N ASN A 99 -36.12 -23.69 -23.10
CA ASN A 99 -36.65 -23.87 -21.70
C ASN A 99 -37.93 -23.12 -21.63
N GLY A 100 -38.82 -23.52 -20.76
CA GLY A 100 -40.07 -22.80 -20.55
C GLY A 100 -41.18 -23.38 -21.41
N ILE A 101 -42.09 -22.52 -21.80
CA ILE A 101 -43.29 -23.03 -22.40
C ILE A 101 -43.80 -22.17 -23.55
N ILE A 102 -44.20 -22.86 -24.63
CA ILE A 102 -44.86 -22.20 -25.75
C ILE A 102 -46.35 -22.37 -25.59
N GLU A 103 -47.00 -21.33 -25.04
CA GLU A 103 -48.38 -21.42 -24.65
C GLU A 103 -49.28 -21.71 -25.86
N ASN A 104 -48.91 -21.22 -27.04
CA ASN A 104 -49.75 -21.43 -28.20
C ASN A 104 -49.17 -22.52 -29.07
N HIS A 105 -48.58 -23.51 -28.41
CA HIS A 105 -48.07 -24.68 -29.09
C HIS A 105 -49.06 -25.17 -30.14
N GLU A 106 -50.31 -25.31 -29.71
CA GLU A 106 -51.30 -26.03 -30.46
C GLU A 106 -51.78 -25.39 -31.78
N PRO A 107 -52.16 -24.10 -31.78
CA PRO A 107 -52.45 -23.49 -33.11
C PRO A 107 -51.23 -23.41 -34.06
N LEU A 108 -50.04 -23.10 -33.53
CA LEU A 108 -48.84 -23.02 -34.40
C LEU A 108 -48.55 -24.36 -35.08
N ARG A 109 -48.68 -25.41 -34.28
CA ARG A 109 -48.50 -26.76 -34.76
C ARG A 109 -49.46 -27.10 -35.90
N GLU A 110 -50.74 -26.81 -35.74
CA GLU A 110 -51.69 -27.11 -36.81
C GLU A 110 -51.30 -26.38 -38.08
N GLU A 111 -50.95 -25.11 -37.93
CA GLU A 111 -50.56 -24.28 -39.05
C GLU A 111 -49.27 -24.77 -39.77
N LEU A 112 -48.34 -25.35 -39.03
CA LEU A 112 -47.13 -25.84 -39.67
C LEU A 112 -47.40 -27.19 -40.37
N LYS A 113 -48.11 -28.08 -39.68
CA LYS A 113 -48.66 -29.30 -40.26
C LYS A 113 -49.26 -29.01 -41.65
N ALA A 114 -50.19 -28.05 -41.69
CA ALA A 114 -50.90 -27.67 -42.91
C ALA A 114 -50.02 -27.00 -43.98
N ARG A 115 -48.84 -26.52 -43.58
CA ARG A 115 -47.83 -26.02 -44.54
C ARG A 115 -46.91 -27.16 -45.06
N GLY A 116 -46.98 -28.32 -44.41
CA GLY A 116 -46.34 -29.53 -44.89
C GLY A 116 -45.28 -30.14 -43.98
N TYR A 117 -45.14 -29.63 -42.76
CA TYR A 117 -44.13 -30.17 -41.83
C TYR A 117 -44.59 -31.49 -41.25
N THR A 118 -43.65 -32.35 -40.92
CA THR A 118 -43.97 -33.58 -40.20
C THR A 118 -43.42 -33.44 -38.81
N PHE A 119 -44.22 -33.82 -37.82
CA PHE A 119 -43.78 -33.74 -36.42
C PHE A 119 -43.37 -35.09 -35.92
N VAL A 120 -42.15 -35.19 -35.42
CA VAL A 120 -41.64 -36.44 -34.92
C VAL A 120 -41.92 -36.51 -33.41
N SER A 121 -42.12 -35.36 -32.78
CA SER A 121 -42.33 -35.29 -31.33
C SER A 121 -43.56 -34.42 -30.99
N GLU A 122 -43.94 -34.28 -29.72
CA GLU A 122 -45.00 -33.30 -29.34
C GLU A 122 -44.37 -32.14 -28.55
N THR A 123 -43.07 -32.01 -28.65
CA THR A 123 -42.43 -30.98 -27.87
C THR A 123 -42.68 -29.59 -28.48
N ASP A 124 -42.58 -28.56 -27.65
CA ASP A 124 -42.66 -27.17 -28.09
C ASP A 124 -41.42 -26.84 -28.93
N THR A 125 -40.32 -27.49 -28.60
CA THR A 125 -39.05 -27.27 -29.26
C THR A 125 -39.10 -27.49 -30.76
N GLU A 126 -39.83 -28.53 -31.19
CA GLU A 126 -39.96 -28.82 -32.58
C GLU A 126 -40.83 -27.78 -33.25
N VAL A 127 -41.75 -27.18 -32.49
CA VAL A 127 -42.59 -26.17 -33.04
C VAL A 127 -41.72 -24.99 -33.44
N ILE A 128 -40.84 -24.60 -32.52
CA ILE A 128 -39.93 -23.50 -32.74
C ILE A 128 -39.01 -23.82 -33.93
N ALA A 129 -38.51 -25.05 -33.99
CA ALA A 129 -37.65 -25.46 -35.11
C ALA A 129 -38.35 -25.38 -36.47
N HIS A 130 -39.56 -25.92 -36.58
CA HIS A 130 -40.25 -25.88 -37.88
C HIS A 130 -40.60 -24.46 -38.27
N LEU A 131 -40.90 -23.65 -37.26
CA LEU A 131 -41.29 -22.28 -37.51
C LEU A 131 -40.12 -21.46 -38.05
N VAL A 132 -38.97 -21.54 -37.37
CA VAL A 132 -37.77 -20.85 -37.89
C VAL A 132 -37.39 -21.37 -39.31
N ASN A 133 -37.50 -22.69 -39.52
CA ASN A 133 -37.32 -23.25 -40.87
C ASN A 133 -38.24 -22.57 -41.88
N TRP A 134 -39.50 -22.38 -41.49
CA TRP A 134 -40.45 -21.70 -42.36
C TRP A 134 -40.07 -20.28 -42.56
N GLU A 135 -39.67 -19.58 -41.50
CA GLU A 135 -39.25 -18.22 -41.70
C GLU A 135 -38.02 -18.02 -42.63
N LEU A 136 -37.16 -19.04 -42.72
CA LEU A 136 -35.93 -18.97 -43.54
C LEU A 136 -36.13 -19.35 -44.99
N LYS A 137 -37.28 -19.96 -45.27
CA LYS A 137 -37.54 -20.62 -46.53
C LYS A 137 -37.50 -19.65 -47.68
N GLN A 138 -37.59 -18.35 -47.42
CA GLN A 138 -37.52 -17.33 -48.53
C GLN A 138 -36.06 -17.04 -48.83
N GLY A 139 -35.19 -17.40 -47.86
CA GLY A 139 -33.74 -17.24 -47.90
C GLY A 139 -33.08 -16.02 -47.23
N GLY A 140 -33.46 -15.62 -46.03
CA GLY A 140 -32.75 -14.45 -45.47
C GLY A 140 -31.58 -14.87 -44.58
N THR A 141 -31.24 -14.03 -43.60
CA THR A 141 -30.33 -14.43 -42.56
C THR A 141 -31.15 -15.07 -41.40
N LEU A 142 -30.46 -15.90 -40.63
CA LEU A 142 -31.07 -16.56 -39.48
C LEU A 142 -31.65 -15.53 -38.50
N ARG A 143 -30.94 -14.41 -38.32
CA ARG A 143 -31.36 -13.37 -37.44
C ARG A 143 -32.70 -12.84 -37.94
N GLU A 144 -32.81 -12.59 -39.25
CA GLU A 144 -34.05 -12.08 -39.81
C GLU A 144 -35.26 -12.97 -39.56
N ALA A 145 -35.04 -14.28 -39.69
CA ALA A 145 -36.11 -15.25 -39.56
C ALA A 145 -36.55 -15.32 -38.10
N VAL A 146 -35.56 -15.20 -37.20
CA VAL A 146 -35.82 -15.34 -35.74
C VAL A 146 -36.63 -14.13 -35.25
N LEU A 147 -36.29 -12.94 -35.75
CA LEU A 147 -37.10 -11.72 -35.53
C LEU A 147 -38.54 -11.81 -36.02
N ARG A 148 -38.74 -12.49 -37.16
CA ARG A 148 -40.07 -12.81 -37.64
C ARG A 148 -40.73 -13.92 -36.80
N ALA A 149 -39.93 -14.84 -36.28
CA ALA A 149 -40.48 -15.99 -35.61
C ALA A 149 -40.96 -15.67 -34.22
N ILE A 150 -40.15 -14.93 -33.46
CA ILE A 150 -40.41 -14.68 -32.03
C ILE A 150 -41.79 -14.07 -31.71
N PRO A 151 -42.22 -13.05 -32.46
CA PRO A 151 -43.55 -12.45 -32.24
C PRO A 151 -44.70 -13.45 -32.40
N GLN A 152 -44.49 -14.57 -33.08
CA GLN A 152 -45.56 -15.57 -33.32
C GLN A 152 -45.64 -16.58 -32.17
N LEU A 153 -44.59 -16.59 -31.34
CA LEU A 153 -44.53 -17.41 -30.13
C LEU A 153 -44.97 -16.58 -28.95
N ARG A 154 -45.97 -17.13 -28.22
CA ARG A 154 -46.46 -16.61 -26.93
C ARG A 154 -46.16 -17.63 -25.79
N GLY A 155 -45.74 -17.10 -24.64
CA GLY A 155 -45.46 -17.88 -23.46
C GLY A 155 -44.18 -17.42 -22.80
N ALA A 156 -43.73 -18.19 -21.82
CA ALA A 156 -42.54 -17.88 -21.03
C ALA A 156 -41.44 -18.91 -21.36
N TYR A 157 -40.47 -18.50 -22.20
CA TYR A 157 -39.50 -19.41 -22.73
C TYR A 157 -38.17 -18.74 -23.07
N GLY A 158 -37.14 -19.60 -23.21
CA GLY A 158 -35.78 -19.19 -23.62
C GLY A 158 -35.41 -20.17 -24.72
N THR A 159 -34.75 -19.70 -25.78
CA THR A 159 -34.40 -20.61 -26.83
C THR A 159 -33.04 -20.25 -27.44
N VAL A 160 -32.26 -21.26 -27.80
CA VAL A 160 -31.06 -21.07 -28.67
C VAL A 160 -31.17 -21.81 -29.98
N ILE A 161 -30.83 -21.15 -31.09
CA ILE A 161 -31.13 -21.68 -32.42
C ILE A 161 -29.92 -21.57 -33.34
N MET A 162 -29.75 -22.56 -34.21
CA MET A 162 -28.56 -22.79 -34.98
C MET A 162 -29.02 -23.22 -36.37
N ASP A 163 -28.32 -22.72 -37.38
CA ASP A 163 -28.50 -23.18 -38.72
C ASP A 163 -27.19 -23.88 -39.08
N SER A 164 -27.23 -25.18 -39.26
CA SER A 164 -26.01 -25.94 -39.53
C SER A 164 -25.36 -25.60 -40.89
N ARG A 165 -26.13 -24.99 -41.77
CA ARG A 165 -25.55 -24.57 -43.02
C ARG A 165 -24.65 -23.36 -42.77
N HIS A 166 -24.86 -22.66 -41.65
CA HIS A 166 -24.08 -21.45 -41.37
C HIS A 166 -23.68 -21.43 -39.93
N PRO A 167 -22.67 -22.26 -39.58
CA PRO A 167 -22.22 -22.53 -38.22
C PRO A 167 -21.51 -21.36 -37.56
N ASP A 168 -21.35 -20.27 -38.29
CA ASP A 168 -20.74 -19.01 -37.84
C ASP A 168 -21.54 -18.17 -36.83
N THR A 169 -22.82 -18.46 -36.66
CA THR A 169 -23.66 -17.60 -35.82
C THR A 169 -24.62 -18.47 -35.04
N LEU A 170 -24.82 -18.16 -33.76
CA LEU A 170 -26.00 -18.64 -32.98
C LEU A 170 -27.01 -17.51 -32.71
N LEU A 171 -28.31 -17.83 -32.71
CA LEU A 171 -29.37 -16.91 -32.27
C LEU A 171 -29.98 -17.43 -30.98
N ALA A 172 -30.22 -16.53 -30.04
CA ALA A 172 -30.89 -16.88 -28.81
C ALA A 172 -31.93 -15.79 -28.58
N ALA A 173 -33.04 -16.12 -27.89
CA ALA A 173 -34.12 -15.18 -27.65
C ALA A 173 -34.55 -15.41 -26.21
N ARG A 174 -34.49 -14.37 -25.38
CA ARG A 174 -35.01 -14.49 -24.03
C ARG A 174 -36.43 -13.91 -23.97
N SER A 175 -37.43 -14.73 -23.64
CA SER A 175 -38.83 -14.28 -23.56
C SER A 175 -39.62 -14.91 -22.40
N GLY A 176 -39.18 -14.71 -21.17
CA GLY A 176 -39.80 -15.37 -20.04
C GLY A 176 -38.97 -16.35 -19.25
N SER A 177 -37.87 -16.85 -19.83
CA SER A 177 -37.04 -17.82 -19.11
C SER A 177 -35.54 -17.40 -19.18
N PRO A 178 -34.76 -17.57 -18.10
CA PRO A 178 -33.39 -16.97 -18.13
C PRO A 178 -32.42 -17.40 -19.25
N LEU A 179 -31.67 -16.43 -19.79
CA LEU A 179 -30.53 -16.69 -20.67
C LEU A 179 -29.43 -15.71 -20.30
N VAL A 180 -28.20 -16.18 -20.39
CA VAL A 180 -27.06 -15.37 -20.07
C VAL A 180 -25.92 -15.76 -21.02
N ILE A 181 -25.25 -14.76 -21.58
CA ILE A 181 -24.11 -14.97 -22.44
C ILE A 181 -22.80 -14.88 -21.65
N GLY A 182 -21.96 -15.91 -21.75
CA GLY A 182 -20.57 -15.82 -21.27
C GLY A 182 -19.57 -15.32 -22.36
N LEU A 183 -18.77 -14.28 -22.03
CA LEU A 183 -17.80 -13.69 -22.98
C LEU A 183 -16.41 -14.31 -22.77
N GLY A 184 -15.95 -14.95 -23.84
CA GLY A 184 -14.64 -15.53 -23.84
C GLY A 184 -13.78 -14.69 -24.72
N MET A 185 -12.59 -15.20 -24.98
CA MET A 185 -11.67 -14.47 -25.78
C MET A 185 -11.59 -15.11 -27.13
N GLY A 186 -12.24 -14.49 -28.11
CA GLY A 186 -12.34 -15.10 -29.42
C GLY A 186 -13.35 -16.24 -29.47
N GLU A 187 -14.24 -16.33 -28.50
CA GLU A 187 -15.29 -17.36 -28.43
C GLU A 187 -16.36 -16.79 -27.47
N ASN A 188 -17.58 -17.20 -27.67
CA ASN A 188 -18.67 -16.82 -26.77
C ASN A 188 -19.52 -18.02 -26.42
N PHE A 189 -20.27 -17.94 -25.32
CA PHE A 189 -21.10 -19.02 -24.86
C PHE A 189 -22.45 -18.45 -24.40
N ILE A 190 -23.37 -19.35 -24.16
CA ILE A 190 -24.65 -18.96 -23.63
C ILE A 190 -25.14 -20.10 -22.78
N ALA A 191 -25.95 -19.76 -21.80
CA ALA A 191 -26.53 -20.77 -20.92
C ALA A 191 -27.74 -20.23 -20.28
N SER A 192 -28.55 -21.11 -19.73
CA SER A 192 -29.68 -20.68 -18.96
C SER A 192 -29.28 -20.25 -17.55
N ASP A 193 -28.06 -20.56 -17.14
CA ASP A 193 -27.57 -20.13 -15.82
C ASP A 193 -26.06 -20.05 -15.91
N GLN A 194 -25.49 -18.99 -15.34
CA GLN A 194 -24.06 -18.74 -15.46
C GLN A 194 -23.31 -19.90 -14.82
N LEU A 195 -23.98 -20.69 -14.00
CA LEU A 195 -23.26 -21.74 -13.33
C LEU A 195 -22.61 -22.76 -14.32
N ALA A 196 -23.20 -22.91 -15.51
CA ALA A 196 -22.79 -23.88 -16.49
C ALA A 196 -21.50 -23.40 -17.20
N LEU A 197 -21.26 -22.07 -17.17
CA LEU A 197 -20.16 -21.48 -17.94
C LEU A 197 -18.94 -21.11 -17.05
N LEU A 198 -19.03 -21.20 -15.72
CA LEU A 198 -17.85 -20.87 -14.87
C LEU A 198 -16.50 -21.49 -15.33
N PRO A 199 -16.49 -22.74 -15.85
CA PRO A 199 -15.18 -23.36 -16.18
C PRO A 199 -14.44 -22.69 -17.36
N VAL A 200 -15.14 -21.93 -18.19
CA VAL A 200 -14.43 -21.22 -19.31
C VAL A 200 -14.50 -19.71 -19.27
N THR A 201 -15.37 -19.11 -18.44
CA THR A 201 -15.46 -17.66 -18.35
C THR A 201 -16.17 -17.20 -17.09
N ARG A 202 -15.82 -16.01 -16.58
CA ARG A 202 -16.50 -15.31 -15.46
C ARG A 202 -17.16 -13.94 -15.80
N ARG A 203 -17.23 -13.64 -17.08
CA ARG A 203 -17.70 -12.40 -17.61
C ARG A 203 -19.03 -12.70 -18.34
N PHE A 204 -20.13 -12.11 -17.84
CA PHE A 204 -21.48 -12.40 -18.29
C PHE A 204 -22.28 -11.20 -18.73
N ILE A 205 -23.14 -11.42 -19.70
CA ILE A 205 -24.16 -10.48 -20.11
C ILE A 205 -25.47 -11.16 -19.87
N PHE A 206 -26.26 -10.58 -18.97
CA PHE A 206 -27.60 -11.09 -18.65
C PHE A 206 -28.61 -10.47 -19.58
N LEU A 207 -29.22 -11.30 -20.42
CA LEU A 207 -30.26 -10.84 -21.32
C LEU A 207 -31.47 -10.48 -20.49
N GLU A 208 -32.18 -9.42 -20.91
CA GLU A 208 -33.42 -9.00 -20.28
C GLU A 208 -34.53 -9.50 -21.20
N GLU A 209 -35.73 -9.69 -20.65
CA GLU A 209 -36.88 -10.12 -21.42
C GLU A 209 -37.11 -9.31 -22.68
N GLY A 210 -37.32 -10.03 -23.78
CA GLY A 210 -37.53 -9.40 -25.08
C GLY A 210 -36.27 -9.38 -25.94
N ASP A 211 -35.10 -9.66 -25.32
CA ASP A 211 -33.82 -9.55 -26.00
C ASP A 211 -33.65 -10.72 -26.99
N ILE A 212 -33.15 -10.40 -28.17
CA ILE A 212 -32.72 -11.41 -29.11
C ILE A 212 -31.19 -11.17 -29.36
N ALA A 213 -30.37 -12.22 -29.20
CA ALA A 213 -28.92 -12.10 -29.34
C ALA A 213 -28.37 -12.82 -30.56
N GLU A 214 -27.56 -12.13 -31.37
CA GLU A 214 -26.86 -12.75 -32.47
C GLU A 214 -25.39 -12.87 -32.04
N ILE A 215 -24.91 -14.10 -31.93
CA ILE A 215 -23.62 -14.40 -31.27
C ILE A 215 -22.71 -15.11 -32.26
N THR A 216 -21.51 -14.55 -32.48
CA THR A 216 -20.46 -15.19 -33.25
C THR A 216 -19.24 -15.41 -32.34
N ARG A 217 -18.14 -15.98 -32.88
CA ARG A 217 -16.92 -16.17 -32.09
C ARG A 217 -16.42 -14.82 -31.58
N ARG A 218 -16.61 -13.79 -32.41
CA ARG A 218 -16.00 -12.48 -32.16
C ARG A 218 -17.01 -11.37 -31.82
N SER A 219 -18.32 -11.65 -31.81
CA SER A 219 -19.23 -10.53 -31.55
C SER A 219 -20.55 -10.94 -30.88
N VAL A 220 -21.13 -10.01 -30.14
CA VAL A 220 -22.41 -10.24 -29.51
C VAL A 220 -23.26 -9.03 -29.85
N ASN A 221 -24.33 -9.26 -30.59
CA ASN A 221 -25.23 -8.16 -30.92
C ASN A 221 -26.58 -8.51 -30.32
N ILE A 222 -27.07 -7.64 -29.43
CA ILE A 222 -28.39 -7.86 -28.84
C ILE A 222 -29.35 -6.85 -29.39
N PHE A 223 -30.53 -7.33 -29.75
CA PHE A 223 -31.60 -6.51 -30.38
C PHE A 223 -32.87 -6.63 -29.52
N ASP A 224 -33.68 -5.57 -29.51
CA ASP A 224 -34.95 -5.55 -28.77
C ASP A 224 -36.07 -6.21 -29.57
N LYS A 225 -37.26 -6.31 -28.94
CA LYS A 225 -38.53 -6.70 -29.58
C LYS A 225 -38.50 -6.52 -31.11
N THR A 226 -38.42 -5.26 -31.56
CA THR A 226 -38.17 -4.93 -32.97
C THR A 226 -36.74 -5.33 -33.39
N GLY A 227 -36.19 -4.67 -34.40
CA GLY A 227 -34.84 -5.02 -34.82
C GLY A 227 -33.76 -4.10 -34.31
N ALA A 228 -34.09 -3.26 -33.30
CA ALA A 228 -33.17 -2.21 -32.87
C ALA A 228 -32.18 -2.73 -31.84
N GLU A 229 -30.91 -2.38 -32.03
CA GLU A 229 -29.83 -2.76 -31.10
C GLU A 229 -30.02 -2.09 -29.74
N VAL A 230 -29.72 -2.84 -28.70
CA VAL A 230 -29.75 -2.29 -27.34
C VAL A 230 -28.38 -2.52 -26.72
N LYS A 231 -28.07 -1.74 -25.69
CA LYS A 231 -26.82 -1.93 -24.95
C LYS A 231 -27.05 -2.71 -23.65
N ARG A 232 -26.27 -3.77 -23.48
CA ARG A 232 -26.30 -4.59 -22.26
C ARG A 232 -24.90 -4.70 -21.67
N GLN A 233 -24.71 -4.23 -20.45
CA GLN A 233 -23.40 -4.27 -19.81
C GLN A 233 -22.96 -5.70 -19.42
N ASP A 234 -21.71 -6.03 -19.71
CA ASP A 234 -21.15 -7.30 -19.25
C ASP A 234 -20.65 -7.07 -17.83
N ILE A 235 -20.74 -8.08 -16.98
CA ILE A 235 -20.20 -7.91 -15.64
C ILE A 235 -19.44 -9.12 -15.21
N GLU A 236 -18.76 -8.98 -14.08
CA GLU A 236 -17.88 -10.03 -13.56
C GLU A 236 -18.81 -10.93 -12.74
N SER A 237 -18.61 -12.26 -12.72
CA SER A 237 -19.47 -13.13 -11.94
C SER A 237 -19.27 -12.78 -10.49
N ASN A 238 -20.35 -12.89 -9.72
CA ASN A 238 -20.25 -12.78 -8.27
C ASN A 238 -20.44 -14.12 -7.52
N LEU A 239 -20.74 -15.19 -8.24
CA LEU A 239 -20.84 -16.54 -7.65
C LEU A 239 -19.52 -16.98 -7.00
N GLN A 240 -19.57 -17.96 -6.10
CA GLN A 240 -18.27 -18.47 -5.61
C GLN A 240 -17.48 -19.31 -6.61
N TYR A 241 -16.16 -19.22 -6.55
CA TYR A 241 -15.29 -20.00 -7.45
C TYR A 241 -15.55 -21.56 -7.38
N ASP A 242 -15.88 -21.98 -6.16
CA ASP A 242 -16.37 -23.28 -5.73
C ASP A 242 -17.78 -23.71 -6.27
N ALA A 243 -18.73 -22.80 -6.42
CA ALA A 243 -20.01 -23.04 -7.15
C ALA A 243 -20.69 -24.44 -7.12
N GLY A 244 -20.54 -25.17 -8.21
CA GLY A 244 -21.10 -26.51 -8.26
C GLY A 244 -20.03 -27.60 -8.08
N ASP A 245 -18.99 -27.32 -7.31
CA ASP A 245 -17.98 -28.33 -6.87
C ASP A 245 -18.47 -28.88 -5.49
N LYS A 246 -18.32 -30.17 -5.21
CA LYS A 246 -18.74 -30.77 -3.93
C LYS A 246 -17.62 -30.66 -2.92
N GLY A 247 -16.42 -30.31 -3.36
CA GLY A 247 -15.28 -30.26 -2.44
C GLY A 247 -14.95 -31.60 -1.79
N ILE A 248 -14.86 -31.61 -0.46
CA ILE A 248 -14.59 -32.87 0.26
C ILE A 248 -15.88 -33.69 0.45
N TYR A 249 -17.04 -33.08 0.14
CA TYR A 249 -18.33 -33.72 0.44
C TYR A 249 -18.70 -34.76 -0.58
N ARG A 250 -19.45 -35.76 -0.14
CA ARG A 250 -19.84 -36.86 -1.03
C ARG A 250 -21.05 -36.39 -1.87
N HIS A 251 -21.92 -35.56 -1.25
CA HIS A 251 -23.14 -35.01 -1.89
C HIS A 251 -23.23 -33.52 -1.73
N TYR A 252 -23.94 -32.87 -2.64
CA TYR A 252 -24.22 -31.43 -2.53
C TYR A 252 -25.10 -31.17 -1.34
N MET A 253 -26.08 -32.04 -1.15
CA MET A 253 -26.95 -31.88 -0.02
C MET A 253 -26.20 -31.88 1.31
N GLN A 254 -25.24 -32.80 1.45
CA GLN A 254 -24.40 -32.96 2.62
C GLN A 254 -23.61 -31.69 2.89
N LYS A 255 -23.01 -31.16 1.82
CA LYS A 255 -22.20 -29.96 1.86
C LYS A 255 -23.10 -28.84 2.32
N GLU A 256 -24.27 -28.74 1.70
CA GLU A 256 -25.19 -27.66 1.98
C GLU A 256 -25.75 -27.74 3.43
N ILE A 257 -25.94 -28.94 3.97
CA ILE A 257 -26.32 -29.08 5.39
C ILE A 257 -25.20 -28.57 6.28
N TYR A 258 -23.97 -29.00 6.03
CA TYR A 258 -22.78 -28.60 6.84
C TYR A 258 -22.35 -27.14 6.69
N GLU A 259 -22.79 -26.48 5.63
CA GLU A 259 -22.51 -25.06 5.32
C GLU A 259 -23.46 -24.13 6.13
N GLN A 260 -24.51 -24.67 6.72
CA GLN A 260 -25.54 -23.83 7.32
C GLN A 260 -25.01 -22.80 8.36
N PRO A 261 -24.08 -23.17 9.24
CA PRO A 261 -23.62 -22.12 10.16
C PRO A 261 -23.01 -20.90 9.41
N ASN A 262 -22.24 -21.16 8.38
CA ASN A 262 -21.63 -20.13 7.59
C ASN A 262 -22.63 -19.42 6.71
N ALA A 263 -23.60 -20.15 6.16
CA ALA A 263 -24.64 -19.50 5.37
C ALA A 263 -25.47 -18.54 6.24
N ILE A 264 -25.87 -18.99 7.41
CA ILE A 264 -26.56 -18.15 8.37
C ILE A 264 -25.78 -16.87 8.76
N LYS A 265 -24.49 -17.01 9.06
CA LYS A 265 -23.63 -15.85 9.29
C LYS A 265 -23.74 -14.91 8.15
N ASN A 266 -23.75 -15.44 6.93
CA ASN A 266 -23.81 -14.55 5.77
C ASN A 266 -25.18 -13.83 5.62
N THR A 267 -26.25 -14.51 6.02
CA THR A 267 -27.59 -13.96 6.06
C THR A 267 -27.67 -12.78 7.06
N LEU A 268 -26.91 -12.90 8.15
CA LEU A 268 -26.85 -11.95 9.23
C LEU A 268 -25.92 -10.78 8.99
N THR A 269 -25.06 -10.86 7.98
CA THR A 269 -24.02 -9.83 7.82
C THR A 269 -24.69 -8.49 7.52
N GLY A 270 -24.26 -7.46 8.24
CA GLY A 270 -24.77 -6.11 8.02
C GLY A 270 -26.18 -5.89 8.58
N ARG A 271 -26.77 -6.91 9.17
CA ARG A 271 -28.17 -6.82 9.53
C ARG A 271 -28.45 -6.85 11.01
N ILE A 272 -27.42 -7.00 11.83
CA ILE A 272 -27.58 -6.91 13.29
C ILE A 272 -26.68 -5.82 13.79
N SER A 273 -27.20 -4.94 14.60
CA SER A 273 -26.32 -3.94 15.20
C SER A 273 -26.80 -3.45 16.57
N HIS A 274 -25.97 -3.69 17.58
CA HIS A 274 -26.18 -3.18 18.93
C HIS A 274 -27.48 -3.72 19.44
N GLY A 275 -27.70 -5.03 19.38
CA GLY A 275 -28.91 -5.60 19.99
C GLY A 275 -30.20 -5.35 19.22
N GLN A 276 -30.05 -4.84 18.00
CA GLN A 276 -31.13 -4.54 17.08
C GLN A 276 -30.88 -5.02 15.68
N VAL A 277 -31.96 -5.19 14.94
CA VAL A 277 -32.01 -5.68 13.60
C VAL A 277 -31.82 -4.45 12.73
N ASP A 278 -31.24 -4.62 11.54
CA ASP A 278 -30.98 -3.50 10.64
C ASP A 278 -31.31 -3.89 9.21
N LEU A 279 -32.46 -3.41 8.72
CA LEU A 279 -32.99 -3.76 7.40
C LEU A 279 -33.07 -2.49 6.54
N SER A 280 -32.18 -1.57 6.82
CA SER A 280 -32.13 -0.31 6.09
C SER A 280 -31.77 -0.49 4.62
N GLU A 281 -31.24 -1.67 4.27
CA GLU A 281 -31.06 -1.96 2.85
C GLU A 281 -32.36 -1.80 2.03
N LEU A 282 -33.52 -1.90 2.67
CA LEU A 282 -34.79 -1.82 1.96
C LEU A 282 -35.09 -0.43 1.47
N GLY A 283 -34.49 0.56 2.12
CA GLY A 283 -34.51 1.92 1.58
C GLY A 283 -35.54 2.82 2.24
N PRO A 284 -35.58 4.11 1.83
CA PRO A 284 -36.17 5.21 2.60
C PRO A 284 -37.67 5.44 2.34
N ASN A 285 -38.30 4.44 1.74
CA ASN A 285 -39.73 4.37 1.58
C ASN A 285 -40.31 3.08 2.16
N ALA A 286 -39.45 2.10 2.51
CA ALA A 286 -39.91 0.81 3.04
C ALA A 286 -40.60 0.85 4.42
N ASP A 287 -40.06 1.61 5.37
CA ASP A 287 -40.71 1.80 6.67
C ASP A 287 -42.13 2.33 6.60
N GLU A 288 -42.36 3.38 5.81
CA GLU A 288 -43.70 3.88 5.51
C GLU A 288 -44.64 2.72 5.14
N LEU A 289 -44.24 1.92 4.16
CA LEU A 289 -45.02 0.78 3.73
C LEU A 289 -45.29 -0.23 4.86
N LEU A 290 -44.22 -0.83 5.39
CA LEU A 290 -44.25 -1.89 6.39
C LEU A 290 -45.02 -1.42 7.65
N SER A 291 -45.00 -0.12 7.87
CA SER A 291 -45.72 0.52 8.95
C SER A 291 -47.26 0.50 8.84
N LYS A 292 -47.74 0.45 7.62
CA LYS A 292 -49.16 0.39 7.31
C LYS A 292 -49.68 -1.06 7.33
N VAL A 293 -48.78 -2.06 7.30
CA VAL A 293 -49.19 -3.49 7.23
C VAL A 293 -50.07 -3.90 8.42
N GLU A 294 -51.26 -4.37 8.12
CA GLU A 294 -52.20 -4.91 9.09
C GLU A 294 -52.37 -6.41 8.97
N HIS A 295 -51.96 -6.97 7.84
CA HIS A 295 -52.10 -8.38 7.54
C HIS A 295 -50.97 -8.80 6.60
N ILE A 296 -50.48 -10.01 6.81
CA ILE A 296 -49.46 -10.59 5.95
C ILE A 296 -49.98 -11.84 5.23
N GLN A 297 -49.83 -11.89 3.92
CA GLN A 297 -50.13 -13.11 3.16
C GLN A 297 -48.80 -13.71 2.69
N ILE A 298 -48.47 -14.93 3.08
CA ILE A 298 -47.23 -15.53 2.59
C ILE A 298 -47.60 -16.55 1.53
N LEU A 299 -46.85 -16.57 0.43
CA LEU A 299 -47.10 -17.51 -0.65
C LEU A 299 -45.80 -18.23 -0.98
N ALA A 300 -45.84 -19.55 -1.09
CA ALA A 300 -44.59 -20.28 -1.40
C ALA A 300 -45.03 -21.73 -1.81
N CYS A 301 -44.11 -22.55 -2.31
CA CYS A 301 -44.31 -24.02 -2.51
C CYS A 301 -43.35 -24.90 -1.65
N GLY A 302 -43.77 -26.12 -1.30
CA GLY A 302 -42.87 -27.13 -0.82
C GLY A 302 -42.18 -26.61 0.43
N THR A 303 -40.86 -26.71 0.48
CA THR A 303 -40.11 -26.42 1.69
C THR A 303 -40.21 -24.90 2.01
N SER A 304 -40.32 -24.07 0.98
CA SER A 304 -40.43 -22.62 1.21
C SER A 304 -41.78 -22.34 1.77
N TYR A 305 -42.78 -23.16 1.44
CA TYR A 305 -44.08 -23.02 2.20
C TYR A 305 -43.90 -23.43 3.62
N ASN A 306 -43.10 -24.47 3.88
CA ASN A 306 -42.96 -24.88 5.30
C ASN A 306 -42.33 -23.75 6.16
N SER A 307 -41.31 -23.03 5.63
CA SER A 307 -40.73 -21.97 6.48
C SER A 307 -41.75 -20.85 6.69
N GLY A 308 -42.62 -20.57 5.72
CA GLY A 308 -43.61 -19.55 5.91
C GLY A 308 -44.55 -19.99 7.05
N MET A 309 -44.79 -21.33 7.17
CA MET A 309 -45.76 -21.84 8.17
C MET A 309 -45.18 -21.67 9.54
N VAL A 310 -43.86 -21.82 9.69
CA VAL A 310 -43.20 -21.56 10.98
C VAL A 310 -43.39 -20.08 11.32
N SER A 311 -43.04 -19.18 10.38
CA SER A 311 -43.08 -17.76 10.67
C SER A 311 -44.47 -17.26 11.02
N ARG A 312 -45.51 -17.88 10.52
CA ARG A 312 -46.88 -17.50 10.97
C ARG A 312 -47.05 -17.47 12.49
N TYR A 313 -46.45 -18.44 13.17
CA TYR A 313 -46.49 -18.47 14.64
C TYR A 313 -45.73 -17.22 15.19
N TRP A 314 -44.65 -16.84 14.52
CA TRP A 314 -43.81 -15.72 14.97
C TRP A 314 -44.51 -14.41 14.74
N PHE A 315 -45.02 -14.21 13.53
CA PHE A 315 -45.68 -12.97 13.17
C PHE A 315 -46.89 -12.66 14.08
N GLU A 316 -47.75 -13.65 14.31
CA GLU A 316 -48.90 -13.45 15.21
C GLU A 316 -48.51 -13.31 16.69
N SER A 317 -47.61 -14.13 17.19
CA SER A 317 -47.36 -14.19 18.64
C SER A 317 -46.37 -13.11 19.07
N LEU A 318 -45.44 -12.74 18.18
CA LEU A 318 -44.39 -11.77 18.47
C LEU A 318 -44.66 -10.36 17.90
N ALA A 319 -45.11 -10.28 16.67
CA ALA A 319 -45.37 -8.95 16.12
C ALA A 319 -46.86 -8.66 16.19
N GLY A 320 -47.70 -9.62 16.63
CA GLY A 320 -49.20 -9.39 16.74
C GLY A 320 -49.85 -9.04 15.39
N ILE A 321 -49.31 -9.57 14.29
CA ILE A 321 -49.87 -9.30 12.99
C ILE A 321 -50.55 -10.54 12.41
N PRO A 322 -51.82 -10.41 12.06
CA PRO A 322 -52.50 -11.51 11.38
C PRO A 322 -51.67 -11.99 10.20
N CYS A 323 -51.46 -13.29 10.07
CA CYS A 323 -50.62 -13.90 9.02
C CYS A 323 -51.26 -15.17 8.54
N ASP A 324 -51.53 -15.23 7.24
CA ASP A 324 -51.91 -16.46 6.53
C ASP A 324 -50.80 -16.95 5.56
N VAL A 325 -50.70 -18.26 5.44
CA VAL A 325 -49.74 -18.90 4.60
C VAL A 325 -50.47 -19.86 3.72
N GLU A 326 -50.20 -19.78 2.42
CA GLU A 326 -50.93 -20.63 1.52
C GLU A 326 -50.00 -21.18 0.42
N ILE A 327 -50.22 -22.43 -0.03
CA ILE A 327 -49.38 -22.97 -1.11
C ILE A 327 -49.75 -22.26 -2.38
N ALA A 328 -48.78 -21.96 -3.24
CA ALA A 328 -49.09 -21.03 -4.29
C ALA A 328 -49.94 -21.61 -5.40
N SER A 329 -49.94 -22.95 -5.55
CA SER A 329 -50.71 -23.56 -6.67
C SER A 329 -52.20 -23.48 -6.37
N GLU A 330 -52.56 -23.35 -5.10
CA GLU A 330 -53.96 -23.20 -4.75
C GLU A 330 -54.31 -21.73 -4.79
N PHE A 331 -53.45 -20.89 -4.21
CA PHE A 331 -53.72 -19.42 -4.23
C PHE A 331 -53.91 -18.84 -5.61
N ARG A 332 -53.08 -19.24 -6.55
CA ARG A 332 -53.09 -18.56 -7.87
C ARG A 332 -54.40 -18.77 -8.66
N TYR A 333 -55.24 -19.74 -8.27
CA TYR A 333 -56.45 -19.95 -9.03
C TYR A 333 -57.70 -19.64 -8.21
N ARG A 334 -57.56 -19.32 -6.93
CA ARG A 334 -58.77 -18.98 -6.25
C ARG A 334 -59.17 -17.54 -6.26
N LYS A 335 -60.50 -17.35 -6.08
CA LYS A 335 -61.02 -16.02 -6.11
C LYS A 335 -61.03 -15.65 -4.62
N SER A 336 -59.96 -15.00 -4.17
CA SER A 336 -59.73 -14.73 -2.78
C SER A 336 -60.30 -13.37 -2.33
N ALA A 337 -60.43 -13.23 -1.00
CA ALA A 337 -61.00 -12.06 -0.36
C ALA A 337 -59.74 -11.40 0.16
N VAL A 338 -59.46 -10.21 -0.31
CA VAL A 338 -58.21 -9.51 0.09
C VAL A 338 -58.43 -8.73 1.40
N ARG A 339 -57.55 -8.97 2.37
CA ARG A 339 -57.59 -8.23 3.64
C ARG A 339 -57.18 -6.74 3.43
N ARG A 340 -57.59 -5.86 4.33
CA ARG A 340 -57.20 -4.47 4.21
C ARG A 340 -55.71 -4.37 4.59
N ASN A 341 -54.94 -3.60 3.83
CA ASN A 341 -53.56 -3.33 4.20
C ASN A 341 -52.71 -4.61 4.28
N SER A 342 -52.76 -5.40 3.23
CA SER A 342 -52.14 -6.73 3.24
C SER A 342 -50.78 -6.75 2.52
N LEU A 343 -49.76 -7.24 3.21
CA LEU A 343 -48.41 -7.38 2.59
C LEU A 343 -48.30 -8.79 2.02
N MET A 344 -47.98 -8.90 0.74
CA MET A 344 -47.70 -10.15 0.10
C MET A 344 -46.21 -10.48 0.28
N ILE A 345 -45.89 -11.62 0.86
CA ILE A 345 -44.49 -12.05 1.07
C ILE A 345 -44.38 -13.37 0.24
N THR A 346 -43.48 -13.43 -0.75
CA THR A 346 -43.14 -14.70 -1.33
C THR A 346 -41.81 -15.20 -0.75
N LEU A 347 -41.71 -16.51 -0.54
CA LEU A 347 -40.49 -17.16 -0.17
C LEU A 347 -40.16 -18.08 -1.33
N SER A 348 -38.89 -18.03 -1.78
CA SER A 348 -38.43 -18.87 -2.87
C SER A 348 -36.87 -18.87 -2.90
N GLN A 349 -36.29 -20.05 -2.94
CA GLN A 349 -34.85 -20.15 -3.02
C GLN A 349 -34.47 -19.66 -4.39
N SER A 350 -35.17 -20.19 -5.41
CA SER A 350 -34.73 -19.94 -6.80
C SER A 350 -35.12 -18.57 -7.33
N GLY A 351 -36.24 -18.07 -6.81
CA GLY A 351 -36.89 -16.85 -7.24
C GLY A 351 -37.60 -17.02 -8.56
N GLU A 352 -37.83 -18.28 -8.98
CA GLU A 352 -38.34 -18.50 -10.32
C GLU A 352 -39.50 -19.49 -10.30
N THR A 353 -39.86 -20.04 -9.16
CA THR A 353 -40.96 -21.01 -9.08
C THR A 353 -42.26 -20.46 -9.73
N ALA A 354 -42.77 -21.18 -10.75
CA ALA A 354 -43.85 -20.67 -11.58
C ALA A 354 -45.11 -20.33 -10.74
N ASP A 355 -45.52 -21.21 -9.84
CA ASP A 355 -46.75 -20.91 -9.16
C ASP A 355 -46.52 -19.71 -8.24
N THR A 356 -45.37 -19.62 -7.57
CA THR A 356 -45.14 -18.53 -6.59
C THR A 356 -45.11 -17.19 -7.32
N LEU A 357 -44.48 -17.22 -8.50
CA LEU A 357 -44.37 -16.08 -9.31
C LEU A 357 -45.78 -15.64 -9.76
N ALA A 358 -46.66 -16.61 -10.07
CA ALA A 358 -48.01 -16.29 -10.58
C ALA A 358 -48.88 -15.68 -9.49
N GLY A 359 -48.70 -16.18 -8.26
CA GLY A 359 -49.31 -15.57 -7.06
C GLY A 359 -48.92 -14.07 -6.93
N LEU A 360 -47.61 -13.79 -6.92
CA LEU A 360 -47.13 -12.41 -6.85
C LEU A 360 -47.76 -11.57 -7.95
N ARG A 361 -47.72 -12.05 -9.19
CA ARG A 361 -48.36 -11.29 -10.29
C ARG A 361 -49.88 -11.01 -10.10
N LEU A 362 -50.61 -11.99 -9.56
CA LEU A 362 -52.03 -11.86 -9.26
C LEU A 362 -52.23 -10.81 -8.18
N SER A 363 -51.36 -10.80 -7.19
CA SER A 363 -51.48 -9.87 -6.04
C SER A 363 -51.42 -8.39 -6.42
N LYS A 364 -50.68 -8.03 -7.46
CA LYS A 364 -50.66 -6.67 -8.01
C LYS A 364 -52.07 -6.24 -8.49
N GLU A 365 -52.69 -7.20 -9.14
CA GLU A 365 -53.94 -6.99 -9.80
C GLU A 365 -55.06 -6.92 -8.76
N LEU A 366 -54.84 -7.52 -7.59
CA LEU A 366 -55.84 -7.62 -6.55
C LEU A 366 -55.76 -6.51 -5.52
N GLY A 367 -54.79 -5.62 -5.66
CA GLY A 367 -54.66 -4.50 -4.72
C GLY A 367 -54.18 -4.78 -3.31
N TYR A 368 -53.14 -5.58 -3.15
CA TYR A 368 -52.43 -5.65 -1.86
C TYR A 368 -51.63 -4.38 -1.60
N LEU A 369 -51.20 -4.16 -0.36
CA LEU A 369 -50.39 -2.99 -0.05
C LEU A 369 -49.06 -2.94 -0.80
N GLY A 370 -48.36 -4.05 -0.81
CA GLY A 370 -47.09 -4.11 -1.52
C GLY A 370 -46.67 -5.57 -1.47
N SER A 371 -45.48 -5.86 -1.99
CA SER A 371 -44.94 -7.23 -1.96
C SER A 371 -43.46 -7.23 -1.53
N LEU A 372 -43.05 -8.23 -0.75
CA LEU A 372 -41.71 -8.38 -0.25
C LEU A 372 -41.20 -9.75 -0.72
N ALA A 373 -40.07 -9.80 -1.41
CA ALA A 373 -39.50 -11.13 -1.77
C ALA A 373 -38.41 -11.53 -0.81
N ILE A 374 -38.52 -12.74 -0.30
CA ILE A 374 -37.42 -13.36 0.38
C ILE A 374 -36.88 -14.47 -0.48
N CYS A 375 -35.66 -14.26 -0.98
CA CYS A 375 -35.18 -15.04 -2.12
C CYS A 375 -33.71 -15.35 -1.93
N ASN A 376 -33.27 -16.51 -2.46
CA ASN A 376 -31.81 -16.81 -2.46
C ASN A 376 -31.00 -16.41 -3.74
N VAL A 377 -31.68 -15.91 -4.77
CA VAL A 377 -31.08 -15.63 -6.08
C VAL A 377 -31.22 -14.18 -6.55
N PRO A 378 -30.11 -13.41 -6.49
CA PRO A 378 -30.02 -12.02 -6.96
C PRO A 378 -30.61 -11.89 -8.35
N GLY A 379 -31.52 -10.94 -8.55
CA GLY A 379 -31.97 -10.72 -9.94
C GLY A 379 -32.87 -11.78 -10.55
N SER A 380 -33.45 -12.66 -9.74
CA SER A 380 -34.49 -13.58 -10.22
C SER A 380 -35.84 -12.82 -10.38
N SER A 381 -36.82 -13.49 -11.01
CA SER A 381 -38.10 -12.83 -11.36
C SER A 381 -38.82 -12.24 -10.13
N LEU A 382 -38.80 -12.99 -9.05
CA LEU A 382 -39.56 -12.62 -7.88
C LEU A 382 -38.93 -11.42 -7.22
N VAL A 383 -37.61 -11.36 -7.30
CA VAL A 383 -36.89 -10.21 -6.76
C VAL A 383 -37.16 -8.97 -7.59
N ARG A 384 -37.01 -9.05 -8.91
CA ARG A 384 -37.27 -7.85 -9.68
C ARG A 384 -38.76 -7.40 -9.75
N GLU A 385 -39.72 -8.30 -9.60
CA GLU A 385 -41.10 -7.89 -9.66
C GLU A 385 -41.71 -7.52 -8.31
N SER A 386 -41.02 -7.80 -7.21
CA SER A 386 -41.44 -7.37 -5.87
C SER A 386 -41.12 -5.90 -5.56
N ASP A 387 -41.85 -5.30 -4.62
CA ASP A 387 -41.55 -3.93 -4.27
C ASP A 387 -40.29 -3.91 -3.45
N LEU A 388 -40.13 -4.93 -2.61
CA LEU A 388 -39.02 -5.01 -1.68
C LEU A 388 -38.43 -6.41 -1.74
N ALA A 389 -37.12 -6.55 -1.47
CA ALA A 389 -36.50 -7.89 -1.44
C ALA A 389 -35.50 -7.98 -0.31
N LEU A 390 -35.39 -9.17 0.26
CA LEU A 390 -34.45 -9.41 1.33
C LEU A 390 -33.82 -10.75 0.95
N MET A 391 -32.60 -10.66 0.47
CA MET A 391 -31.87 -11.82 0.01
C MET A 391 -31.39 -12.68 1.18
N THR A 392 -31.44 -14.01 1.01
CA THR A 392 -30.90 -14.92 2.04
C THR A 392 -29.37 -15.08 2.07
N ASN A 393 -28.66 -14.83 0.99
CA ASN A 393 -27.16 -14.93 1.02
C ASN A 393 -26.62 -16.32 1.42
N ALA A 394 -27.33 -17.40 1.11
CA ALA A 394 -26.94 -18.74 1.51
C ALA A 394 -25.94 -19.35 0.50
N GLY A 395 -25.81 -18.71 -0.65
CA GLY A 395 -24.91 -19.23 -1.68
C GLY A 395 -25.67 -20.21 -2.55
N THR A 396 -25.07 -20.56 -3.69
CA THR A 396 -25.72 -21.48 -4.57
C THR A 396 -26.10 -22.78 -3.90
N GLU A 397 -27.33 -23.21 -4.15
CA GLU A 397 -27.79 -24.46 -3.63
C GLU A 397 -28.14 -25.42 -4.77
N ILE A 398 -27.50 -26.60 -4.74
CA ILE A 398 -27.48 -27.56 -5.87
C ILE A 398 -28.29 -28.85 -5.49
N GLY A 399 -28.24 -29.25 -4.22
CA GLY A 399 -29.09 -30.39 -3.76
C GLY A 399 -30.53 -30.12 -4.16
N VAL A 400 -31.16 -31.10 -4.80
CA VAL A 400 -32.55 -30.91 -5.22
C VAL A 400 -33.43 -30.62 -4.00
N ALA A 401 -33.08 -31.23 -2.88
CA ALA A 401 -33.82 -31.00 -1.63
C ALA A 401 -33.20 -29.86 -0.81
N SER A 402 -33.95 -28.80 -0.45
CA SER A 402 -33.35 -27.58 0.13
C SER A 402 -33.01 -27.84 1.56
N THR A 403 -31.86 -27.35 1.97
CA THR A 403 -31.48 -27.45 3.37
C THR A 403 -31.13 -26.03 3.84
N LYS A 404 -29.96 -25.52 3.40
CA LYS A 404 -29.57 -24.18 3.76
C LYS A 404 -30.60 -23.06 3.32
N ALA A 405 -31.27 -23.22 2.18
CA ALA A 405 -32.32 -22.26 1.82
C ALA A 405 -33.46 -22.12 2.84
N PHE A 406 -33.77 -23.19 3.55
CA PHE A 406 -34.90 -23.21 4.41
C PHE A 406 -34.55 -22.50 5.72
N THR A 407 -33.35 -22.77 6.17
CA THR A 407 -32.90 -22.29 7.48
C THR A 407 -32.48 -20.82 7.36
N THR A 408 -31.92 -20.39 6.19
CA THR A 408 -31.62 -18.98 6.03
C THR A 408 -32.98 -18.23 5.78
N GLN A 409 -33.97 -18.85 5.15
CA GLN A 409 -35.28 -18.21 5.07
C GLN A 409 -35.85 -17.89 6.44
N LEU A 410 -35.82 -18.86 7.35
CA LEU A 410 -36.31 -18.60 8.70
C LEU A 410 -35.53 -17.48 9.38
N THR A 411 -34.21 -17.43 9.19
CA THR A 411 -33.39 -16.39 9.79
C THR A 411 -33.92 -15.01 9.39
N VAL A 412 -34.16 -14.83 8.08
CA VAL A 412 -34.61 -13.54 7.52
C VAL A 412 -36.07 -13.25 8.02
N LEU A 413 -36.93 -14.26 8.04
CA LEU A 413 -38.28 -14.07 8.54
C LEU A 413 -38.23 -13.51 9.94
N LEU A 414 -37.33 -14.03 10.75
CA LEU A 414 -37.23 -13.63 12.17
C LEU A 414 -36.74 -12.18 12.30
N MET A 415 -35.88 -11.78 11.37
CA MET A 415 -35.45 -10.42 11.33
C MET A 415 -36.62 -9.47 11.02
N LEU A 416 -37.42 -9.87 10.02
CA LEU A 416 -38.55 -9.05 9.60
C LEU A 416 -39.60 -9.05 10.76
N VAL A 417 -39.76 -10.17 11.47
CA VAL A 417 -40.61 -10.15 12.64
C VAL A 417 -40.14 -9.09 13.66
N ALA A 418 -38.82 -8.99 13.88
CA ALA A 418 -38.23 -8.02 14.82
C ALA A 418 -38.52 -6.60 14.33
N LYS A 419 -38.26 -6.36 13.04
CA LYS A 419 -38.53 -5.07 12.46
C LYS A 419 -40.01 -4.62 12.62
N LEU A 420 -40.97 -5.48 12.23
CA LEU A 420 -42.39 -5.17 12.39
C LEU A 420 -42.80 -4.92 13.87
N SER A 421 -42.24 -5.69 14.81
CA SER A 421 -42.55 -5.52 16.20
C SER A 421 -42.07 -4.14 16.65
N LYS A 422 -40.95 -3.67 16.08
CA LYS A 422 -40.46 -2.32 16.36
C LYS A 422 -41.36 -1.23 15.71
N LEU A 423 -41.74 -1.42 14.44
CA LEU A 423 -42.61 -0.46 13.77
C LEU A 423 -43.98 -0.33 14.46
N LYS A 424 -44.47 -1.40 15.08
CA LYS A 424 -45.71 -1.33 15.81
C LYS A 424 -45.58 -0.83 17.24
N GLY A 425 -44.35 -0.55 17.70
CA GLY A 425 -44.22 0.00 19.09
C GLY A 425 -44.40 -0.95 20.25
N LEU A 426 -44.31 -2.23 19.95
CA LEU A 426 -44.34 -3.32 20.93
C LEU A 426 -43.10 -3.39 21.85
N ASP A 427 -43.26 -4.17 22.92
CA ASP A 427 -42.22 -4.36 23.92
C ASP A 427 -40.86 -4.48 23.24
N ALA A 428 -39.91 -3.65 23.67
CA ALA A 428 -38.56 -3.62 23.02
C ALA A 428 -37.78 -4.94 23.17
N SER A 429 -38.17 -5.72 24.20
CA SER A 429 -37.64 -7.03 24.51
C SER A 429 -37.89 -8.05 23.41
N ILE A 430 -38.93 -7.88 22.61
CA ILE A 430 -39.25 -8.86 21.57
C ILE A 430 -38.07 -8.84 20.59
N GLU A 431 -37.76 -7.66 20.09
CA GLU A 431 -36.62 -7.44 19.21
C GLU A 431 -35.31 -7.90 19.91
N HIS A 432 -35.07 -7.50 21.14
CA HIS A 432 -33.85 -7.93 21.83
C HIS A 432 -33.68 -9.43 21.87
N ASP A 433 -34.75 -10.15 22.21
CA ASP A 433 -34.68 -11.57 22.39
C ASP A 433 -34.45 -12.25 21.05
N ILE A 434 -35.07 -11.72 20.01
CA ILE A 434 -34.87 -12.27 18.66
C ILE A 434 -33.40 -12.06 18.27
N VAL A 435 -32.88 -10.85 18.47
CA VAL A 435 -31.50 -10.55 18.11
C VAL A 435 -30.54 -11.42 18.97
N HIS A 436 -30.83 -11.65 20.27
CA HIS A 436 -30.02 -12.60 21.06
C HIS A 436 -30.04 -13.97 20.41
N GLY A 437 -31.22 -14.38 19.94
CA GLY A 437 -31.37 -15.66 19.26
C GLY A 437 -30.46 -15.76 18.04
N LEU A 438 -30.60 -14.79 17.15
CA LEU A 438 -29.90 -14.76 15.87
C LEU A 438 -28.42 -14.75 16.02
N GLN A 439 -27.97 -14.03 17.05
CA GLN A 439 -26.59 -13.90 17.31
C GLN A 439 -25.94 -15.22 17.80
N ALA A 440 -26.73 -16.09 18.36
CA ALA A 440 -26.22 -17.38 18.85
C ALA A 440 -26.36 -18.47 17.80
N LEU A 441 -27.18 -18.20 16.78
CA LEU A 441 -27.67 -19.19 15.92
C LEU A 441 -26.58 -19.96 15.13
N PRO A 442 -25.57 -19.29 14.50
CA PRO A 442 -24.57 -20.11 13.77
C PRO A 442 -23.85 -21.09 14.70
N SER A 443 -23.43 -20.69 15.91
CA SER A 443 -22.82 -21.57 16.92
C SER A 443 -23.75 -22.69 17.39
N ARG A 444 -25.02 -22.37 17.66
CA ARG A 444 -25.97 -23.42 17.98
C ARG A 444 -26.06 -24.47 16.84
N ILE A 445 -26.06 -24.00 15.59
CA ILE A 445 -26.12 -24.94 14.46
C ILE A 445 -24.83 -25.77 14.32
N GLU A 446 -23.69 -25.14 14.55
CA GLU A 446 -22.39 -25.79 14.51
C GLU A 446 -22.38 -26.93 15.54
N GLN A 447 -23.03 -26.67 16.67
CA GLN A 447 -23.11 -27.57 17.78
C GLN A 447 -24.09 -28.76 17.53
N MET A 448 -25.17 -28.52 16.78
CA MET A 448 -26.11 -29.57 16.42
C MET A 448 -25.49 -30.53 15.39
N LEU A 449 -24.65 -29.99 14.53
CA LEU A 449 -24.00 -30.76 13.51
C LEU A 449 -23.01 -31.80 14.11
N SER A 450 -22.56 -31.55 15.33
CA SER A 450 -21.73 -32.51 16.06
C SER A 450 -22.52 -33.66 16.64
N GLN A 451 -23.84 -33.63 16.53
CA GLN A 451 -24.67 -34.79 16.86
C GLN A 451 -24.81 -35.72 15.66
N ASP A 452 -24.13 -35.41 14.55
CA ASP A 452 -24.35 -36.20 13.32
C ASP A 452 -24.12 -37.70 13.49
N LYS A 453 -23.11 -38.07 14.28
CA LYS A 453 -22.79 -39.49 14.42
C LYS A 453 -23.89 -40.29 15.11
N ARG A 454 -24.49 -39.75 16.15
CA ARG A 454 -25.62 -40.48 16.75
C ARG A 454 -26.78 -40.60 15.76
N ILE A 455 -27.05 -39.57 14.97
CA ILE A 455 -28.15 -39.66 13.99
C ILE A 455 -27.80 -40.74 12.90
N GLU A 456 -26.55 -40.81 12.51
CA GLU A 456 -26.14 -41.78 11.51
C GLU A 456 -26.38 -43.17 12.07
N ALA A 457 -26.03 -43.40 13.34
CA ALA A 457 -26.27 -44.70 13.93
C ALA A 457 -27.81 -45.04 13.93
N LEU A 458 -28.64 -44.08 14.24
CA LEU A 458 -30.11 -44.29 14.32
C LEU A 458 -30.71 -44.70 12.97
N ALA A 459 -30.14 -44.12 11.91
CA ALA A 459 -30.73 -44.23 10.60
C ALA A 459 -30.79 -45.69 10.17
N GLU A 460 -29.87 -46.52 10.67
CA GLU A 460 -29.84 -47.96 10.30
C GLU A 460 -31.14 -48.68 10.65
N ASP A 461 -31.84 -48.20 11.69
CA ASP A 461 -33.16 -48.74 12.04
C ASP A 461 -34.20 -48.57 10.94
N PHE A 462 -33.99 -47.63 10.02
CA PHE A 462 -34.95 -47.31 8.98
C PHE A 462 -34.78 -48.13 7.74
N SER A 463 -33.80 -49.02 7.80
CA SER A 463 -33.45 -49.87 6.68
C SER A 463 -34.60 -50.74 6.18
N ASP A 464 -35.36 -51.29 7.10
CA ASP A 464 -36.50 -52.13 6.69
C ASP A 464 -37.85 -51.37 6.77
N LYS A 465 -37.84 -50.04 6.93
CA LYS A 465 -39.05 -49.29 7.12
C LYS A 465 -39.55 -48.72 5.81
N HIS A 466 -40.87 -48.72 5.65
CA HIS A 466 -41.55 -48.14 4.51
C HIS A 466 -42.46 -46.99 4.84
N HIS A 467 -42.65 -46.67 6.11
CA HIS A 467 -43.50 -45.58 6.55
C HIS A 467 -42.80 -44.88 7.68
N ALA A 468 -43.20 -43.66 7.96
CA ALA A 468 -42.77 -42.95 9.22
C ALA A 468 -43.77 -41.84 9.49
N LEU A 469 -43.97 -41.50 10.74
CA LEU A 469 -44.83 -40.32 11.08
C LEU A 469 -43.92 -39.31 11.74
N PHE A 470 -44.09 -38.03 11.43
CA PHE A 470 -43.44 -36.98 12.19
C PHE A 470 -44.46 -36.12 12.91
N LEU A 471 -44.14 -35.78 14.16
CA LEU A 471 -45.04 -35.08 15.05
C LEU A 471 -44.34 -33.83 15.59
N GLY A 472 -45.08 -32.72 15.66
CA GLY A 472 -44.66 -31.52 16.35
C GLY A 472 -45.90 -30.73 16.79
N ARG A 473 -45.73 -29.84 17.76
CA ARG A 473 -46.78 -28.87 18.05
C ARG A 473 -46.28 -27.44 17.96
N GLY A 474 -47.24 -26.52 17.84
CA GLY A 474 -46.94 -25.11 17.88
C GLY A 474 -45.99 -24.85 16.70
N ASP A 475 -45.00 -23.99 16.90
CA ASP A 475 -44.05 -23.61 15.84
C ASP A 475 -43.09 -24.76 15.36
N GLN A 476 -43.12 -25.93 16.04
CA GLN A 476 -42.37 -27.13 15.68
C GLN A 476 -43.23 -28.01 14.74
N TYR A 477 -44.53 -27.78 14.75
CA TYR A 477 -45.34 -28.51 13.80
C TYR A 477 -44.86 -28.30 12.36
N PRO A 478 -44.62 -27.06 11.90
CA PRO A 478 -44.06 -27.06 10.51
C PRO A 478 -42.63 -27.59 10.42
N ILE A 479 -41.94 -27.75 11.55
CA ILE A 479 -40.62 -28.42 11.50
C ILE A 479 -40.81 -29.96 11.23
N ALA A 480 -41.78 -30.61 11.86
CA ALA A 480 -42.26 -31.93 11.43
C ALA A 480 -42.68 -32.06 9.99
N LEU A 481 -43.48 -31.11 9.50
CA LEU A 481 -43.76 -31.13 8.08
C LEU A 481 -42.49 -31.15 7.26
N GLU A 482 -41.55 -30.27 7.54
CA GLU A 482 -40.33 -30.16 6.72
C GLU A 482 -39.49 -31.47 6.85
N GLY A 483 -39.47 -32.11 8.02
CA GLY A 483 -38.66 -33.35 8.19
C GLY A 483 -39.33 -34.50 7.42
N ALA A 484 -40.66 -34.55 7.41
CA ALA A 484 -41.35 -35.60 6.71
C ALA A 484 -41.11 -35.37 5.24
N LEU A 485 -41.20 -34.14 4.75
CA LEU A 485 -40.94 -33.87 3.29
C LEU A 485 -39.51 -34.29 2.89
N LYS A 486 -38.52 -33.92 3.69
CA LYS A 486 -37.13 -34.35 3.41
C LYS A 486 -37.00 -35.86 3.30
N LEU A 487 -37.54 -36.53 4.30
CA LEU A 487 -37.44 -37.97 4.34
C LEU A 487 -38.13 -38.64 3.15
N LYS A 488 -39.33 -38.22 2.81
CA LYS A 488 -40.02 -38.91 1.73
C LYS A 488 -39.39 -38.55 0.40
N GLU A 489 -38.99 -37.30 0.23
CA GLU A 489 -38.39 -36.90 -1.05
C GLU A 489 -37.15 -37.65 -1.43
N ILE A 490 -36.25 -37.87 -0.48
CA ILE A 490 -34.99 -38.48 -0.88
C ILE A 490 -34.78 -39.92 -0.45
N SER A 491 -35.54 -40.42 0.54
CA SER A 491 -35.38 -41.84 0.86
C SER A 491 -36.52 -42.65 0.28
N TYR A 492 -37.65 -42.00 -0.07
CA TYR A 492 -38.87 -42.66 -0.56
C TYR A 492 -39.63 -43.46 0.52
N ILE A 493 -39.24 -43.36 1.78
CA ILE A 493 -40.09 -43.92 2.85
C ILE A 493 -41.37 -43.10 2.83
N HIS A 494 -42.53 -43.69 3.09
CA HIS A 494 -43.74 -42.87 3.12
C HIS A 494 -43.87 -42.21 4.47
N ALA A 495 -43.25 -41.04 4.58
CA ALA A 495 -43.23 -40.19 5.78
C ALA A 495 -44.36 -39.17 5.83
N GLU A 496 -45.08 -39.01 6.95
CA GLU A 496 -46.18 -38.06 6.92
C GLU A 496 -46.17 -37.24 8.21
N ALA A 497 -46.35 -35.93 8.11
CA ALA A 497 -46.29 -35.12 9.33
C ALA A 497 -47.71 -34.85 9.87
N TYR A 498 -47.85 -34.74 11.20
CA TYR A 498 -49.07 -34.32 11.89
C TYR A 498 -48.76 -33.38 13.02
N ALA A 499 -49.62 -32.38 13.22
CA ALA A 499 -49.59 -31.58 14.43
C ALA A 499 -50.00 -32.65 15.46
N ALA A 500 -49.29 -32.74 16.57
CA ALA A 500 -49.46 -33.94 17.42
C ALA A 500 -50.91 -34.09 17.89
N GLY A 501 -51.70 -33.01 17.80
CA GLY A 501 -53.04 -33.04 18.51
C GLY A 501 -54.03 -33.68 17.55
N GLU A 502 -53.63 -33.95 16.31
CA GLU A 502 -54.63 -34.46 15.41
C GLU A 502 -54.81 -35.97 15.34
N LEU A 503 -53.97 -36.75 16.04
CA LEU A 503 -53.96 -38.22 15.87
C LEU A 503 -55.22 -38.90 16.36
N LYS A 504 -55.71 -38.49 17.52
CA LYS A 504 -56.90 -39.18 18.04
C LYS A 504 -58.17 -38.96 17.22
N HIS A 505 -58.11 -38.07 16.23
CA HIS A 505 -59.24 -37.85 15.33
C HIS A 505 -59.19 -38.76 14.10
N GLY A 506 -58.30 -39.76 14.11
CA GLY A 506 -58.31 -40.72 13.02
C GLY A 506 -56.97 -41.25 12.69
N PRO A 507 -55.95 -40.38 12.58
CA PRO A 507 -54.68 -40.93 12.08
C PRO A 507 -53.97 -41.90 13.02
N LEU A 508 -54.33 -41.87 14.32
CA LEU A 508 -53.74 -42.86 15.25
C LEU A 508 -53.98 -44.31 14.83
N ALA A 509 -55.04 -44.59 14.06
CA ALA A 509 -55.25 -45.96 13.49
C ALA A 509 -54.02 -46.53 12.80
N LEU A 510 -53.14 -45.65 12.33
CA LEU A 510 -51.97 -46.10 11.56
C LEU A 510 -50.88 -46.73 12.42
N ILE A 511 -50.92 -46.49 13.73
CA ILE A 511 -49.85 -46.90 14.61
C ILE A 511 -49.95 -48.43 14.75
N ASP A 512 -48.88 -49.14 14.40
CA ASP A 512 -48.72 -50.51 14.90
C ASP A 512 -47.25 -50.64 15.29
N ALA A 513 -46.85 -51.86 15.62
CA ALA A 513 -45.50 -52.18 16.14
C ALA A 513 -44.38 -51.86 15.16
N ASP A 514 -44.73 -51.62 13.90
CA ASP A 514 -43.76 -51.39 12.84
C ASP A 514 -43.61 -49.91 12.49
N MET A 515 -44.49 -49.06 12.99
CA MET A 515 -44.45 -47.66 12.61
C MET A 515 -43.47 -46.89 13.50
N PRO A 516 -42.45 -46.27 12.88
CA PRO A 516 -41.55 -45.33 13.55
C PRO A 516 -42.16 -43.97 13.57
N VAL A 517 -42.00 -43.29 14.69
CA VAL A 517 -42.61 -41.97 14.85
C VAL A 517 -41.55 -40.98 15.31
N ILE A 518 -41.25 -39.97 14.47
CA ILE A 518 -40.20 -39.03 14.80
C ILE A 518 -40.81 -37.73 15.42
N VAL A 519 -40.30 -37.29 16.55
CA VAL A 519 -40.90 -36.11 17.23
C VAL A 519 -39.78 -35.09 17.60
N VAL A 520 -40.08 -33.78 17.49
CA VAL A 520 -39.21 -32.72 17.96
C VAL A 520 -39.84 -32.17 19.26
N ALA A 521 -39.04 -32.07 20.33
CA ALA A 521 -39.54 -31.79 21.66
C ALA A 521 -38.64 -30.77 22.38
N PRO A 522 -38.71 -29.47 22.01
CA PRO A 522 -38.00 -28.47 22.80
C PRO A 522 -38.59 -28.35 24.16
N ASN A 523 -37.82 -27.83 25.10
CA ASN A 523 -38.28 -27.76 26.44
C ASN A 523 -39.05 -26.41 26.58
N ASN A 524 -40.34 -26.37 26.24
CA ASN A 524 -41.11 -25.12 26.18
C ASN A 524 -42.48 -25.46 26.73
N GLU A 525 -43.43 -24.54 26.63
CA GLU A 525 -44.68 -24.64 27.40
C GLU A 525 -45.64 -25.70 26.83
N LEU A 526 -45.40 -26.12 25.60
CA LEU A 526 -46.12 -27.24 24.96
C LEU A 526 -45.56 -28.69 25.25
N LEU A 527 -44.46 -28.79 26.02
CA LEU A 527 -43.77 -30.06 26.27
C LEU A 527 -44.76 -31.04 26.92
N GLU A 528 -45.44 -30.61 28.00
CA GLU A 528 -46.32 -31.58 28.70
C GLU A 528 -47.47 -32.06 27.79
N LYS A 529 -48.00 -31.15 26.96
CA LYS A 529 -49.09 -31.47 26.04
C LYS A 529 -48.55 -32.44 24.95
N LEU A 530 -47.34 -32.16 24.45
CA LEU A 530 -46.73 -33.06 23.53
C LEU A 530 -46.40 -34.43 24.19
N LYS A 531 -45.87 -34.44 25.41
CA LYS A 531 -45.60 -35.72 26.06
C LYS A 531 -46.83 -36.61 26.04
N SER A 532 -48.01 -36.02 26.21
CA SER A 532 -49.28 -36.79 26.24
C SER A 532 -49.55 -37.49 24.94
N ASN A 533 -49.31 -36.74 23.86
CA ASN A 533 -49.39 -37.29 22.52
C ASN A 533 -48.43 -38.47 22.30
N ILE A 534 -47.20 -38.29 22.73
CA ILE A 534 -46.18 -39.31 22.52
C ILE A 534 -46.62 -40.59 23.26
N GLU A 535 -47.17 -40.45 24.45
CA GLU A 535 -47.63 -41.61 25.22
C GLU A 535 -48.80 -42.38 24.52
N GLU A 536 -49.59 -41.66 23.71
CA GLU A 536 -50.76 -42.19 23.05
C GLU A 536 -50.26 -43.10 21.93
N VAL A 537 -49.21 -42.62 21.28
CA VAL A 537 -48.53 -43.34 20.25
C VAL A 537 -47.83 -44.57 20.83
N ARG A 538 -47.10 -44.42 21.92
CA ARG A 538 -46.36 -45.56 22.48
C ARG A 538 -47.29 -46.67 22.99
N ALA A 539 -48.44 -46.21 23.50
CA ALA A 539 -49.40 -47.15 24.07
C ALA A 539 -49.94 -48.11 22.98
N ARG A 540 -49.99 -47.67 21.72
CA ARG A 540 -50.44 -48.54 20.67
C ARG A 540 -49.28 -49.25 19.92
N GLY A 541 -48.05 -49.19 20.43
CA GLY A 541 -46.94 -50.00 19.89
C GLY A 541 -46.01 -49.24 18.91
N GLY A 542 -46.21 -47.95 18.68
CA GLY A 542 -45.27 -47.17 17.87
C GLY A 542 -43.83 -47.15 18.41
N GLN A 543 -42.90 -46.99 17.47
CA GLN A 543 -41.46 -46.88 17.71
C GLN A 543 -41.04 -45.43 17.73
N LEU A 544 -40.80 -44.88 18.93
CA LEU A 544 -40.55 -43.44 19.08
C LEU A 544 -39.11 -43.04 18.95
N TYR A 545 -38.90 -42.02 18.14
CA TYR A 545 -37.59 -41.35 17.95
C TYR A 545 -37.74 -39.88 18.37
N VAL A 546 -37.34 -39.56 19.58
CA VAL A 546 -37.66 -38.22 20.07
C VAL A 546 -36.41 -37.36 20.14
N PHE A 547 -36.35 -36.31 19.33
CA PHE A 547 -35.26 -35.34 19.44
C PHE A 547 -35.72 -34.34 20.48
N ALA A 548 -35.20 -34.48 21.70
CA ALA A 548 -35.73 -33.75 22.84
C ALA A 548 -34.62 -33.01 23.56
N ASP A 549 -34.96 -31.85 24.10
CA ASP A 549 -34.05 -31.15 24.97
C ASP A 549 -33.53 -32.04 26.10
N GLN A 550 -32.29 -31.84 26.51
CA GLN A 550 -31.70 -32.66 27.54
C GLN A 550 -32.45 -32.66 28.83
N ASP A 551 -33.19 -31.59 29.11
CA ASP A 551 -33.84 -31.52 30.43
C ASP A 551 -35.34 -31.76 30.29
N ALA A 552 -35.81 -32.16 29.10
CA ALA A 552 -37.24 -32.48 28.88
C ALA A 552 -37.71 -33.62 29.75
N GLY A 553 -36.78 -34.44 30.27
CA GLY A 553 -37.12 -35.53 31.19
C GLY A 553 -37.66 -36.80 30.53
N PHE A 554 -37.43 -37.00 29.22
CA PHE A 554 -37.89 -38.24 28.63
C PHE A 554 -37.08 -39.43 29.16
N VAL A 555 -37.73 -40.60 29.25
CA VAL A 555 -37.13 -41.80 29.82
C VAL A 555 -36.94 -42.75 28.63
N SER A 556 -35.70 -43.12 28.32
CA SER A 556 -35.47 -43.99 27.14
C SER A 556 -35.93 -45.44 27.44
N SER A 557 -36.39 -46.15 26.42
CA SER A 557 -36.77 -47.59 26.55
C SER A 557 -36.81 -48.28 25.20
N ASP A 558 -37.30 -49.54 25.22
CA ASP A 558 -37.43 -50.42 24.05
C ASP A 558 -37.99 -49.65 22.88
N ASN A 559 -39.17 -49.03 23.02
CA ASN A 559 -39.74 -48.26 21.88
C ASN A 559 -39.70 -46.76 22.10
N MET A 560 -38.72 -46.36 22.87
CA MET A 560 -38.52 -44.95 23.07
C MET A 560 -37.05 -44.58 22.96
N HIS A 561 -36.63 -44.09 21.79
CA HIS A 561 -35.25 -43.67 21.47
C HIS A 561 -35.13 -42.17 21.58
N ILE A 562 -34.34 -41.75 22.53
CA ILE A 562 -34.30 -40.33 22.91
C ILE A 562 -32.99 -39.79 22.39
N ILE A 563 -33.02 -38.83 21.49
CA ILE A 563 -31.79 -38.19 21.07
C ILE A 563 -31.76 -36.84 21.76
N GLU A 564 -30.90 -36.74 22.76
CA GLU A 564 -30.79 -35.56 23.60
C GLU A 564 -30.18 -34.40 22.89
N MET A 565 -30.85 -33.25 22.99
CA MET A 565 -30.45 -32.07 22.23
C MET A 565 -29.92 -31.04 23.20
N PRO A 566 -28.88 -30.32 22.78
CA PRO A 566 -28.38 -29.23 23.62
C PRO A 566 -29.43 -28.15 23.82
N HIS A 567 -29.33 -27.37 24.89
CA HIS A 567 -30.22 -26.22 25.08
C HIS A 567 -30.22 -25.22 23.95
N VAL A 568 -31.34 -24.59 23.69
CA VAL A 568 -31.34 -23.54 22.67
C VAL A 568 -32.36 -22.44 22.99
N GLU A 569 -32.06 -21.21 22.58
CA GLU A 569 -33.02 -20.07 22.70
C GLU A 569 -34.32 -20.43 22.00
N GLU A 570 -35.45 -20.23 22.69
CA GLU A 570 -36.70 -20.63 22.18
C GLU A 570 -37.03 -20.04 20.85
N VAL A 571 -36.65 -18.79 20.65
CA VAL A 571 -37.03 -18.09 19.46
C VAL A 571 -36.42 -18.74 18.18
N ILE A 572 -35.24 -19.33 18.31
CA ILE A 572 -34.56 -20.01 17.19
C ILE A 572 -34.73 -21.58 17.22
N ALA A 573 -35.47 -22.09 18.23
CA ALA A 573 -35.66 -23.52 18.41
C ALA A 573 -36.18 -24.17 17.11
N PRO A 574 -37.13 -23.55 16.36
CA PRO A 574 -37.51 -24.27 15.15
C PRO A 574 -36.36 -24.50 14.11
N ILE A 575 -35.46 -23.51 13.99
CA ILE A 575 -34.37 -23.57 13.03
C ILE A 575 -33.39 -24.67 13.49
N PHE A 576 -33.16 -24.72 14.78
CA PHE A 576 -32.18 -25.67 15.35
C PHE A 576 -32.70 -27.10 15.18
N TYR A 577 -34.01 -27.33 15.40
CA TYR A 577 -34.56 -28.66 15.41
C TYR A 577 -34.77 -29.23 14.03
N THR A 578 -34.68 -28.37 13.01
CA THR A 578 -34.70 -28.78 11.61
C THR A 578 -33.46 -29.57 11.28
N VAL A 579 -32.32 -29.14 11.83
CA VAL A 579 -31.00 -29.73 11.45
C VAL A 579 -30.91 -31.27 11.65
N PRO A 580 -31.36 -31.79 12.82
CA PRO A 580 -31.33 -33.23 13.02
C PRO A 580 -32.26 -33.98 12.05
N LEU A 581 -33.33 -33.35 11.58
CA LEU A 581 -34.21 -34.02 10.67
C LEU A 581 -33.62 -34.03 9.26
N GLN A 582 -32.85 -32.99 8.92
CA GLN A 582 -32.11 -32.96 7.66
C GLN A 582 -31.04 -34.09 7.63
N LEU A 583 -30.32 -34.21 8.74
CA LEU A 583 -29.30 -35.26 8.86
C LEU A 583 -29.93 -36.66 8.79
N LEU A 584 -31.09 -36.84 9.43
CA LEU A 584 -31.69 -38.14 9.50
C LEU A 584 -32.13 -38.48 8.13
N ALA A 585 -32.70 -37.54 7.43
CA ALA A 585 -33.18 -37.84 6.04
C ALA A 585 -32.02 -38.25 5.16
N TYR A 586 -30.94 -37.47 5.30
CA TYR A 586 -29.68 -37.76 4.57
C TYR A 586 -29.16 -39.17 4.83
N HIS A 587 -29.02 -39.52 6.12
CA HIS A 587 -28.50 -40.81 6.48
C HIS A 587 -29.37 -41.98 6.11
N VAL A 588 -30.69 -41.84 6.29
CA VAL A 588 -31.63 -42.87 5.83
C VAL A 588 -31.54 -43.10 4.27
N ALA A 589 -31.44 -42.02 3.54
CA ALA A 589 -31.27 -42.15 2.09
C ALA A 589 -30.00 -42.94 1.73
N LEU A 590 -28.91 -42.67 2.42
CA LEU A 590 -27.70 -43.49 2.31
C LEU A 590 -27.90 -44.96 2.60
N ILE A 591 -28.57 -45.29 3.70
CA ILE A 591 -28.94 -46.66 4.01
C ILE A 591 -29.81 -47.27 2.92
N LYS A 592 -30.78 -46.51 2.41
CA LYS A 592 -31.65 -47.01 1.37
C LYS A 592 -30.94 -47.10 0.03
N GLY A 593 -29.75 -46.52 -0.10
CA GLY A 593 -29.04 -46.48 -1.43
C GLY A 593 -29.74 -45.59 -2.47
N THR A 594 -30.40 -44.50 -2.05
CA THR A 594 -31.11 -43.64 -3.01
C THR A 594 -30.20 -42.50 -3.49
N ASP A 595 -30.62 -41.88 -4.60
CA ASP A 595 -29.83 -40.80 -5.18
C ASP A 595 -30.18 -39.54 -4.37
N VAL A 596 -29.46 -39.32 -3.29
CA VAL A 596 -29.68 -38.19 -2.40
C VAL A 596 -29.80 -36.80 -3.10
N ASP A 597 -28.86 -36.47 -4.01
CA ASP A 597 -28.84 -35.16 -4.64
C ASP A 597 -29.85 -35.03 -5.79
N GLN A 598 -30.19 -36.14 -6.48
CA GLN A 598 -31.11 -36.13 -7.63
C GLN A 598 -32.19 -37.22 -7.42
N PRO A 599 -33.11 -36.98 -6.48
CA PRO A 599 -34.14 -37.98 -6.20
C PRO A 599 -35.02 -38.26 -7.42
N ARG A 600 -35.56 -39.45 -7.52
CA ARG A 600 -36.26 -39.89 -8.77
C ARG A 600 -37.56 -39.06 -8.93
N ASN A 601 -37.96 -38.87 -10.18
CA ASN A 601 -39.22 -38.29 -10.59
C ASN A 601 -39.18 -36.78 -10.45
N LEU A 602 -38.07 -36.25 -9.97
CA LEU A 602 -38.01 -34.79 -9.70
C LEU A 602 -36.85 -34.12 -10.48
N ALA A 603 -36.66 -32.81 -10.18
CA ALA A 603 -35.42 -32.06 -10.44
C ALA A 603 -35.62 -30.84 -9.54
N LYS A 604 -34.64 -29.92 -9.51
CA LYS A 604 -34.73 -28.79 -8.62
C LYS A 604 -35.42 -27.63 -9.34
N SER A 605 -36.34 -26.96 -8.61
CA SER A 605 -36.99 -25.70 -9.02
C SER A 605 -38.05 -25.91 -10.11
N VAL A 606 -39.28 -25.60 -9.79
CA VAL A 606 -40.39 -25.92 -10.65
C VAL A 606 -40.75 -24.66 -11.41
N THR A 607 -40.09 -24.45 -12.51
CA THR A 607 -40.14 -23.13 -13.14
C THR A 607 -41.16 -23.03 -14.27
N VAL A 608 -41.75 -24.17 -14.62
CA VAL A 608 -42.86 -24.24 -15.54
C VAL A 608 -43.97 -24.84 -14.70
N GLU A 609 -45.17 -24.28 -14.77
CA GLU A 609 -46.28 -24.84 -13.89
C GLU A 609 -46.35 -26.38 -13.96
N CYS B 2 24.34 36.72 14.08
CA CYS B 2 24.47 38.18 13.80
C CYS B 2 25.75 38.68 14.43
N GLY B 3 26.13 39.93 14.15
CA GLY B 3 27.35 40.54 14.73
C GLY B 3 27.14 41.89 15.40
N ILE B 4 28.05 42.23 16.32
CA ILE B 4 28.05 43.45 17.12
C ILE B 4 29.48 44.02 17.15
N VAL B 5 29.64 45.34 17.07
CA VAL B 5 30.95 46.00 17.26
C VAL B 5 30.76 47.33 18.02
N GLY B 6 31.65 47.59 18.98
CA GLY B 6 31.61 48.81 19.78
C GLY B 6 33.02 49.32 20.09
N ALA B 7 33.10 50.60 20.49
CA ALA B 7 34.37 51.30 20.48
C ALA B 7 34.30 52.61 21.23
N ILE B 8 35.22 52.78 22.18
CA ILE B 8 35.50 54.04 22.86
C ILE B 8 36.97 54.33 22.60
N ALA B 9 37.23 55.45 21.92
CA ALA B 9 38.58 55.88 21.60
C ALA B 9 38.71 57.35 21.84
N GLN B 10 39.92 57.86 21.61
CA GLN B 10 40.20 59.30 21.60
C GLN B 10 40.54 59.69 20.16
N ARG B 11 39.90 58.98 19.23
CA ARG B 11 39.93 59.32 17.80
C ARG B 11 38.57 58.96 17.23
N ASP B 12 38.31 59.32 15.98
CA ASP B 12 37.09 58.82 15.34
C ASP B 12 37.16 57.30 15.21
N VAL B 13 36.04 56.63 15.48
CA VAL B 13 35.93 55.17 15.46
C VAL B 13 34.94 54.73 14.38
N ALA B 14 34.34 55.72 13.70
CA ALA B 14 33.38 55.39 12.64
C ALA B 14 33.90 54.26 11.74
N GLU B 15 35.03 54.51 11.09
CA GLU B 15 35.59 53.60 10.08
C GLU B 15 35.89 52.22 10.67
N ILE B 16 36.34 52.24 11.91
CA ILE B 16 36.66 51.05 12.69
C ILE B 16 35.40 50.24 12.96
N LEU B 17 34.30 50.89 13.31
CA LEU B 17 33.07 50.15 13.56
C LEU B 17 32.63 49.50 12.25
N LEU B 18 32.69 50.29 11.16
CA LEU B 18 32.34 49.83 9.81
C LEU B 18 33.19 48.60 9.39
N GLU B 19 34.49 48.68 9.69
CA GLU B 19 35.47 47.63 9.37
C GLU B 19 35.14 46.32 10.08
N GLY B 20 34.83 46.39 11.37
CA GLY B 20 34.40 45.24 12.16
C GLY B 20 33.18 44.54 11.58
N LEU B 21 32.18 45.35 11.22
CA LEU B 21 30.99 44.87 10.52
C LEU B 21 31.32 44.11 9.24
N ARG B 22 32.25 44.65 8.44
CA ARG B 22 32.65 43.95 7.21
C ARG B 22 33.20 42.58 7.61
N ARG B 23 33.95 42.56 8.69
CA ARG B 23 34.57 41.34 9.13
C ARG B 23 33.59 40.36 9.81
N LEU B 24 32.42 40.85 10.22
CA LEU B 24 31.39 39.98 10.80
C LEU B 24 30.20 39.81 9.86
N GLU B 25 30.33 40.31 8.63
CA GLU B 25 29.21 40.29 7.70
C GLU B 25 28.74 38.87 7.35
N TYR B 26 29.67 37.92 7.39
CA TYR B 26 29.37 36.53 6.96
C TYR B 26 28.34 35.92 7.90
N ARG B 27 28.17 36.54 9.08
CA ARG B 27 27.24 36.07 10.11
C ARG B 27 25.82 36.53 9.84
N GLY B 28 25.69 37.62 9.10
CA GLY B 28 24.38 38.17 8.74
C GLY B 28 24.50 39.42 7.88
N TYR B 29 23.85 39.40 6.73
CA TYR B 29 24.02 40.44 5.72
C TYR B 29 22.68 41.01 5.15
N ASP B 30 21.61 40.91 5.96
CA ASP B 30 20.24 41.36 5.60
C ASP B 30 20.00 42.88 5.91
N SER B 31 20.57 43.36 7.03
CA SER B 31 20.47 44.75 7.46
C SER B 31 21.66 45.05 8.37
N ALA B 32 21.85 46.34 8.70
CA ALA B 32 22.89 46.77 9.63
C ALA B 32 22.62 48.19 10.11
N GLY B 33 23.34 48.60 11.15
CA GLY B 33 23.27 49.99 11.56
C GLY B 33 24.38 50.31 12.53
N LEU B 34 24.50 51.58 12.89
CA LEU B 34 25.51 52.03 13.84
C LEU B 34 25.02 53.34 14.48
N ALA B 35 25.35 53.55 15.75
CA ALA B 35 25.19 54.86 16.43
C ALA B 35 26.55 55.34 16.91
N VAL B 36 26.86 56.59 16.62
CA VAL B 36 28.13 57.21 17.00
C VAL B 36 27.80 58.46 17.79
N VAL B 37 28.30 58.53 19.02
CA VAL B 37 28.16 59.72 19.85
C VAL B 37 29.43 60.57 19.71
N ASP B 38 29.34 61.88 20.02
CA ASP B 38 30.47 62.78 19.77
C ASP B 38 31.22 63.25 21.00
N ALA B 39 32.24 64.12 20.75
CA ALA B 39 32.99 64.77 21.83
C ALA B 39 31.98 65.75 22.56
N GLU B 40 31.20 66.47 21.74
CA GLU B 40 29.89 67.23 22.40
C GLU B 40 28.60 66.34 22.60
N GLY B 41 28.75 65.37 22.09
CA GLY B 41 27.70 64.54 22.34
C GLY B 41 26.57 64.47 21.31
N HIS B 42 26.87 64.89 20.21
CA HIS B 42 25.97 64.60 18.99
C HIS B 42 25.89 63.02 18.63
N MET B 43 24.90 62.17 19.40
CA MET B 43 24.56 60.63 18.99
C MET B 43 24.09 60.67 17.51
N THR B 44 24.36 59.61 16.65
CA THR B 44 23.86 59.61 15.26
C THR B 44 23.62 58.18 14.82
N ARG B 45 22.32 57.79 14.71
CA ARG B 45 21.90 56.45 14.27
C ARG B 45 21.72 56.46 12.77
N LEU B 46 22.65 55.82 12.09
CA LEU B 46 22.56 55.60 10.66
C LEU B 46 22.25 54.10 10.49
N ARG B 47 21.27 53.75 9.65
CA ARG B 47 20.80 52.37 9.56
C ARG B 47 20.36 52.00 8.16
N ARG B 48 20.33 50.69 7.88
CA ARG B 48 20.28 50.23 6.49
C ARG B 48 20.01 48.74 6.22
N LEU B 49 18.91 48.51 5.51
CA LEU B 49 18.61 47.21 4.90
C LEU B 49 19.64 46.89 3.82
N GLY B 50 20.11 45.65 3.82
CA GLY B 50 21.08 45.16 2.84
C GLY B 50 22.42 44.85 3.50
N LYS B 51 23.41 44.60 2.64
CA LYS B 51 24.71 44.13 3.06
C LYS B 51 25.41 45.30 3.68
N VAL B 52 26.16 45.03 4.72
CA VAL B 52 26.89 46.08 5.45
C VAL B 52 27.36 47.26 4.55
N GLN B 53 27.78 46.95 3.33
CA GLN B 53 28.26 47.96 2.38
C GLN B 53 27.13 48.93 1.95
N MET B 54 25.98 48.80 2.58
CA MET B 54 24.92 49.75 2.44
C MET B 54 25.31 50.95 3.32
N LEU B 55 25.62 50.69 4.60
CA LEU B 55 26.16 51.68 5.53
C LEU B 55 27.35 52.45 4.93
N ALA B 56 28.36 51.72 4.46
CA ALA B 56 29.60 52.31 3.93
C ALA B 56 29.33 53.41 2.89
N GLN B 57 28.34 53.19 2.03
CA GLN B 57 27.92 54.19 1.06
C GLN B 57 27.30 55.42 1.76
N ALA B 58 26.56 55.18 2.84
CA ALA B 58 25.76 56.19 3.56
C ALA B 58 26.51 56.94 4.68
N ALA B 59 27.58 56.36 5.20
CA ALA B 59 28.42 57.04 6.17
C ALA B 59 29.28 58.12 5.49
N GLU B 60 29.29 58.11 4.17
CA GLU B 60 30.00 59.08 3.36
C GLU B 60 29.13 60.30 3.03
N GLU B 61 27.81 60.14 3.18
CA GLU B 61 26.86 61.24 2.95
C GLU B 61 26.60 62.03 4.24
N HIS B 62 26.58 61.33 5.36
CA HIS B 62 26.43 62.00 6.66
C HIS B 62 27.62 61.66 7.60
N PRO B 63 28.66 62.51 7.60
CA PRO B 63 29.96 62.21 8.24
C PRO B 63 29.81 61.87 9.73
N LEU B 64 30.58 60.89 10.19
CA LEU B 64 30.48 60.38 11.55
C LEU B 64 31.73 60.62 12.42
N HIS B 65 31.92 61.88 12.80
CA HIS B 65 32.88 62.29 13.80
C HIS B 65 32.41 61.87 15.18
N GLY B 66 33.35 61.42 16.00
CA GLY B 66 33.04 60.93 17.35
C GLY B 66 33.92 59.76 17.78
N GLY B 67 34.11 59.65 19.09
CA GLY B 67 35.00 58.66 19.68
C GLY B 67 34.28 57.49 20.30
N THR B 68 32.94 57.57 20.37
CA THR B 68 32.15 56.44 20.88
C THR B 68 31.07 55.98 19.92
N GLY B 69 30.83 54.68 19.89
CA GLY B 69 29.71 54.14 19.14
C GLY B 69 29.62 52.64 19.21
N ILE B 70 28.49 52.12 18.75
CA ILE B 70 28.21 50.70 18.68
C ILE B 70 27.61 50.47 17.29
N ALA B 71 27.51 49.21 16.87
CA ALA B 71 27.08 48.85 15.52
C ALA B 71 26.50 47.43 15.51
N HIS B 72 26.03 46.99 14.34
CA HIS B 72 25.37 45.70 14.19
C HIS B 72 25.23 45.34 12.73
N THR B 73 25.18 44.04 12.46
CA THR B 73 24.95 43.48 11.14
C THR B 73 24.00 42.30 11.31
N ARG B 74 22.95 42.27 10.50
CA ARG B 74 21.79 41.43 10.78
C ARG B 74 21.45 40.37 9.74
N TRP B 75 20.86 39.28 10.22
CA TRP B 75 20.31 38.27 9.38
C TRP B 75 18.93 38.01 9.96
N ALA B 76 17.88 38.36 9.23
CA ALA B 76 16.54 38.30 9.83
C ALA B 76 15.78 37.02 9.47
N THR B 77 14.94 36.59 10.40
CA THR B 77 14.31 35.27 10.42
C THR B 77 12.82 35.30 10.04
N HIS B 78 12.01 35.95 10.87
CA HIS B 78 10.58 36.08 10.58
C HIS B 78 10.31 37.39 9.85
N GLY B 79 9.29 37.37 8.99
CA GLY B 79 8.84 38.55 8.24
C GLY B 79 9.80 39.13 7.22
N GLU B 80 9.25 39.93 6.29
CA GLU B 80 10.06 40.67 5.31
C GLU B 80 10.81 41.83 6.00
N PRO B 81 12.11 41.63 6.23
CA PRO B 81 12.97 42.60 6.93
C PRO B 81 12.79 44.04 6.49
N SER B 82 12.86 44.96 7.46
CA SER B 82 12.59 46.39 7.24
C SER B 82 13.73 47.25 7.80
N GLU B 83 13.74 48.52 7.43
CA GLU B 83 14.74 49.44 7.97
C GLU B 83 14.28 49.93 9.34
N VAL B 84 13.03 49.58 9.69
CA VAL B 84 12.47 49.84 11.01
C VAL B 84 12.96 48.84 12.09
N ASN B 85 13.38 47.65 11.67
CA ASN B 85 13.87 46.59 12.60
C ASN B 85 15.37 46.54 12.80
N ALA B 86 16.11 47.31 12.00
CA ALA B 86 17.56 47.37 12.10
C ALA B 86 18.05 47.98 13.43
N HIS B 87 19.29 47.62 13.78
CA HIS B 87 19.98 47.95 15.00
C HIS B 87 20.87 49.12 14.71
N PRO B 88 21.25 49.90 15.76
CA PRO B 88 20.78 49.83 17.14
C PRO B 88 19.33 50.34 17.30
N HIS B 89 18.68 49.89 18.38
CA HIS B 89 17.36 50.41 18.76
C HIS B 89 17.48 51.42 19.93
N VAL B 90 16.79 52.54 19.78
CA VAL B 90 16.95 53.67 20.69
C VAL B 90 15.71 53.91 21.57
N SER B 91 15.96 54.35 22.81
CA SER B 91 14.90 54.75 23.73
C SER B 91 15.32 56.09 24.26
N GLU B 92 15.25 57.11 23.40
CA GLU B 92 15.62 58.48 23.78
C GLU B 92 17.13 58.58 23.70
N HIS B 93 17.76 58.78 24.86
CA HIS B 93 19.23 58.85 25.00
C HIS B 93 19.95 57.50 24.90
N ILE B 94 19.21 56.42 25.20
CA ILE B 94 19.71 55.04 25.24
C ILE B 94 19.81 54.35 23.86
N VAL B 95 21.01 54.01 23.40
CA VAL B 95 21.17 53.18 22.18
C VAL B 95 21.66 51.77 22.53
N VAL B 96 21.06 50.76 21.88
CA VAL B 96 21.27 49.33 22.22
C VAL B 96 21.47 48.49 20.97
N VAL B 97 22.49 47.60 21.01
CA VAL B 97 22.61 46.49 20.02
C VAL B 97 22.54 45.14 20.73
N HIS B 98 22.02 44.11 20.06
CA HIS B 98 21.93 42.76 20.67
C HIS B 98 22.09 41.55 19.72
N ASN B 99 22.63 40.45 20.23
CA ASN B 99 22.47 39.12 19.60
C ASN B 99 21.81 38.18 20.60
N GLY B 100 21.07 37.22 20.08
CA GLY B 100 20.37 36.27 20.92
C GLY B 100 18.87 36.44 20.88
N ILE B 101 18.17 35.57 21.61
CA ILE B 101 16.71 35.60 21.78
C ILE B 101 16.33 36.35 23.09
N ILE B 102 15.10 36.85 23.17
CA ILE B 102 14.55 37.37 24.42
C ILE B 102 13.31 36.57 24.78
N GLU B 103 13.52 35.55 25.62
CA GLU B 103 12.47 34.55 25.91
C GLU B 103 11.34 35.10 26.80
N ASN B 104 11.55 36.28 27.37
CA ASN B 104 10.53 36.95 28.19
C ASN B 104 10.02 38.22 27.49
N HIS B 105 9.83 38.14 26.16
CA HIS B 105 9.45 39.30 25.35
C HIS B 105 7.98 39.67 25.41
N GLU B 106 7.13 38.66 25.37
CA GLU B 106 5.68 38.85 25.39
C GLU B 106 5.12 39.11 26.77
N PRO B 107 5.99 39.40 27.73
CA PRO B 107 5.57 39.76 29.08
C PRO B 107 6.12 41.12 29.45
N LEU B 108 7.35 41.39 29.01
CA LEU B 108 8.04 42.65 29.25
C LEU B 108 7.66 43.78 28.30
N ARG B 109 6.94 43.46 27.23
CA ARG B 109 6.50 44.47 26.26
C ARG B 109 5.25 45.19 26.78
N GLU B 110 4.27 44.41 27.25
CA GLU B 110 3.00 44.93 27.75
C GLU B 110 3.17 45.73 29.02
N GLU B 111 4.11 45.31 29.87
CA GLU B 111 4.41 46.00 31.13
C GLU B 111 5.07 47.37 30.92
N LEU B 112 6.12 47.39 30.09
CA LEU B 112 6.84 48.63 29.76
C LEU B 112 6.08 49.56 28.79
N LYS B 113 5.21 48.97 27.96
CA LYS B 113 4.39 49.72 27.01
C LYS B 113 3.26 50.43 27.73
N ALA B 114 2.44 49.65 28.44
CA ALA B 114 1.44 50.19 29.36
C ALA B 114 2.13 50.73 30.60
N ARG B 115 3.10 51.62 30.37
CA ARG B 115 3.90 52.22 31.42
C ARG B 115 4.62 53.45 30.92
N GLY B 116 4.42 53.76 29.64
CA GLY B 116 4.95 54.98 29.03
C GLY B 116 5.44 54.79 27.62
N TYR B 117 6.36 53.85 27.45
CA TYR B 117 7.10 53.66 26.20
C TYR B 117 6.27 53.33 24.97
N THR B 118 6.76 53.78 23.82
CA THR B 118 6.24 53.39 22.52
C THR B 118 7.36 52.76 21.68
N PHE B 119 7.17 51.51 21.25
CA PHE B 119 8.13 50.87 20.35
C PHE B 119 7.87 51.38 18.94
N VAL B 120 8.93 51.48 18.13
CA VAL B 120 8.79 51.73 16.69
C VAL B 120 8.95 50.42 15.90
N SER B 121 9.07 49.32 16.64
CA SER B 121 9.39 48.01 16.08
C SER B 121 8.91 46.88 16.97
N GLU B 122 9.10 45.65 16.48
CA GLU B 122 8.87 44.42 17.25
C GLU B 122 10.19 43.75 17.72
N THR B 123 11.30 44.46 17.56
CA THR B 123 12.65 43.94 17.84
C THR B 123 12.89 43.48 19.29
N ASP B 124 13.85 42.58 19.48
CA ASP B 124 14.41 42.28 20.80
C ASP B 124 15.14 43.49 21.38
N THR B 125 15.76 44.29 20.50
CA THR B 125 16.61 45.42 20.91
C THR B 125 15.85 46.59 21.53
N GLU B 126 14.66 46.86 21.01
CA GLU B 126 13.82 47.94 21.52
C GLU B 126 13.43 47.71 22.97
N VAL B 127 13.04 46.47 23.30
CA VAL B 127 12.58 46.14 24.66
C VAL B 127 13.66 46.36 25.73
N ILE B 128 14.92 45.99 25.44
CA ILE B 128 16.05 46.30 26.35
C ILE B 128 16.22 47.83 26.55
N ALA B 129 16.18 48.57 25.43
CA ALA B 129 16.36 50.03 25.42
C ALA B 129 15.35 50.84 26.27
N HIS B 130 14.07 50.50 26.16
CA HIS B 130 13.00 51.11 26.94
C HIS B 130 13.01 50.60 28.37
N LEU B 131 13.79 49.54 28.65
CA LEU B 131 14.01 49.09 30.03
C LEU B 131 15.22 49.75 30.70
N VAL B 132 16.32 49.88 29.96
CA VAL B 132 17.47 50.66 30.43
C VAL B 132 16.99 52.09 30.72
N ASN B 133 16.34 52.69 29.73
CA ASN B 133 15.70 54.00 29.86
C ASN B 133 14.88 54.19 31.15
N TRP B 134 14.01 53.22 31.44
CA TRP B 134 13.20 53.23 32.67
C TRP B 134 13.93 52.70 33.92
N GLU B 135 15.27 52.54 33.83
CA GLU B 135 16.13 52.25 35.00
C GLU B 135 17.21 53.32 35.25
N LEU B 136 17.38 54.22 34.27
CA LEU B 136 18.08 55.48 34.47
C LEU B 136 17.03 56.60 34.59
N LYS B 137 15.77 56.24 34.33
CA LYS B 137 14.60 57.08 34.60
C LYS B 137 14.12 56.75 36.00
N GLN B 138 14.26 55.48 36.38
CA GLN B 138 14.26 55.07 37.79
C GLN B 138 15.33 55.87 38.50
N GLY B 139 16.53 55.89 37.92
CA GLY B 139 17.54 56.91 38.24
C GLY B 139 18.71 56.54 39.12
N GLY B 140 19.82 56.13 38.49
CA GLY B 140 21.09 55.87 39.18
C GLY B 140 22.26 56.10 38.24
N THR B 141 23.24 55.19 38.29
CA THR B 141 24.40 55.21 37.37
C THR B 141 24.13 54.33 36.15
N LEU B 142 24.80 54.61 35.03
CA LEU B 142 24.59 53.87 33.77
C LEU B 142 24.75 52.35 33.90
N ARG B 143 25.57 51.93 34.88
CA ARG B 143 25.90 50.52 35.14
C ARG B 143 24.96 49.85 36.17
N GLU B 144 24.52 50.62 37.17
CA GLU B 144 23.59 50.11 38.19
C GLU B 144 22.18 49.82 37.63
N ALA B 145 21.78 50.57 36.60
CA ALA B 145 20.49 50.40 35.95
C ALA B 145 20.55 49.12 35.15
N VAL B 146 21.65 48.97 34.42
CA VAL B 146 21.94 47.75 33.66
C VAL B 146 22.01 46.53 34.59
N LEU B 147 22.61 46.69 35.77
CA LEU B 147 22.72 45.61 36.75
C LEU B 147 21.42 45.15 37.40
N ARG B 148 20.33 45.87 37.14
CA ARG B 148 18.98 45.50 37.62
C ARG B 148 18.01 45.17 36.46
N ALA B 149 18.35 45.65 35.27
CA ALA B 149 17.60 45.35 34.03
C ALA B 149 17.87 43.92 33.55
N ILE B 150 19.05 43.39 33.86
CA ILE B 150 19.42 42.03 33.47
C ILE B 150 18.82 41.00 34.43
N PRO B 151 18.85 41.28 35.73
CA PRO B 151 18.29 40.39 36.74
C PRO B 151 16.89 39.86 36.46
N GLN B 152 16.10 40.64 35.70
CA GLN B 152 14.69 40.31 35.41
C GLN B 152 14.42 40.05 33.92
N LEU B 153 15.47 39.78 33.15
CA LEU B 153 15.35 39.39 31.73
C LEU B 153 15.39 37.86 31.55
N ARG B 154 14.76 37.36 30.48
CA ARG B 154 14.77 35.94 30.17
C ARG B 154 15.45 35.61 28.86
N GLY B 155 16.13 34.46 28.81
CA GLY B 155 16.68 33.89 27.56
C GLY B 155 18.20 33.85 27.40
N ALA B 156 18.65 33.61 26.17
CA ALA B 156 20.09 33.62 25.83
C ALA B 156 20.52 34.79 24.91
N TYR B 157 21.08 35.84 25.51
CA TYR B 157 21.38 37.09 24.78
C TYR B 157 22.74 37.75 25.11
N GLY B 158 23.23 38.54 24.16
CA GLY B 158 24.39 39.40 24.34
C GLY B 158 24.12 40.82 23.84
N THR B 159 24.34 41.82 24.69
CA THR B 159 23.89 43.19 24.40
C THR B 159 24.85 44.32 24.85
N VAL B 160 25.09 45.29 23.96
CA VAL B 160 25.86 46.50 24.28
C VAL B 160 24.95 47.71 24.34
N ILE B 161 25.12 48.53 25.41
CA ILE B 161 24.20 49.61 25.77
C ILE B 161 24.92 50.94 25.99
N MET B 162 24.45 51.99 25.30
CA MET B 162 25.13 53.30 25.27
C MET B 162 24.21 54.53 25.47
N ASP B 163 24.59 55.43 26.40
CA ASP B 163 23.86 56.68 26.64
C ASP B 163 24.64 57.88 26.06
N SER B 164 24.10 58.50 25.00
CA SER B 164 24.69 59.71 24.35
C SER B 164 24.92 60.98 25.23
N ARG B 165 24.65 60.88 26.54
CA ARG B 165 24.75 62.05 27.45
C ARG B 165 25.91 61.93 28.44
N HIS B 166 26.34 60.69 28.66
CA HIS B 166 27.64 60.39 29.24
C HIS B 166 28.28 59.34 28.31
N PRO B 167 28.86 59.82 27.17
CA PRO B 167 29.43 59.04 26.06
C PRO B 167 30.83 58.50 26.30
N ASP B 168 31.37 58.73 27.49
CA ASP B 168 32.75 58.34 27.79
C ASP B 168 32.90 56.95 28.50
N THR B 169 31.57 56.18 28.24
CA THR B 169 31.35 54.93 28.97
C THR B 169 30.35 54.01 28.23
N LEU B 170 30.69 52.73 28.14
CA LEU B 170 29.81 51.71 27.55
C LEU B 170 29.42 50.64 28.54
N LEU B 171 28.25 50.06 28.37
CA LEU B 171 27.90 48.88 29.12
C LEU B 171 27.69 47.73 28.15
N ALA B 172 28.19 46.56 28.54
CA ALA B 172 27.97 45.34 27.77
C ALA B 172 27.61 44.21 28.72
N ALA B 173 26.86 43.23 28.23
CA ALA B 173 26.50 42.06 29.04
C ALA B 173 26.30 40.80 28.22
N ARG B 174 26.75 39.69 28.77
CA ARG B 174 26.69 38.41 28.10
C ARG B 174 26.05 37.36 29.03
N SER B 175 24.78 37.04 28.75
CA SER B 175 24.06 35.98 29.46
C SER B 175 23.43 34.99 28.47
N GLY B 176 24.21 34.60 27.44
CA GLY B 176 23.76 33.61 26.44
C GLY B 176 24.42 33.57 25.06
N SER B 177 25.02 34.67 24.62
CA SER B 177 25.69 34.78 23.30
C SER B 177 27.09 35.42 23.42
N PRO B 178 28.07 34.95 22.61
CA PRO B 178 29.47 35.42 22.73
C PRO B 178 29.65 36.96 22.75
N LEU B 179 30.40 37.46 23.74
CA LEU B 179 30.87 38.86 23.78
C LEU B 179 32.34 38.90 24.20
N VAL B 180 33.14 39.71 23.50
CA VAL B 180 34.59 39.87 23.78
C VAL B 180 35.09 41.33 23.78
N ILE B 181 35.75 41.76 24.86
CA ILE B 181 36.36 43.09 24.89
C ILE B 181 37.74 43.05 24.25
N GLY B 182 38.02 44.02 23.37
CA GLY B 182 39.36 44.16 22.78
C GLY B 182 40.11 45.34 23.40
N LEU B 183 41.27 45.04 24.01
CA LEU B 183 42.09 46.03 24.70
C LEU B 183 43.01 46.89 23.82
N GLY B 184 42.80 48.20 23.85
CA GLY B 184 43.72 49.15 23.24
C GLY B 184 44.52 49.91 24.29
N MET B 185 45.57 50.61 23.85
CA MET B 185 46.24 51.56 24.70
C MET B 185 45.40 52.84 24.68
N GLY B 186 44.68 53.12 25.77
CA GLY B 186 43.86 54.35 25.87
C GLY B 186 42.63 54.30 24.99
N GLU B 187 42.23 53.09 24.60
CA GLU B 187 40.95 52.81 23.93
C GLU B 187 40.58 51.37 24.21
N ASN B 188 39.29 51.05 24.10
CA ASN B 188 38.80 49.70 24.39
C ASN B 188 37.70 49.35 23.44
N PHE B 189 37.81 48.20 22.77
CA PHE B 189 36.80 47.79 21.80
C PHE B 189 35.99 46.63 22.32
N ILE B 190 34.93 46.29 21.59
CA ILE B 190 34.08 45.18 21.97
C ILE B 190 33.39 44.64 20.73
N ALA B 191 33.16 43.33 20.73
CA ALA B 191 32.55 42.60 19.62
C ALA B 191 31.98 41.26 20.10
N SER B 192 31.17 40.62 19.28
CA SER B 192 30.57 39.35 19.63
C SER B 192 31.51 38.23 19.21
N ASP B 193 32.44 38.56 18.32
CA ASP B 193 33.54 37.69 17.88
C ASP B 193 34.81 38.52 17.66
N GLN B 194 35.96 37.96 18.03
CA GLN B 194 37.23 38.68 18.01
C GLN B 194 37.69 39.15 16.62
N LEU B 195 37.25 38.43 15.59
CA LEU B 195 37.50 38.77 14.19
C LEU B 195 37.23 40.24 13.81
N ALA B 196 36.28 40.90 14.48
CA ALA B 196 35.92 42.30 14.17
C ALA B 196 37.04 43.30 14.49
N LEU B 197 37.85 42.96 15.50
CA LEU B 197 38.77 43.90 16.12
C LEU B 197 40.22 43.70 15.68
N LEU B 198 40.49 42.66 14.90
CA LEU B 198 41.87 42.33 14.52
C LEU B 198 42.63 43.47 13.82
N PRO B 199 41.92 44.36 13.11
CA PRO B 199 42.64 45.51 12.57
C PRO B 199 43.23 46.52 13.56
N VAL B 200 42.72 46.58 14.79
CA VAL B 200 43.15 47.59 15.77
C VAL B 200 43.91 46.99 16.96
N THR B 201 43.74 45.70 17.19
CA THR B 201 44.33 45.05 18.35
C THR B 201 44.39 43.53 18.17
N ARG B 202 45.26 42.90 18.98
CA ARG B 202 45.29 41.46 19.10
C ARG B 202 45.12 41.05 20.58
N ARG B 203 44.89 42.00 21.50
CA ARG B 203 44.72 41.66 22.93
C ARG B 203 43.24 41.65 23.39
N PHE B 204 42.78 40.52 23.92
CA PHE B 204 41.35 40.37 24.25
C PHE B 204 41.02 39.86 25.65
N ILE B 205 39.90 40.34 26.21
CA ILE B 205 39.24 39.72 27.37
C ILE B 205 37.96 38.98 26.93
N PHE B 206 37.92 37.67 27.16
CA PHE B 206 36.76 36.83 26.83
C PHE B 206 35.76 36.71 27.98
N LEU B 207 34.58 37.30 27.81
CA LEU B 207 33.62 37.44 28.91
C LEU B 207 32.89 36.14 29.24
N GLU B 208 32.57 35.94 30.51
CA GLU B 208 31.93 34.68 30.95
C GLU B 208 30.41 34.80 31.09
N GLU B 209 29.76 33.70 31.48
CA GLU B 209 28.30 33.59 31.51
C GLU B 209 27.62 34.24 32.70
N GLY B 210 27.11 35.45 32.48
CA GLY B 210 26.48 36.24 33.53
C GLY B 210 27.34 37.44 33.85
N ASP B 211 28.08 37.91 32.84
CA ASP B 211 29.04 39.00 32.99
C ASP B 211 28.54 40.29 32.37
N ILE B 212 28.70 41.38 33.13
CA ILE B 212 28.45 42.74 32.68
C ILE B 212 29.71 43.57 32.83
N ALA B 213 30.07 44.28 31.76
CA ALA B 213 31.30 45.05 31.71
C ALA B 213 31.10 46.54 31.39
N GLU B 214 31.54 47.40 32.31
CA GLU B 214 31.68 48.84 32.07
C GLU B 214 33.05 49.09 31.41
N ILE B 215 33.01 49.69 30.23
CA ILE B 215 34.19 49.81 29.39
C ILE B 215 34.44 51.27 29.02
N THR B 216 35.50 51.85 29.56
CA THR B 216 35.88 53.23 29.26
C THR B 216 37.03 53.30 28.23
N ARG B 217 37.25 54.49 27.68
CA ARG B 217 38.50 54.84 26.96
C ARG B 217 39.78 54.33 27.69
N ARG B 218 39.78 54.40 29.03
CA ARG B 218 40.99 54.11 29.82
C ARG B 218 40.77 53.06 30.92
N SER B 219 39.98 52.02 30.66
CA SER B 219 39.84 50.89 31.61
C SER B 219 38.67 49.96 31.31
N VAL B 220 38.66 48.81 31.99
CA VAL B 220 37.57 47.85 31.95
C VAL B 220 37.34 47.33 33.38
N ASN B 221 36.09 47.33 33.83
CA ASN B 221 35.71 46.68 35.09
C ASN B 221 34.46 45.82 34.85
N ILE B 222 34.62 44.50 34.91
CA ILE B 222 33.50 43.57 34.70
C ILE B 222 32.90 43.10 36.03
N PHE B 223 31.57 42.99 36.07
CA PHE B 223 30.84 42.69 37.32
C PHE B 223 30.28 41.28 37.37
N ASP B 224 30.17 40.73 38.58
CA ASP B 224 29.78 39.33 38.79
C ASP B 224 28.31 39.02 38.54
N LYS B 225 27.86 37.87 39.04
CA LYS B 225 26.45 37.48 38.98
C LYS B 225 25.61 38.41 39.84
N THR B 226 26.14 38.78 41.01
CA THR B 226 25.58 39.86 41.83
C THR B 226 26.27 41.15 41.42
N GLY B 227 26.38 42.10 42.34
CA GLY B 227 27.01 43.38 42.04
C GLY B 227 28.51 43.34 41.80
N ALA B 228 29.24 42.75 42.75
CA ALA B 228 30.71 42.83 42.83
C ALA B 228 31.50 42.47 41.59
N GLU B 229 32.55 43.23 41.31
CA GLU B 229 33.42 43.01 40.17
C GLU B 229 34.24 41.73 40.28
N VAL B 230 34.88 41.33 39.17
CA VAL B 230 35.71 40.11 39.13
C VAL B 230 36.86 40.17 38.15
N LYS B 231 37.86 39.32 38.36
CA LYS B 231 39.04 39.31 37.50
C LYS B 231 38.87 38.49 36.23
N ARG B 232 39.10 39.12 35.06
CA ARG B 232 39.09 38.43 33.76
C ARG B 232 40.43 38.59 33.00
N GLN B 233 41.38 37.69 33.26
CA GLN B 233 42.73 37.74 32.67
C GLN B 233 42.65 37.89 31.15
N ASP B 234 43.35 38.88 30.59
CA ASP B 234 43.36 39.05 29.14
C ASP B 234 44.39 38.15 28.50
N ILE B 235 43.91 37.30 27.61
CA ILE B 235 44.77 36.40 26.87
C ILE B 235 45.21 37.15 25.62
N GLU B 236 46.25 36.66 24.97
CA GLU B 236 46.79 37.30 23.77
C GLU B 236 45.64 37.20 22.75
N SER B 237 45.70 36.26 21.82
CA SER B 237 44.76 36.19 20.68
C SER B 237 44.73 34.76 20.18
N ASN B 238 43.75 34.02 20.68
CA ASN B 238 43.46 32.66 20.24
C ASN B 238 43.08 32.72 18.75
N LEU B 239 44.02 32.40 17.84
CA LEU B 239 43.89 32.53 16.35
C LEU B 239 44.84 33.59 15.80
N GLN B 240 45.24 33.47 14.52
CA GLN B 240 46.25 34.38 13.97
C GLN B 240 46.22 34.56 12.44
N TYR B 241 47.00 33.73 11.74
CA TYR B 241 47.35 33.88 10.32
C TYR B 241 47.06 35.29 9.75
N ASP B 242 45.93 35.40 9.06
CA ASP B 242 45.38 36.66 8.53
C ASP B 242 43.86 36.45 8.50
N ALA B 243 43.30 36.11 9.66
CA ALA B 243 41.91 35.67 9.80
C ALA B 243 40.85 36.72 9.39
N GLY B 244 40.41 36.64 8.14
CA GLY B 244 39.48 37.60 7.58
C GLY B 244 40.00 38.20 6.29
N ASP B 245 41.29 38.01 6.02
CA ASP B 245 41.89 38.46 4.76
C ASP B 245 41.74 37.35 3.74
N LYS B 246 41.43 37.70 2.50
CA LYS B 246 41.30 36.73 1.43
C LYS B 246 42.67 36.40 0.86
N GLY B 247 43.62 37.33 1.04
CA GLY B 247 44.98 37.16 0.54
C GLY B 247 45.00 37.13 -0.99
N ILE B 248 45.62 36.11 -1.55
CA ILE B 248 45.75 36.00 -3.00
C ILE B 248 44.46 35.56 -3.68
N TYR B 249 43.49 35.11 -2.88
CA TYR B 249 42.28 34.47 -3.41
C TYR B 249 41.18 35.46 -3.80
N ARG B 250 40.27 35.02 -4.67
CA ARG B 250 39.12 35.84 -5.08
C ARG B 250 37.96 35.71 -4.09
N HIS B 251 37.93 34.59 -3.36
CA HIS B 251 36.83 34.21 -2.45
C HIS B 251 37.34 33.50 -1.23
N TYR B 252 36.66 33.73 -0.10
CA TYR B 252 36.93 33.01 1.16
C TYR B 252 36.74 31.49 1.06
N MET B 253 35.67 31.05 0.37
CA MET B 253 35.43 29.60 0.19
C MET B 253 36.55 28.98 -0.65
N GLN B 254 36.96 29.71 -1.70
CA GLN B 254 38.08 29.28 -2.53
C GLN B 254 39.31 29.11 -1.68
N LYS B 255 39.67 30.18 -0.94
CA LYS B 255 40.75 30.15 0.02
C LYS B 255 40.61 28.95 0.92
N GLU B 256 39.42 28.69 1.41
CA GLU B 256 39.20 27.65 2.41
C GLU B 256 39.26 26.25 1.83
N ILE B 257 38.95 26.13 0.53
CA ILE B 257 39.09 24.87 -0.20
C ILE B 257 40.56 24.55 -0.35
N TYR B 258 41.32 25.48 -0.94
CA TYR B 258 42.77 25.31 -1.13
C TYR B 258 43.62 25.20 0.16
N GLU B 259 43.08 25.63 1.29
CA GLU B 259 43.81 25.51 2.58
C GLU B 259 43.67 24.10 3.19
N GLN B 260 42.81 23.26 2.62
CA GLN B 260 42.56 21.92 3.18
C GLN B 260 43.78 21.03 3.47
N PRO B 261 44.79 20.98 2.56
CA PRO B 261 45.95 20.18 2.96
C PRO B 261 46.64 20.74 4.22
N ASN B 262 46.87 22.05 4.26
CA ASN B 262 47.46 22.64 5.46
C ASN B 262 46.56 22.52 6.72
N ALA B 263 45.24 22.61 6.54
CA ALA B 263 44.28 22.52 7.64
C ALA B 263 44.25 21.15 8.33
N ILE B 264 44.23 20.08 7.53
CA ILE B 264 44.33 18.72 8.02
C ILE B 264 45.69 18.39 8.67
N LYS B 265 46.79 18.84 8.09
CA LYS B 265 48.09 18.77 8.79
C LYS B 265 47.97 19.23 10.23
N ASN B 266 47.30 20.37 10.44
CA ASN B 266 47.13 20.94 11.79
C ASN B 266 46.14 20.16 12.68
N THR B 267 45.12 19.58 12.07
CA THR B 267 44.23 18.63 12.74
C THR B 267 45.04 17.42 13.23
N LEU B 268 46.04 17.00 12.44
CA LEU B 268 46.83 15.80 12.74
C LEU B 268 48.01 16.08 13.68
N THR B 269 48.43 17.36 13.71
CA THR B 269 49.53 17.84 14.56
C THR B 269 49.42 17.32 16.00
N GLY B 270 50.53 16.73 16.47
CA GLY B 270 50.59 16.14 17.80
C GLY B 270 49.59 15.05 18.08
N ARG B 271 49.00 14.47 17.04
CA ARG B 271 48.02 13.38 17.23
C ARG B 271 48.41 12.04 16.58
N ILE B 272 49.50 12.04 15.82
CA ILE B 272 50.01 10.84 15.19
C ILE B 272 51.37 10.53 15.78
N SER B 273 51.53 9.34 16.34
CA SER B 273 52.79 8.99 16.98
C SER B 273 53.11 7.51 16.86
N HIS B 274 54.23 7.20 16.22
CA HIS B 274 54.68 5.82 15.95
C HIS B 274 53.54 4.91 15.43
N GLY B 275 52.89 5.34 14.34
CA GLY B 275 51.83 4.57 13.68
C GLY B 275 50.51 4.38 14.42
N GLN B 276 50.29 5.18 15.47
CA GLN B 276 49.10 5.08 16.31
C GLN B 276 48.48 6.48 16.56
N VAL B 277 47.18 6.51 16.82
CA VAL B 277 46.46 7.74 17.17
C VAL B 277 46.73 8.17 18.64
N ASP B 278 46.92 9.48 18.84
CA ASP B 278 47.29 10.03 20.15
C ASP B 278 46.27 11.10 20.58
N LEU B 279 45.26 10.69 21.33
CA LEU B 279 44.24 11.61 21.82
C LEU B 279 44.33 11.84 23.35
N SER B 280 45.56 11.78 23.89
CA SER B 280 45.83 11.99 25.32
C SER B 280 45.34 13.38 25.78
N GLU B 281 45.12 14.25 24.81
CA GLU B 281 44.59 15.59 25.05
C GLU B 281 43.25 15.58 25.78
N LEU B 282 42.43 14.56 25.51
CA LEU B 282 41.17 14.33 26.21
C LEU B 282 41.32 14.05 27.71
N GLY B 283 42.53 13.67 28.13
CA GLY B 283 42.85 13.43 29.54
C GLY B 283 42.84 11.97 29.98
N PRO B 284 43.22 11.72 31.26
CA PRO B 284 43.14 10.37 31.84
C PRO B 284 41.68 9.89 31.86
N ASN B 285 40.88 10.50 32.73
CA ASN B 285 39.44 10.27 32.86
C ASN B 285 38.60 10.25 31.59
N ALA B 286 39.28 10.27 30.43
CA ALA B 286 38.62 10.18 29.13
C ALA B 286 38.46 8.74 28.66
N ASP B 287 39.52 7.94 28.85
CA ASP B 287 39.52 6.51 28.53
C ASP B 287 38.50 5.73 29.38
N GLU B 288 38.37 6.12 30.65
CA GLU B 288 37.36 5.58 31.55
C GLU B 288 36.02 5.40 30.84
N LEU B 289 35.42 6.52 30.43
CA LEU B 289 34.08 6.54 29.82
C LEU B 289 34.03 5.87 28.44
N LEU B 290 34.88 6.34 27.51
CA LEU B 290 34.90 5.83 26.13
C LEU B 290 35.01 4.31 26.06
N SER B 291 35.73 3.74 27.02
CA SER B 291 35.91 2.28 27.12
C SER B 291 34.60 1.53 27.41
N LYS B 292 33.62 2.22 28.00
CA LYS B 292 32.33 1.63 28.33
C LYS B 292 31.25 1.86 27.26
N VAL B 293 31.54 2.69 26.26
CA VAL B 293 30.58 3.07 25.20
C VAL B 293 30.02 1.85 24.45
N GLU B 294 28.71 1.83 24.19
CA GLU B 294 28.06 0.65 23.59
C GLU B 294 27.19 1.01 22.40
N HIS B 295 26.92 2.30 22.28
CA HIS B 295 26.11 2.87 21.22
C HIS B 295 26.60 4.29 21.10
N ILE B 296 26.51 4.86 19.90
CA ILE B 296 26.89 6.25 19.68
C ILE B 296 25.74 6.96 19.03
N GLN B 297 25.53 8.20 19.45
CA GLN B 297 24.54 9.07 18.87
C GLN B 297 25.22 10.33 18.36
N ILE B 298 25.16 10.57 17.07
CA ILE B 298 25.72 11.80 16.52
C ILE B 298 24.60 12.80 16.24
N LEU B 299 24.77 14.05 16.71
CA LEU B 299 23.85 15.15 16.44
C LEU B 299 24.56 16.32 15.80
N ALA B 300 24.01 16.81 14.71
CA ALA B 300 24.57 17.95 13.98
C ALA B 300 23.54 18.41 12.96
N CYS B 301 23.84 19.48 12.23
CA CYS B 301 22.94 19.97 11.22
C CYS B 301 23.75 20.26 9.96
N GLY B 302 23.07 20.21 8.80
CA GLY B 302 23.67 20.56 7.50
C GLY B 302 24.90 19.74 7.15
N THR B 303 25.98 20.42 6.76
CA THR B 303 27.24 19.83 6.33
C THR B 303 27.85 19.04 7.48
N SER B 304 27.72 19.58 8.69
CA SER B 304 28.18 18.84 9.84
C SER B 304 27.43 17.54 10.08
N TYR B 305 26.21 17.43 9.57
CA TYR B 305 25.42 16.21 9.70
C TYR B 305 25.89 15.18 8.69
N ASN B 306 26.29 15.65 7.51
CA ASN B 306 26.81 14.84 6.43
C ASN B 306 28.12 14.20 6.81
N SER B 307 28.94 14.92 7.58
CA SER B 307 30.18 14.34 8.02
C SER B 307 29.89 13.21 9.03
N GLY B 308 28.94 13.46 9.94
CA GLY B 308 28.48 12.44 10.89
C GLY B 308 27.98 11.20 10.17
N MET B 309 27.33 11.43 9.04
CA MET B 309 26.75 10.38 8.22
C MET B 309 27.80 9.46 7.60
N VAL B 310 28.85 10.05 7.03
CA VAL B 310 30.04 9.36 6.57
C VAL B 310 30.62 8.47 7.67
N SER B 311 30.82 9.05 8.85
CA SER B 311 31.50 8.37 9.95
C SER B 311 30.70 7.19 10.51
N ARG B 312 29.40 7.21 10.27
CA ARG B 312 28.57 6.09 10.68
C ARG B 312 29.06 4.78 10.03
N TYR B 313 29.44 4.85 8.77
CA TYR B 313 30.03 3.69 8.09
C TYR B 313 31.30 3.25 8.78
N TRP B 314 32.13 4.21 9.17
CA TRP B 314 33.35 3.94 9.87
C TRP B 314 33.17 3.32 11.22
N PHE B 315 32.28 3.87 12.03
CA PHE B 315 32.13 3.39 13.41
C PHE B 315 31.59 2.00 13.47
N GLU B 316 30.70 1.66 12.53
CA GLU B 316 30.13 0.31 12.51
C GLU B 316 31.07 -0.70 11.88
N SER B 317 31.72 -0.32 10.77
CA SER B 317 32.52 -1.30 10.02
C SER B 317 33.91 -1.49 10.61
N LEU B 318 34.50 -0.42 11.13
CA LEU B 318 35.86 -0.49 11.64
C LEU B 318 35.93 -0.69 13.16
N ALA B 319 35.21 0.13 13.93
CA ALA B 319 35.20 -0.02 15.39
C ALA B 319 34.10 -0.99 15.87
N GLY B 320 33.17 -1.32 14.96
CA GLY B 320 32.10 -2.28 15.25
C GLY B 320 31.15 -1.88 16.36
N ILE B 321 30.97 -0.56 16.52
CA ILE B 321 30.10 0.02 17.53
C ILE B 321 28.83 0.54 16.83
N PRO B 322 27.63 0.18 17.37
CA PRO B 322 26.34 0.71 16.89
C PRO B 322 26.30 2.24 16.88
N CYS B 323 25.90 2.82 15.75
CA CYS B 323 25.98 4.28 15.58
C CYS B 323 24.77 4.80 14.82
N ASP B 324 24.09 5.80 15.39
CA ASP B 324 23.04 6.48 14.63
C ASP B 324 23.42 7.95 14.45
N VAL B 325 22.84 8.59 13.45
CA VAL B 325 23.06 10.00 13.16
C VAL B 325 21.69 10.63 12.93
N GLU B 326 21.50 11.84 13.44
CA GLU B 326 20.21 12.51 13.28
C GLU B 326 20.40 14.02 13.29
N ILE B 327 19.68 14.71 12.39
CA ILE B 327 19.72 16.15 12.36
C ILE B 327 19.10 16.68 13.69
N ALA B 328 19.76 17.65 14.31
CA ALA B 328 19.37 18.11 15.64
C ALA B 328 17.94 18.69 15.74
N SER B 329 17.47 19.33 14.66
CA SER B 329 16.14 19.94 14.59
C SER B 329 15.04 18.94 14.98
N GLU B 330 15.23 17.68 14.60
CA GLU B 330 14.31 16.60 14.92
C GLU B 330 14.52 15.86 16.25
N PHE B 331 15.79 15.63 16.60
CA PHE B 331 16.13 14.95 17.85
C PHE B 331 15.70 15.74 19.07
N ARG B 332 15.86 17.06 18.98
CA ARG B 332 15.68 17.88 20.18
C ARG B 332 14.23 17.86 20.65
N TYR B 333 13.32 17.39 19.77
CA TYR B 333 11.89 17.40 20.04
C TYR B 333 11.17 16.05 19.96
N ARG B 334 11.88 14.94 19.80
CA ARG B 334 11.18 13.66 19.93
C ARG B 334 11.48 12.96 21.27
N LYS B 335 10.50 12.19 21.75
CA LYS B 335 10.72 11.35 22.92
C LYS B 335 11.49 10.15 22.40
N SER B 336 12.76 10.09 22.74
CA SER B 336 13.65 9.13 22.12
C SER B 336 13.94 7.98 23.08
N ALA B 337 14.23 6.80 22.52
CA ALA B 337 14.61 5.66 23.34
C ALA B 337 16.12 5.69 23.54
N VAL B 338 16.56 5.84 24.79
CA VAL B 338 17.98 5.87 25.09
C VAL B 338 18.59 4.48 25.06
N ARG B 339 19.60 4.29 24.21
CA ARG B 339 20.40 3.05 24.20
C ARG B 339 21.41 3.06 25.36
N ARG B 340 21.27 2.09 26.27
CA ARG B 340 22.18 1.91 27.41
C ARG B 340 23.66 2.05 27.08
N ASN B 341 24.35 2.90 27.84
CA ASN B 341 25.77 3.22 27.63
C ASN B 341 26.05 3.90 26.29
N SER B 342 25.37 5.03 26.08
CA SER B 342 25.42 5.73 24.81
C SER B 342 26.25 7.01 24.91
N LEU B 343 27.12 7.23 23.93
CA LEU B 343 27.86 8.47 23.81
C LEU B 343 27.14 9.45 22.86
N MET B 344 27.08 10.70 23.28
CA MET B 344 26.49 11.77 22.49
C MET B 344 27.62 12.57 21.85
N ILE B 345 27.72 12.50 20.52
CA ILE B 345 28.74 13.27 19.79
C ILE B 345 28.10 14.41 19.02
N THR B 346 28.59 15.62 19.24
CA THR B 346 28.16 16.74 18.42
C THR B 346 29.27 17.14 17.47
N LEU B 347 28.86 17.48 16.26
CA LEU B 347 29.77 18.03 15.26
C LEU B 347 29.26 19.40 14.89
N SER B 348 30.12 20.41 15.02
CA SER B 348 29.74 21.77 14.67
C SER B 348 30.98 22.57 14.43
N GLN B 349 31.04 23.28 13.31
CA GLN B 349 32.19 24.14 13.03
C GLN B 349 32.26 25.25 14.10
N SER B 350 31.14 25.96 14.33
CA SER B 350 31.12 27.12 15.23
C SER B 350 30.87 26.79 16.69
N GLY B 351 30.33 25.61 17.00
CA GLY B 351 30.07 25.21 18.38
C GLY B 351 28.91 25.91 19.08
N GLU B 352 28.10 26.64 18.31
CA GLU B 352 26.93 27.35 18.89
C GLU B 352 25.60 27.15 18.13
N THR B 353 25.63 26.40 17.02
CA THR B 353 24.42 26.06 16.27
C THR B 353 23.37 25.67 17.29
N ALA B 354 22.25 26.41 17.24
CA ALA B 354 21.27 26.44 18.32
C ALA B 354 20.54 25.11 18.44
N ASP B 355 20.29 24.46 17.31
CA ASP B 355 19.66 23.15 17.36
C ASP B 355 20.60 22.03 17.89
N THR B 356 21.86 22.01 17.44
CA THR B 356 22.85 21.09 18.04
C THR B 356 22.99 21.34 19.54
N LEU B 357 23.16 22.61 19.92
CA LEU B 357 23.33 23.01 21.32
C LEU B 357 22.15 22.58 22.18
N ALA B 358 20.95 22.64 21.58
CA ALA B 358 19.73 22.19 22.24
C ALA B 358 19.76 20.69 22.43
N GLY B 359 20.26 19.99 21.42
CA GLY B 359 20.43 18.54 21.46
C GLY B 359 21.33 18.08 22.60
N LEU B 360 22.52 18.67 22.69
CA LEU B 360 23.49 18.26 23.72
C LEU B 360 22.83 18.29 25.09
N ARG B 361 22.13 19.40 25.34
CA ARG B 361 21.44 19.64 26.59
C ARG B 361 20.44 18.55 26.97
N LEU B 362 19.58 18.15 26.02
CA LEU B 362 18.62 17.09 26.29
C LEU B 362 19.38 15.81 26.65
N SER B 363 20.49 15.56 25.96
CA SER B 363 21.42 14.47 26.28
C SER B 363 21.67 14.32 27.77
N LYS B 364 21.99 15.44 28.43
CA LYS B 364 22.20 15.48 29.89
C LYS B 364 20.95 15.05 30.65
N GLU B 365 19.79 15.54 30.22
CA GLU B 365 18.51 15.24 30.86
C GLU B 365 18.03 13.81 30.70
N LEU B 366 18.32 13.20 29.54
CA LEU B 366 17.80 11.86 29.16
C LEU B 366 18.72 10.69 29.55
N GLY B 367 19.80 11.00 30.26
CA GLY B 367 20.68 9.99 30.84
C GLY B 367 21.55 9.17 29.89
N TYR B 368 22.24 9.84 28.97
CA TYR B 368 23.30 9.21 28.19
C TYR B 368 24.56 9.08 29.06
N LEU B 369 25.49 8.25 28.61
CA LEU B 369 26.76 8.00 29.32
C LEU B 369 27.59 9.28 29.51
N GLY B 370 27.67 10.09 28.46
CA GLY B 370 28.46 11.31 28.42
C GLY B 370 28.45 11.93 27.03
N SER B 371 29.32 12.92 26.82
CA SER B 371 29.30 13.70 25.57
C SER B 371 30.69 14.13 25.11
N LEU B 372 30.91 14.00 23.80
CA LEU B 372 32.10 14.57 23.19
C LEU B 372 31.63 15.64 22.22
N ALA B 373 32.43 16.68 22.06
CA ALA B 373 32.15 17.70 21.06
C ALA B 373 33.29 17.76 20.05
N ILE B 374 32.95 17.79 18.75
CA ILE B 374 33.95 17.98 17.70
C ILE B 374 33.76 19.33 17.00
N CYS B 375 34.68 20.24 17.28
CA CYS B 375 34.46 21.66 17.03
C CYS B 375 35.60 22.42 16.37
N ASN B 376 35.30 23.47 15.61
CA ASN B 376 36.38 24.34 15.10
C ASN B 376 36.69 25.63 15.89
N VAL B 377 35.91 25.91 16.94
CA VAL B 377 36.03 27.16 17.68
C VAL B 377 36.23 26.84 19.15
N PRO B 378 37.48 27.06 19.67
CA PRO B 378 37.79 26.94 21.09
C PRO B 378 36.92 27.85 21.94
N GLY B 379 36.48 27.34 23.09
CA GLY B 379 35.65 28.12 24.02
C GLY B 379 34.23 28.41 23.53
N SER B 380 33.83 27.83 22.40
CA SER B 380 32.45 27.93 21.92
C SER B 380 31.52 27.16 22.84
N SER B 381 30.23 27.40 22.69
CA SER B 381 29.28 26.88 23.66
C SER B 381 29.28 25.35 23.76
N LEU B 382 29.31 24.65 22.61
CA LEU B 382 29.34 23.18 22.60
C LEU B 382 30.60 22.62 23.25
N VAL B 383 31.75 23.23 22.97
CA VAL B 383 33.02 22.85 23.58
C VAL B 383 32.93 22.83 25.10
N ARG B 384 32.41 23.91 25.71
CA ARG B 384 32.43 23.99 27.18
C ARG B 384 31.33 23.21 27.92
N GLU B 385 30.27 22.83 27.22
CA GLU B 385 29.16 22.08 27.86
C GLU B 385 29.22 20.54 27.73
N SER B 386 30.19 20.06 26.98
CA SER B 386 30.34 18.64 26.73
C SER B 386 31.42 18.06 27.64
N ASP B 387 31.35 16.76 27.91
CA ASP B 387 32.32 16.14 28.81
C ASP B 387 33.73 16.15 28.21
N LEU B 388 33.84 16.06 26.89
CA LEU B 388 35.13 15.95 26.20
C LEU B 388 35.08 16.73 24.89
N ALA B 389 36.19 17.33 24.47
CA ALA B 389 36.21 18.07 23.19
C ALA B 389 37.48 17.87 22.38
N LEU B 390 37.29 17.71 21.08
CA LEU B 390 38.38 17.45 20.17
C LEU B 390 38.31 18.50 19.09
N MET B 391 39.21 19.47 19.15
CA MET B 391 39.24 20.57 18.17
C MET B 391 39.71 20.14 16.78
N THR B 392 39.11 20.73 15.75
CA THR B 392 39.51 20.44 14.39
C THR B 392 40.67 21.32 13.88
N ASN B 393 40.95 22.43 14.54
CA ASN B 393 42.07 23.32 14.14
C ASN B 393 42.14 23.60 12.64
N ALA B 394 40.98 23.83 12.01
CA ALA B 394 40.96 24.19 10.60
C ALA B 394 41.23 25.68 10.42
N GLY B 395 41.20 26.43 11.53
CA GLY B 395 41.32 27.90 11.54
C GLY B 395 39.97 28.51 11.18
N THR B 396 39.88 29.85 11.31
CA THR B 396 38.71 30.63 10.94
C THR B 396 38.14 30.26 9.58
N GLU B 397 36.85 29.93 9.54
CA GLU B 397 36.16 29.68 8.29
C GLU B 397 35.12 30.80 8.02
N ILE B 398 35.34 31.59 6.96
CA ILE B 398 34.46 32.73 6.65
C ILE B 398 33.35 32.33 5.68
N GLY B 399 33.72 31.62 4.60
CA GLY B 399 32.76 31.12 3.62
C GLY B 399 31.51 30.61 4.32
N VAL B 400 30.34 31.04 3.84
CA VAL B 400 29.07 30.63 4.45
C VAL B 400 28.88 29.11 4.33
N ALA B 401 29.18 28.56 3.16
CA ALA B 401 29.20 27.09 2.97
C ALA B 401 30.47 26.44 3.52
N SER B 402 30.30 25.53 4.49
CA SER B 402 31.47 24.84 5.13
C SER B 402 32.21 23.95 4.13
N THR B 403 33.54 24.02 4.15
CA THR B 403 34.40 23.18 3.28
C THR B 403 35.50 22.50 4.13
N LYS B 404 36.53 23.27 4.49
CA LYS B 404 37.61 22.81 5.37
C LYS B 404 37.11 22.27 6.72
N ALA B 405 36.00 22.80 7.19
CA ALA B 405 35.34 22.35 8.43
C ALA B 405 34.86 20.89 8.35
N PHE B 406 34.40 20.52 7.15
CA PHE B 406 33.81 19.21 6.89
C PHE B 406 34.96 18.19 6.83
N THR B 407 35.85 18.46 5.90
CA THR B 407 37.07 17.73 5.69
C THR B 407 37.94 17.52 6.96
N THR B 408 38.08 18.54 7.80
CA THR B 408 38.80 18.34 9.08
C THR B 408 37.92 17.62 10.10
N GLN B 409 36.61 17.77 9.97
CA GLN B 409 35.67 17.01 10.80
C GLN B 409 35.87 15.51 10.61
N LEU B 410 35.92 15.07 9.35
CA LEU B 410 36.11 13.66 8.97
C LEU B 410 37.45 13.11 9.47
N THR B 411 38.48 13.96 9.40
CA THR B 411 39.81 13.60 9.86
C THR B 411 39.78 13.27 11.33
N VAL B 412 39.09 14.08 12.12
CA VAL B 412 38.96 13.82 13.56
C VAL B 412 38.09 12.60 13.84
N LEU B 413 37.00 12.46 13.09
CA LEU B 413 36.12 11.32 13.26
C LEU B 413 36.89 9.99 13.08
N LEU B 414 37.72 9.93 12.05
CA LEU B 414 38.57 8.79 11.77
C LEU B 414 39.51 8.50 12.95
N MET B 415 40.19 9.52 13.45
CA MET B 415 41.06 9.28 14.59
C MET B 415 40.27 8.73 15.75
N LEU B 416 39.09 9.27 15.98
CA LEU B 416 38.22 8.77 17.04
C LEU B 416 37.79 7.31 16.84
N VAL B 417 37.41 6.96 15.61
CA VAL B 417 37.21 5.56 15.22
C VAL B 417 38.46 4.71 15.61
N ALA B 418 39.63 5.08 15.07
CA ALA B 418 40.88 4.39 15.36
C ALA B 418 41.10 4.14 16.85
N LYS B 419 40.92 5.17 17.66
CA LYS B 419 41.14 5.08 19.11
C LYS B 419 40.12 4.19 19.81
N LEU B 420 38.87 4.24 19.37
CA LEU B 420 37.85 3.38 19.97
C LEU B 420 38.06 1.87 19.68
N SER B 421 38.55 1.56 18.48
CA SER B 421 38.89 0.20 18.11
C SER B 421 40.09 -0.31 18.94
N LYS B 422 41.05 0.58 19.23
CA LYS B 422 42.11 0.28 20.20
C LYS B 422 41.50 0.14 21.60
N LEU B 423 40.70 1.12 22.03
CA LEU B 423 40.15 1.10 23.41
C LEU B 423 39.17 -0.06 23.57
N LYS B 424 38.64 -0.56 22.44
CA LYS B 424 37.91 -1.84 22.41
C LYS B 424 38.91 -2.98 22.65
N GLY B 425 39.17 -3.84 21.67
CA GLY B 425 40.21 -4.85 21.85
C GLY B 425 40.59 -5.52 20.56
N LEU B 426 40.51 -4.76 19.48
CA LEU B 426 40.48 -5.30 18.11
C LEU B 426 41.81 -5.31 17.40
N ASP B 427 41.83 -5.96 16.24
CA ASP B 427 43.02 -6.06 15.39
C ASP B 427 43.69 -4.70 15.21
N ALA B 428 44.96 -4.67 15.60
CA ALA B 428 45.84 -3.52 15.44
C ALA B 428 45.91 -3.07 13.97
N SER B 429 45.56 -3.98 13.06
CA SER B 429 45.44 -3.67 11.63
C SER B 429 44.62 -2.39 11.38
N ILE B 430 43.49 -2.27 12.09
CA ILE B 430 42.54 -1.16 11.88
C ILE B 430 43.13 0.24 12.18
N GLU B 431 43.70 0.40 13.37
CA GLU B 431 44.35 1.66 13.73
C GLU B 431 45.47 1.97 12.72
N HIS B 432 46.19 0.93 12.31
CA HIS B 432 47.29 1.05 11.38
C HIS B 432 46.85 1.53 10.04
N ASP B 433 45.89 0.83 9.46
CA ASP B 433 45.31 1.25 8.18
C ASP B 433 44.83 2.70 8.24
N ILE B 434 44.13 3.05 9.33
CA ILE B 434 43.55 4.40 9.43
C ILE B 434 44.66 5.41 9.50
N VAL B 435 45.63 5.13 10.38
CA VAL B 435 46.76 6.04 10.60
C VAL B 435 47.54 6.28 9.31
N HIS B 436 47.79 5.19 8.58
CA HIS B 436 48.45 5.23 7.29
C HIS B 436 47.65 6.05 6.31
N GLY B 437 46.33 5.89 6.30
CA GLY B 437 45.49 6.71 5.43
C GLY B 437 45.63 8.17 5.83
N LEU B 438 45.51 8.40 7.13
CA LEU B 438 45.55 9.76 7.65
C LEU B 438 46.87 10.46 7.33
N GLN B 439 47.98 9.73 7.42
CA GLN B 439 49.32 10.27 7.14
C GLN B 439 49.54 10.71 5.69
N ALA B 440 48.85 10.05 4.77
CA ALA B 440 48.93 10.38 3.35
C ALA B 440 47.93 11.47 2.95
N LEU B 441 46.83 11.57 3.71
CA LEU B 441 45.71 12.50 3.40
C LEU B 441 46.10 13.92 2.88
N PRO B 442 46.97 14.65 3.63
CA PRO B 442 47.44 15.97 3.21
C PRO B 442 48.04 16.02 1.81
N SER B 443 49.02 15.14 1.54
CA SER B 443 49.64 15.04 0.22
C SER B 443 48.63 14.65 -0.86
N ARG B 444 47.56 13.95 -0.49
CA ARG B 444 46.53 13.48 -1.44
C ARG B 444 45.59 14.57 -1.88
N ILE B 445 45.10 15.35 -0.92
CA ILE B 445 44.27 16.53 -1.20
C ILE B 445 45.08 17.55 -2.02
N GLU B 446 46.37 17.65 -1.75
CA GLU B 446 47.25 18.45 -2.58
C GLU B 446 47.28 18.01 -4.05
N GLN B 447 47.29 16.68 -4.28
CA GLN B 447 47.30 16.13 -5.65
C GLN B 447 45.94 16.38 -6.26
N MET B 448 44.91 16.15 -5.44
CA MET B 448 43.53 16.35 -5.86
C MET B 448 43.24 17.78 -6.28
N LEU B 449 43.88 18.74 -5.62
CA LEU B 449 43.61 20.14 -5.87
C LEU B 449 44.28 20.62 -7.15
N SER B 450 45.21 19.83 -7.69
CA SER B 450 45.85 20.22 -8.95
C SER B 450 45.05 19.68 -10.13
N GLN B 451 43.95 18.99 -9.82
CA GLN B 451 42.94 18.58 -10.81
C GLN B 451 41.99 19.73 -11.16
N ASP B 452 42.21 20.90 -10.54
CA ASP B 452 41.24 21.99 -10.62
C ASP B 452 40.99 22.55 -12.03
N LYS B 453 41.96 22.40 -12.94
CA LYS B 453 41.82 22.87 -14.33
C LYS B 453 40.69 22.15 -15.07
N ARG B 454 40.65 20.82 -14.94
CA ARG B 454 39.64 19.98 -15.61
C ARG B 454 38.22 20.18 -15.05
N ILE B 455 38.11 20.35 -13.73
CA ILE B 455 36.81 20.62 -13.09
C ILE B 455 36.21 21.98 -13.48
N GLU B 456 37.05 23.00 -13.67
CA GLU B 456 36.60 24.35 -14.04
C GLU B 456 35.97 24.36 -15.43
N ALA B 457 36.71 23.81 -16.40
CA ALA B 457 36.26 23.67 -17.80
C ALA B 457 34.91 22.96 -17.95
N LEU B 458 34.63 22.05 -17.04
CA LEU B 458 33.43 21.21 -17.09
C LEU B 458 32.22 21.98 -16.58
N ALA B 459 32.46 22.96 -15.71
CA ALA B 459 31.38 23.66 -15.03
C ALA B 459 30.58 24.50 -15.99
N GLU B 460 31.18 24.79 -17.14
CA GLU B 460 30.52 25.55 -18.18
C GLU B 460 29.24 24.85 -18.63
N ASP B 461 29.31 23.51 -18.74
CA ASP B 461 28.17 22.71 -19.15
C ASP B 461 26.95 23.02 -18.27
N PHE B 462 27.20 23.59 -17.09
CA PHE B 462 26.12 23.80 -16.11
C PHE B 462 25.40 25.16 -16.19
N SER B 463 25.90 26.06 -17.05
CA SER B 463 25.33 27.40 -17.18
C SER B 463 23.84 27.38 -17.46
N ASP B 464 23.40 26.44 -18.31
CA ASP B 464 21.99 26.30 -18.68
C ASP B 464 21.20 25.32 -17.78
N LYS B 465 21.84 24.76 -16.76
CA LYS B 465 21.19 23.72 -15.97
C LYS B 465 20.44 24.27 -14.75
N HIS B 466 19.35 23.60 -14.37
CA HIS B 466 18.59 24.03 -13.20
C HIS B 466 18.38 22.93 -12.19
N HIS B 467 18.62 21.70 -12.63
CA HIS B 467 18.64 20.54 -11.74
C HIS B 467 19.99 19.87 -11.80
N ALA B 468 20.29 19.03 -10.81
CA ALA B 468 21.41 18.08 -10.88
C ALA B 468 21.11 16.98 -9.89
N LEU B 469 21.56 15.76 -10.22
CA LEU B 469 21.52 14.64 -9.27
C LEU B 469 22.91 14.22 -8.83
N PHE B 470 23.08 13.87 -7.56
CA PHE B 470 24.33 13.34 -7.06
C PHE B 470 24.08 11.93 -6.58
N LEU B 471 24.95 11.01 -6.96
CA LEU B 471 24.85 9.63 -6.53
C LEU B 471 26.14 9.17 -5.84
N GLY B 472 25.94 8.39 -4.79
CA GLY B 472 27.01 7.58 -4.19
C GLY B 472 26.45 6.31 -3.58
N ARG B 473 27.35 5.43 -3.18
CA ARG B 473 26.99 4.24 -2.44
C ARG B 473 27.97 4.05 -1.29
N GLY B 474 27.52 3.34 -0.27
CA GLY B 474 28.34 3.07 0.90
C GLY B 474 28.66 4.40 1.52
N ASP B 475 29.91 4.55 1.90
CA ASP B 475 30.37 5.73 2.62
C ASP B 475 30.57 6.92 1.67
N GLN B 476 30.25 6.72 0.39
CA GLN B 476 30.32 7.84 -0.57
C GLN B 476 28.92 8.45 -0.78
N TYR B 477 27.91 7.75 -0.27
CA TYR B 477 26.57 8.31 -0.35
C TYR B 477 26.54 9.68 0.37
N PRO B 478 27.03 9.74 1.63
CA PRO B 478 27.07 11.05 2.28
C PRO B 478 27.97 12.08 1.62
N ILE B 479 28.87 11.63 0.76
CA ILE B 479 29.73 12.56 0.03
C ILE B 479 28.91 13.18 -1.10
N ALA B 480 28.03 12.38 -1.68
CA ALA B 480 27.07 12.86 -2.67
C ALA B 480 26.10 13.85 -1.99
N LEU B 481 25.57 13.48 -0.81
CA LEU B 481 24.74 14.42 -0.01
C LEU B 481 25.42 15.74 0.17
N GLU B 482 26.69 15.72 0.57
CA GLU B 482 27.42 16.94 0.83
C GLU B 482 27.63 17.75 -0.45
N GLY B 483 27.97 17.07 -1.52
CA GLY B 483 28.17 17.69 -2.82
C GLY B 483 26.92 18.35 -3.39
N ALA B 484 25.74 17.71 -3.29
CA ALA B 484 24.47 18.29 -3.67
C ALA B 484 24.21 19.55 -2.83
N LEU B 485 24.44 19.45 -1.53
CA LEU B 485 24.25 20.57 -0.63
C LEU B 485 25.03 21.79 -1.08
N LYS B 486 26.31 21.58 -1.37
CA LYS B 486 27.20 22.65 -1.80
C LYS B 486 26.63 23.34 -3.02
N LEU B 487 26.37 22.56 -4.07
CA LEU B 487 25.96 23.10 -5.34
C LEU B 487 24.67 23.90 -5.22
N LYS B 488 23.68 23.36 -4.50
CA LYS B 488 22.37 23.98 -4.36
C LYS B 488 22.48 25.25 -3.51
N GLU B 489 23.28 25.21 -2.44
CA GLU B 489 23.47 26.35 -1.54
C GLU B 489 24.15 27.54 -2.21
N ILE B 490 25.12 27.29 -3.09
CA ILE B 490 25.87 28.41 -3.67
C ILE B 490 25.65 28.73 -5.15
N SER B 491 25.12 27.79 -5.96
CA SER B 491 24.79 28.11 -7.34
C SER B 491 23.27 28.18 -7.57
N TYR B 492 22.52 27.79 -6.54
CA TYR B 492 21.01 27.69 -6.58
C TYR B 492 20.39 26.66 -7.56
N ILE B 493 21.25 25.92 -8.28
CA ILE B 493 20.84 24.77 -9.07
C ILE B 493 20.16 23.77 -8.15
N HIS B 494 19.01 23.23 -8.56
CA HIS B 494 18.30 22.30 -7.68
C HIS B 494 19.01 20.97 -7.67
N ALA B 495 19.99 20.83 -6.80
CA ALA B 495 20.82 19.63 -6.75
C ALA B 495 20.28 18.70 -5.70
N GLU B 496 20.03 17.45 -6.07
CA GLU B 496 19.54 16.49 -5.07
C GLU B 496 20.42 15.22 -5.02
N ALA B 497 20.65 14.68 -3.83
CA ALA B 497 21.47 13.49 -3.69
C ALA B 497 20.66 12.23 -3.40
N TYR B 498 21.13 11.11 -3.93
CA TYR B 498 20.54 9.82 -3.68
C TYR B 498 21.66 8.81 -3.50
N ALA B 499 21.43 7.83 -2.63
CA ALA B 499 22.22 6.63 -2.66
C ALA B 499 21.83 5.96 -3.98
N ALA B 500 22.82 5.52 -4.75
CA ALA B 500 22.54 4.98 -6.08
C ALA B 500 21.44 3.91 -6.10
N GLY B 501 21.35 3.09 -5.07
CA GLY B 501 20.29 2.08 -4.99
C GLY B 501 18.83 2.51 -4.93
N GLU B 502 18.54 3.78 -4.60
CA GLU B 502 17.11 4.17 -4.50
C GLU B 502 16.46 4.56 -5.81
N LEU B 503 17.26 4.75 -6.87
CA LEU B 503 16.73 5.30 -8.12
C LEU B 503 15.55 4.55 -8.76
N LYS B 504 15.64 3.24 -8.82
CA LYS B 504 14.59 2.52 -9.53
C LYS B 504 13.32 2.46 -8.68
N HIS B 505 13.34 3.04 -7.50
CA HIS B 505 12.13 3.02 -6.64
C HIS B 505 11.24 4.24 -6.81
N GLY B 506 11.46 4.95 -7.91
CA GLY B 506 10.74 6.21 -8.12
C GLY B 506 11.56 7.34 -8.72
N PRO B 507 12.66 7.77 -8.05
CA PRO B 507 13.45 8.92 -8.52
C PRO B 507 13.97 8.89 -9.95
N LEU B 508 14.27 7.73 -10.48
CA LEU B 508 14.74 7.67 -11.85
C LEU B 508 13.79 8.32 -12.89
N ALA B 509 12.49 8.47 -12.57
CA ALA B 509 11.55 9.13 -13.52
C ALA B 509 12.01 10.56 -13.84
N LEU B 510 12.82 11.13 -12.96
CA LEU B 510 13.36 12.50 -13.11
C LEU B 510 14.39 12.56 -14.20
N ILE B 511 14.91 11.43 -14.63
CA ILE B 511 15.95 11.42 -15.65
C ILE B 511 15.40 11.74 -17.05
N ASP B 512 16.06 12.66 -17.74
CA ASP B 512 15.81 12.96 -19.16
C ASP B 512 17.08 13.59 -19.71
N ALA B 513 17.10 13.91 -21.00
CA ALA B 513 18.31 14.38 -21.68
C ALA B 513 18.93 15.66 -21.08
N ASP B 514 18.21 16.30 -20.15
CA ASP B 514 18.62 17.58 -19.54
C ASP B 514 19.18 17.46 -18.12
N MET B 515 19.06 16.29 -17.53
CA MET B 515 19.49 16.10 -16.15
C MET B 515 20.95 15.65 -16.11
N PRO B 516 21.85 16.47 -15.56
CA PRO B 516 23.21 16.05 -15.29
C PRO B 516 23.23 15.25 -14.01
N VAL B 517 24.10 14.25 -13.98
CA VAL B 517 24.19 13.36 -12.84
C VAL B 517 25.68 13.25 -12.46
N ILE B 518 26.02 13.71 -11.26
CA ILE B 518 27.36 13.58 -10.70
C ILE B 518 27.44 12.35 -9.82
N VAL B 519 28.52 11.59 -10.00
CA VAL B 519 28.73 10.33 -9.30
C VAL B 519 30.15 10.23 -8.79
N VAL B 520 30.30 9.89 -7.52
CA VAL B 520 31.62 9.60 -6.97
C VAL B 520 31.86 8.09 -7.02
N ALA B 521 33.01 7.71 -7.54
CA ALA B 521 33.23 6.33 -7.85
C ALA B 521 34.68 5.88 -7.62
N PRO B 522 35.04 5.62 -6.34
CA PRO B 522 36.34 5.03 -6.11
C PRO B 522 36.35 3.55 -6.50
N ASN B 523 37.55 3.02 -6.69
CA ASN B 523 37.77 1.61 -6.95
C ASN B 523 37.70 0.80 -5.66
N ASN B 524 36.47 0.42 -5.27
CA ASN B 524 36.27 -0.45 -4.10
C ASN B 524 35.30 -1.58 -4.44
N GLU B 525 34.94 -2.38 -3.44
CA GLU B 525 34.03 -3.53 -3.60
C GLU B 525 32.60 -3.13 -4.07
N LEU B 526 32.29 -1.83 -4.14
CA LEU B 526 30.96 -1.38 -4.59
C LEU B 526 30.96 -0.87 -6.03
N LEU B 527 32.15 -0.78 -6.63
CA LEU B 527 32.29 -0.23 -7.98
C LEU B 527 31.38 -0.90 -9.03
N GLU B 528 31.24 -2.22 -8.99
CA GLU B 528 30.42 -2.87 -10.03
C GLU B 528 28.94 -2.62 -9.85
N LYS B 529 28.49 -2.61 -8.60
CA LYS B 529 27.11 -2.24 -8.22
C LYS B 529 26.82 -0.82 -8.71
N LEU B 530 27.75 0.09 -8.45
CA LEU B 530 27.66 1.46 -8.89
C LEU B 530 27.61 1.64 -10.42
N LYS B 531 28.47 0.97 -11.17
CA LYS B 531 28.44 1.02 -12.64
C LYS B 531 27.10 0.58 -13.20
N SER B 532 26.46 -0.28 -12.49
CA SER B 532 25.24 -0.75 -13.01
C SER B 532 24.14 0.31 -12.77
N ASN B 533 24.22 1.04 -11.66
CA ASN B 533 23.37 2.22 -11.47
C ASN B 533 23.72 3.34 -12.46
N ILE B 534 25.00 3.51 -12.73
CA ILE B 534 25.39 4.50 -13.73
C ILE B 534 24.71 4.19 -15.06
N GLU B 535 24.80 2.94 -15.49
CA GLU B 535 24.19 2.54 -16.73
C GLU B 535 22.64 2.73 -16.81
N GLU B 536 21.93 2.59 -15.71
CA GLU B 536 20.48 2.79 -15.71
C GLU B 536 20.15 4.28 -15.92
N VAL B 537 20.92 5.16 -15.32
CA VAL B 537 20.79 6.60 -15.55
C VAL B 537 21.06 6.89 -17.01
N ARG B 538 22.22 6.47 -17.50
CA ARG B 538 22.65 6.73 -18.87
C ARG B 538 21.64 6.15 -19.87
N ALA B 539 20.97 5.05 -19.51
CA ALA B 539 20.07 4.37 -20.47
C ALA B 539 18.88 5.26 -20.78
N ARG B 540 18.52 6.11 -19.83
CA ARG B 540 17.36 7.02 -19.94
C ARG B 540 17.71 8.45 -20.38
N GLY B 541 18.92 8.71 -20.87
CA GLY B 541 19.31 10.07 -21.34
C GLY B 541 20.13 10.98 -20.42
N GLY B 542 20.36 10.53 -19.19
CA GLY B 542 21.10 11.33 -18.22
C GLY B 542 22.43 11.78 -18.80
N GLN B 543 22.91 12.94 -18.34
CA GLN B 543 24.24 13.42 -18.74
C GLN B 543 25.23 13.21 -17.59
N LEU B 544 26.13 12.23 -17.75
CA LEU B 544 26.96 11.78 -16.60
C LEU B 544 28.33 12.44 -16.39
N TYR B 545 28.58 12.80 -15.13
CA TYR B 545 29.87 13.32 -14.69
C TYR B 545 30.38 12.43 -13.58
N VAL B 546 31.36 11.57 -13.91
CA VAL B 546 31.78 10.50 -13.00
C VAL B 546 33.17 10.83 -12.48
N PHE B 547 33.30 10.98 -11.16
CA PHE B 547 34.62 11.10 -10.56
C PHE B 547 35.03 9.72 -10.19
N ALA B 548 35.94 9.21 -11.01
CA ALA B 548 36.28 7.82 -10.98
C ALA B 548 37.76 7.66 -10.77
N ASP B 549 38.12 6.68 -9.94
CA ASP B 549 39.47 6.19 -9.90
C ASP B 549 40.00 5.97 -11.31
N GLN B 550 41.27 6.31 -11.51
CA GLN B 550 41.99 6.12 -12.76
C GLN B 550 41.85 4.73 -13.35
N ASP B 551 41.69 3.73 -12.48
CA ASP B 551 41.58 2.33 -12.90
C ASP B 551 40.18 1.72 -12.76
N ALA B 552 39.14 2.53 -12.71
CA ALA B 552 37.78 2.01 -12.61
C ALA B 552 37.31 1.44 -13.95
N GLY B 553 38.04 1.76 -15.01
CA GLY B 553 37.74 1.22 -16.34
C GLY B 553 36.58 1.89 -17.06
N PHE B 554 36.21 3.09 -16.62
CA PHE B 554 35.20 3.90 -17.28
C PHE B 554 35.60 4.38 -18.68
N VAL B 555 34.65 4.39 -19.62
CA VAL B 555 34.95 4.90 -20.95
C VAL B 555 34.07 6.13 -21.24
N SER B 556 34.74 7.25 -21.47
CA SER B 556 34.05 8.50 -21.81
C SER B 556 33.36 8.44 -23.17
N SER B 557 32.33 9.29 -23.33
CA SER B 557 31.67 9.54 -24.61
C SER B 557 30.72 10.73 -24.44
N ASP B 558 29.94 11.01 -25.48
CA ASP B 558 28.98 12.13 -25.52
C ASP B 558 28.27 12.46 -24.19
N ASN B 559 27.76 11.44 -23.50
CA ASN B 559 27.03 11.70 -22.27
C ASN B 559 27.70 11.10 -21.02
N MET B 560 28.96 10.71 -21.16
CA MET B 560 29.71 10.10 -20.07
C MET B 560 31.06 10.80 -19.88
N HIS B 561 31.09 11.85 -19.05
CA HIS B 561 32.31 12.65 -18.87
C HIS B 561 33.05 12.09 -17.70
N ILE B 562 34.24 11.55 -17.97
CA ILE B 562 35.01 10.87 -16.92
C ILE B 562 36.17 11.73 -16.47
N ILE B 563 36.11 12.08 -15.19
CA ILE B 563 37.16 12.84 -14.52
C ILE B 563 38.04 11.86 -13.73
N GLU B 564 39.18 11.50 -14.34
CA GLU B 564 40.17 10.58 -13.74
C GLU B 564 40.69 11.02 -12.36
N MET B 565 40.34 10.26 -11.31
CA MET B 565 40.93 10.46 -9.98
C MET B 565 42.23 9.67 -9.75
N PRO B 566 43.18 10.26 -9.01
CA PRO B 566 44.35 9.50 -8.58
C PRO B 566 43.93 8.48 -7.52
N HIS B 567 44.77 7.45 -7.30
CA HIS B 567 44.45 6.41 -6.31
C HIS B 567 44.52 6.97 -4.94
N VAL B 568 43.72 6.44 -4.03
CA VAL B 568 43.73 6.91 -2.65
C VAL B 568 43.45 5.74 -1.72
N GLU B 569 43.98 5.77 -0.49
CA GLU B 569 43.63 4.73 0.48
C GLU B 569 42.14 4.77 0.71
N GLU B 570 41.53 3.58 0.74
CA GLU B 570 40.07 3.47 0.88
C GLU B 570 39.52 4.18 2.14
N VAL B 571 40.19 4.02 3.26
CA VAL B 571 39.71 4.62 4.49
C VAL B 571 39.52 6.15 4.38
N ILE B 572 40.41 6.83 3.66
CA ILE B 572 40.28 8.28 3.42
C ILE B 572 39.57 8.69 2.11
N ALA B 573 39.05 7.72 1.34
CA ALA B 573 38.46 8.02 0.02
C ALA B 573 37.28 9.02 0.08
N PRO B 574 36.40 8.90 1.10
CA PRO B 574 35.32 9.90 1.24
C PRO B 574 35.80 11.35 1.42
N ILE B 575 36.91 11.53 2.13
CA ILE B 575 37.47 12.87 2.36
C ILE B 575 38.08 13.38 1.06
N PHE B 576 38.77 12.48 0.36
CA PHE B 576 39.41 12.77 -0.90
C PHE B 576 38.36 13.09 -1.99
N TYR B 577 37.30 12.30 -2.07
CA TYR B 577 36.29 12.50 -3.11
C TYR B 577 35.38 13.69 -2.88
N THR B 578 35.42 14.28 -1.67
CA THR B 578 34.67 15.49 -1.35
C THR B 578 35.20 16.67 -2.13
N VAL B 579 36.52 16.76 -2.21
CA VAL B 579 37.18 17.93 -2.73
C VAL B 579 36.71 18.34 -4.11
N PRO B 580 36.71 17.40 -5.09
CA PRO B 580 36.27 17.76 -6.43
C PRO B 580 34.86 18.27 -6.50
N LEU B 581 34.01 17.81 -5.58
CA LEU B 581 32.63 18.30 -5.49
C LEU B 581 32.58 19.73 -4.92
N GLN B 582 33.50 20.02 -4.01
CA GLN B 582 33.66 21.37 -3.48
C GLN B 582 34.02 22.29 -4.62
N LEU B 583 35.01 21.87 -5.43
CA LEU B 583 35.45 22.64 -6.60
C LEU B 583 34.33 22.87 -7.63
N LEU B 584 33.55 21.83 -7.90
CA LEU B 584 32.47 21.94 -8.86
C LEU B 584 31.43 22.90 -8.37
N ALA B 585 31.08 22.79 -7.09
CA ALA B 585 30.13 23.72 -6.52
C ALA B 585 30.64 25.15 -6.71
N TYR B 586 31.95 25.34 -6.56
CA TYR B 586 32.58 26.67 -6.65
C TYR B 586 32.50 27.20 -8.07
N HIS B 587 32.93 26.39 -9.03
CA HIS B 587 33.01 26.86 -10.43
C HIS B 587 31.69 27.06 -11.12
N VAL B 588 30.71 26.22 -10.80
CA VAL B 588 29.33 26.42 -11.25
C VAL B 588 28.82 27.75 -10.66
N ALA B 589 28.98 27.95 -9.35
CA ALA B 589 28.67 29.24 -8.71
C ALA B 589 29.27 30.42 -9.46
N LEU B 590 30.52 30.28 -9.92
CA LEU B 590 31.17 31.32 -10.74
C LEU B 590 30.50 31.50 -12.11
N ILE B 591 30.27 30.40 -12.81
CA ILE B 591 29.62 30.45 -14.13
C ILE B 591 28.17 30.96 -14.01
N LYS B 592 27.50 30.66 -12.90
CA LYS B 592 26.15 31.15 -12.63
C LYS B 592 26.10 32.64 -12.22
N GLY B 593 27.26 33.22 -11.91
CA GLY B 593 27.37 34.61 -11.50
C GLY B 593 26.81 34.94 -10.12
N THR B 594 26.78 33.96 -9.23
CA THR B 594 26.17 34.12 -7.89
C THR B 594 27.20 34.47 -6.82
N ASP B 595 26.71 34.89 -5.66
CA ASP B 595 27.55 35.35 -4.53
C ASP B 595 28.09 34.19 -3.71
N VAL B 596 29.16 33.57 -4.23
CA VAL B 596 29.80 32.37 -3.63
C VAL B 596 29.91 32.40 -2.09
N ASP B 597 30.40 33.51 -1.54
CA ASP B 597 30.65 33.62 -0.10
C ASP B 597 29.42 34.00 0.74
N GLN B 598 28.43 34.66 0.15
CA GLN B 598 27.23 34.97 0.94
C GLN B 598 25.98 34.60 0.19
N PRO B 599 25.62 33.29 0.17
CA PRO B 599 24.49 32.92 -0.69
C PRO B 599 23.18 33.57 -0.24
N ARG B 600 22.30 33.84 -1.19
CA ARG B 600 21.05 34.54 -0.88
C ARG B 600 20.25 33.75 0.15
N ASN B 601 19.53 34.49 0.99
CA ASN B 601 18.59 33.91 1.95
C ASN B 601 19.25 33.40 3.20
N LEU B 602 20.57 33.37 3.22
CA LEU B 602 21.26 32.71 4.33
C LEU B 602 22.14 33.64 5.15
N ALA B 603 22.82 33.04 6.13
CA ALA B 603 23.94 33.63 6.86
C ALA B 603 24.80 32.43 7.33
N LYS B 604 26.05 32.65 7.75
CA LYS B 604 26.79 31.55 8.37
C LYS B 604 26.39 31.38 9.84
N SER B 605 26.03 30.14 10.20
CA SER B 605 25.83 29.71 11.61
C SER B 605 24.46 30.07 12.23
N VAL B 606 23.63 29.04 12.34
CA VAL B 606 22.28 29.16 12.86
C VAL B 606 22.39 29.14 14.37
N THR B 607 22.66 30.31 14.94
CA THR B 607 22.95 30.39 16.36
C THR B 607 21.72 30.73 17.21
N VAL B 608 20.58 30.92 16.54
CA VAL B 608 19.27 31.15 17.19
C VAL B 608 18.27 30.30 16.46
N GLU B 609 17.47 29.52 17.20
CA GLU B 609 16.66 28.46 16.56
C GLU B 609 15.89 28.87 15.31
N CYS C 2 9.53 -7.78 -14.58
CA CYS C 2 8.84 -8.24 -15.85
C CYS C 2 7.68 -9.27 -15.79
N GLY C 3 7.07 -9.59 -16.94
CA GLY C 3 5.89 -10.47 -16.96
C GLY C 3 6.02 -11.55 -18.04
N ILE C 4 5.64 -12.77 -17.71
CA ILE C 4 5.71 -13.96 -18.56
C ILE C 4 4.34 -14.50 -18.69
N VAL C 5 3.97 -14.90 -19.91
CA VAL C 5 2.73 -15.61 -20.18
C VAL C 5 3.00 -16.73 -21.17
N GLY C 6 2.32 -17.87 -21.01
CA GLY C 6 2.44 -18.98 -21.95
C GLY C 6 1.15 -19.78 -22.08
N ALA C 7 0.99 -20.51 -23.17
CA ALA C 7 -0.30 -21.09 -23.39
C ALA C 7 -0.15 -22.26 -24.32
N ILE C 8 -0.87 -23.33 -24.01
CA ILE C 8 -0.87 -24.49 -24.88
C ILE C 8 -2.28 -24.99 -25.07
N ALA C 9 -2.77 -24.84 -26.30
CA ALA C 9 -4.21 -24.98 -26.49
C ALA C 9 -4.57 -25.58 -27.82
N GLN C 10 -5.86 -25.69 -28.08
CA GLN C 10 -6.32 -26.15 -29.38
C GLN C 10 -7.03 -25.01 -30.15
N ARG C 11 -6.76 -23.79 -29.77
CA ARG C 11 -7.25 -22.61 -30.47
C ARG C 11 -6.04 -21.67 -30.55
N ASP C 12 -6.08 -20.68 -31.43
CA ASP C 12 -4.97 -19.73 -31.53
C ASP C 12 -4.81 -19.06 -30.18
N VAL C 13 -3.57 -18.82 -29.72
CA VAL C 13 -3.38 -18.25 -28.39
C VAL C 13 -2.77 -16.88 -28.39
N ALA C 14 -2.48 -16.31 -29.57
CA ALA C 14 -1.80 -15.00 -29.58
C ALA C 14 -2.60 -13.95 -28.78
N GLU C 15 -3.92 -13.89 -29.00
CA GLU C 15 -4.73 -12.88 -28.26
C GLU C 15 -4.72 -13.10 -26.78
N ILE C 16 -4.81 -14.36 -26.37
CA ILE C 16 -4.75 -14.68 -24.95
C ILE C 16 -3.39 -14.21 -24.39
N LEU C 17 -2.31 -14.51 -25.12
CA LEU C 17 -0.98 -14.08 -24.70
C LEU C 17 -0.89 -12.57 -24.58
N LEU C 18 -1.40 -11.84 -25.59
CA LEU C 18 -1.37 -10.38 -25.56
C LEU C 18 -2.16 -9.81 -24.38
N GLU C 19 -3.33 -10.38 -24.11
CA GLU C 19 -4.15 -9.84 -23.05
C GLU C 19 -3.42 -10.06 -21.74
N GLY C 20 -2.73 -11.19 -21.63
CA GLY C 20 -1.98 -11.49 -20.44
C GLY C 20 -0.90 -10.46 -20.18
N LEU C 21 -0.17 -10.11 -21.24
CA LEU C 21 0.82 -9.04 -21.23
C LEU C 21 0.23 -7.67 -20.84
N ARG C 22 -0.93 -7.31 -21.40
CA ARG C 22 -1.58 -6.08 -20.97
C ARG C 22 -1.77 -6.14 -19.45
N ARG C 23 -2.10 -7.31 -18.93
CA ARG C 23 -2.37 -7.37 -17.46
C ARG C 23 -1.16 -7.48 -16.59
N LEU C 24 0.00 -7.77 -17.19
CA LEU C 24 1.24 -7.82 -16.43
C LEU C 24 2.14 -6.61 -16.78
N GLU C 25 1.65 -5.73 -17.65
CA GLU C 25 2.42 -4.62 -18.18
C GLU C 25 2.99 -3.70 -17.08
N TYR C 26 2.24 -3.56 -16.00
CA TYR C 26 2.69 -2.73 -14.89
C TYR C 26 4.04 -3.17 -14.31
N ARG C 27 4.40 -4.43 -14.55
CA ARG C 27 5.72 -4.99 -14.14
C ARG C 27 6.88 -4.61 -15.11
N GLY C 28 6.54 -4.12 -16.30
CA GLY C 28 7.57 -3.79 -17.30
C GLY C 28 6.97 -3.40 -18.62
N TYR C 29 7.32 -2.20 -19.07
CA TYR C 29 6.66 -1.61 -20.23
C TYR C 29 7.61 -0.93 -21.23
N ASP C 30 8.87 -1.36 -21.21
CA ASP C 30 9.87 -0.90 -22.21
C ASP C 30 9.86 -1.68 -23.53
N SER C 31 9.53 -2.95 -23.49
CA SER C 31 9.34 -3.73 -24.72
C SER C 31 8.49 -4.94 -24.42
N ALA C 32 8.11 -5.65 -25.49
CA ALA C 32 7.29 -6.82 -25.32
C ALA C 32 7.45 -7.68 -26.52
N GLY C 33 7.32 -8.99 -26.33
CA GLY C 33 7.37 -9.91 -27.53
C GLY C 33 6.58 -11.16 -27.27
N LEU C 34 6.27 -11.88 -28.36
CA LEU C 34 5.62 -13.19 -28.22
C LEU C 34 6.11 -14.13 -29.30
N ALA C 35 6.10 -15.44 -29.05
CA ALA C 35 6.36 -16.35 -30.19
C ALA C 35 5.29 -17.44 -30.16
N VAL C 36 4.74 -17.74 -31.32
CA VAL C 36 3.64 -18.65 -31.39
C VAL C 36 3.99 -19.76 -32.41
N VAL C 37 3.72 -21.02 -32.12
CA VAL C 37 4.02 -22.10 -33.13
C VAL C 37 2.76 -22.80 -33.58
N ASP C 38 2.59 -23.10 -34.86
CA ASP C 38 1.41 -23.85 -35.29
C ASP C 38 1.66 -25.35 -35.17
N ALA C 39 0.62 -26.12 -35.47
CA ALA C 39 0.55 -27.58 -35.40
C ALA C 39 1.65 -28.29 -36.23
N GLU C 40 1.98 -27.80 -37.42
CA GLU C 40 3.11 -28.33 -38.21
C GLU C 40 4.48 -27.83 -37.80
N GLY C 41 4.58 -27.14 -36.67
CA GLY C 41 5.90 -26.72 -36.17
C GLY C 41 6.47 -25.42 -36.73
N HIS C 42 5.64 -24.62 -37.41
CA HIS C 42 6.13 -23.34 -37.91
C HIS C 42 6.03 -22.26 -36.86
N MET C 43 7.15 -21.63 -36.55
CA MET C 43 7.17 -20.68 -35.47
C MET C 43 7.18 -19.23 -35.99
N THR C 44 6.27 -18.41 -35.49
CA THR C 44 6.26 -16.97 -35.78
C THR C 44 6.58 -16.17 -34.52
N ARG C 45 7.56 -15.28 -34.62
CA ARG C 45 7.96 -14.46 -33.43
C ARG C 45 7.78 -12.96 -33.77
N LEU C 46 7.35 -12.15 -32.79
CA LEU C 46 7.16 -10.74 -33.05
C LEU C 46 7.53 -9.96 -31.79
N ARG C 47 8.27 -8.87 -31.95
CA ARG C 47 8.86 -8.17 -30.80
C ARG C 47 8.79 -6.71 -31.11
N ARG C 48 8.39 -5.90 -30.12
CA ARG C 48 8.31 -4.46 -30.37
C ARG C 48 8.79 -3.68 -29.15
N LEU C 49 9.58 -2.66 -29.45
CA LEU C 49 9.93 -1.65 -28.48
C LEU C 49 8.66 -0.91 -28.06
N GLY C 50 8.59 -0.57 -26.77
CA GLY C 50 7.46 0.20 -26.19
C GLY C 50 6.42 -0.65 -25.49
N LYS C 51 5.26 -0.05 -25.26
CA LYS C 51 4.20 -0.65 -24.44
C LYS C 51 3.57 -1.80 -25.20
N VAL C 52 2.83 -2.64 -24.49
CA VAL C 52 2.19 -3.81 -25.09
C VAL C 52 1.41 -3.41 -26.37
N GLN C 53 0.83 -2.21 -26.36
CA GLN C 53 -0.03 -1.80 -27.46
C GLN C 53 0.73 -1.80 -28.78
N MET C 54 2.06 -1.72 -28.73
CA MET C 54 2.85 -1.61 -29.96
C MET C 54 2.93 -3.00 -30.58
N LEU C 55 3.09 -3.98 -29.71
CA LEU C 55 3.15 -5.35 -30.15
C LEU C 55 1.77 -5.78 -30.68
N ALA C 56 0.73 -5.35 -29.97
CA ALA C 56 -0.65 -5.74 -30.27
C ALA C 56 -1.06 -5.22 -31.65
N GLN C 57 -0.69 -3.98 -31.90
CA GLN C 57 -0.75 -3.31 -33.21
C GLN C 57 -0.03 -4.15 -34.30
N ALA C 58 1.14 -4.67 -33.93
CA ALA C 58 2.01 -5.36 -34.87
C ALA C 58 1.34 -6.71 -35.27
N ALA C 59 0.80 -7.38 -34.26
CA ALA C 59 0.07 -8.65 -34.34
C ALA C 59 -1.21 -8.53 -35.16
N GLU C 60 -1.82 -7.36 -35.11
CA GLU C 60 -3.01 -7.12 -35.87
C GLU C 60 -2.72 -7.00 -37.36
N GLU C 61 -1.60 -6.37 -37.70
CA GLU C 61 -1.24 -6.22 -39.11
C GLU C 61 -0.97 -7.58 -39.74
N HIS C 62 -0.20 -8.39 -39.03
CA HIS C 62 0.19 -9.72 -39.55
C HIS C 62 0.01 -10.74 -38.45
N PRO C 63 -1.17 -11.39 -38.43
CA PRO C 63 -1.54 -12.20 -37.25
C PRO C 63 -0.73 -13.51 -37.18
N LEU C 64 -0.58 -14.02 -35.96
CA LEU C 64 0.26 -15.16 -35.68
C LEU C 64 -0.73 -16.30 -35.37
N HIS C 65 -0.56 -17.45 -36.02
CA HIS C 65 -1.50 -18.55 -35.90
C HIS C 65 -0.76 -19.64 -35.18
N GLY C 66 -1.43 -20.39 -34.29
CA GLY C 66 -0.75 -21.44 -33.56
C GLY C 66 -1.39 -21.59 -32.21
N GLY C 67 -1.48 -22.83 -31.71
CA GLY C 67 -2.06 -23.08 -30.37
C GLY C 67 -1.05 -23.11 -29.25
N THR C 68 0.24 -22.94 -29.56
CA THR C 68 1.25 -22.94 -28.48
C THR C 68 2.08 -21.65 -28.48
N GLY C 69 2.27 -20.99 -27.36
CA GLY C 69 3.19 -19.85 -27.46
C GLY C 69 3.62 -19.32 -26.12
N ILE C 70 4.61 -18.43 -26.14
CA ILE C 70 5.07 -17.80 -24.91
C ILE C 70 5.25 -16.32 -25.21
N ALA C 71 5.20 -15.48 -24.16
CA ALA C 71 5.32 -14.05 -24.37
C ALA C 71 5.87 -13.36 -23.12
N HIS C 72 6.30 -12.12 -23.30
CA HIS C 72 7.04 -11.41 -22.24
C HIS C 72 6.84 -9.95 -22.39
N THR C 73 6.80 -9.25 -21.26
CA THR C 73 6.82 -7.80 -21.31
C THR C 73 7.89 -7.40 -20.30
N ARG C 74 8.80 -6.48 -20.68
CA ARG C 74 9.94 -6.22 -19.81
C ARG C 74 10.22 -4.80 -19.39
N TRP C 75 10.72 -4.71 -18.17
CA TRP C 75 11.35 -3.50 -17.71
C TRP C 75 12.80 -3.63 -18.09
N ALA C 76 13.29 -2.75 -18.97
CA ALA C 76 14.71 -2.80 -19.39
C ALA C 76 15.66 -2.08 -18.40
N THR C 77 16.52 -2.86 -17.75
CA THR C 77 17.36 -2.39 -16.65
C THR C 77 18.86 -2.50 -16.99
N HIS C 78 19.13 -2.78 -18.26
CA HIS C 78 20.48 -2.73 -18.85
C HIS C 78 20.31 -1.90 -20.06
N GLY C 79 21.19 -0.95 -20.23
CA GLY C 79 21.32 -0.24 -21.48
C GLY C 79 20.06 0.35 -22.08
N GLU C 80 20.26 1.15 -23.10
CA GLU C 80 19.16 1.81 -23.77
C GLU C 80 18.26 0.68 -24.26
N PRO C 81 16.94 0.80 -24.03
CA PRO C 81 16.09 -0.30 -24.43
C PRO C 81 16.09 -0.52 -25.95
N SER C 82 16.02 -1.78 -26.37
CA SER C 82 16.27 -2.17 -27.77
C SER C 82 15.49 -3.44 -28.11
N GLU C 83 14.82 -3.43 -29.27
CA GLU C 83 14.05 -4.57 -29.77
C GLU C 83 14.93 -5.83 -29.92
N VAL C 84 16.25 -5.68 -30.11
CA VAL C 84 17.20 -6.81 -30.22
C VAL C 84 17.15 -7.60 -28.92
N ASN C 85 16.82 -6.94 -27.81
CA ASN C 85 16.92 -7.59 -26.53
C ASN C 85 15.58 -8.08 -26.02
N ALA C 86 14.51 -7.73 -26.70
CA ALA C 86 13.20 -8.24 -26.30
C ALA C 86 13.06 -9.77 -26.41
N HIS C 87 12.29 -10.31 -25.49
CA HIS C 87 11.98 -11.70 -25.49
C HIS C 87 10.83 -11.97 -26.46
N PRO C 88 10.61 -13.23 -26.83
CA PRO C 88 11.42 -14.40 -26.47
C PRO C 88 12.69 -14.44 -27.30
N HIS C 89 13.65 -15.20 -26.77
CA HIS C 89 14.91 -15.44 -27.46
C HIS C 89 15.01 -16.84 -27.94
N VAL C 90 15.84 -17.04 -28.97
CA VAL C 90 15.86 -18.31 -29.68
C VAL C 90 17.25 -18.96 -29.75
N SER C 91 17.26 -20.28 -29.96
CA SER C 91 18.42 -21.03 -30.36
C SER C 91 17.91 -22.03 -31.39
N GLU C 92 17.80 -21.60 -32.64
CA GLU C 92 17.10 -22.37 -33.67
C GLU C 92 15.68 -22.75 -33.16
N HIS C 93 15.46 -24.02 -32.86
CA HIS C 93 14.13 -24.51 -32.53
C HIS C 93 13.80 -24.17 -31.12
N ILE C 94 14.80 -23.86 -30.31
CA ILE C 94 14.48 -23.62 -28.88
C ILE C 94 14.05 -22.13 -28.59
N VAL C 95 12.97 -21.89 -27.84
CA VAL C 95 12.44 -20.52 -27.69
C VAL C 95 12.16 -20.31 -26.21
N VAL C 96 12.60 -19.17 -25.65
CA VAL C 96 12.69 -18.99 -24.19
C VAL C 96 12.24 -17.60 -23.75
N VAL C 97 11.50 -17.56 -22.63
CA VAL C 97 11.27 -16.32 -21.92
C VAL C 97 11.80 -16.52 -20.54
N HIS C 98 12.21 -15.44 -19.87
CA HIS C 98 12.62 -15.61 -18.52
C HIS C 98 12.35 -14.37 -17.71
N ASN C 99 12.19 -14.55 -16.39
CA ASN C 99 12.19 -13.48 -15.39
C ASN C 99 13.30 -13.74 -14.36
N GLY C 100 13.83 -12.68 -13.73
CA GLY C 100 14.88 -12.84 -12.77
C GLY C 100 16.26 -12.71 -13.43
N ILE C 101 17.26 -13.31 -12.80
CA ILE C 101 18.60 -13.12 -13.21
C ILE C 101 19.36 -14.46 -13.20
N ILE C 102 20.24 -14.61 -14.19
CA ILE C 102 21.21 -15.69 -14.26
C ILE C 102 22.55 -15.16 -13.82
N GLU C 103 22.93 -15.47 -12.59
CA GLU C 103 24.08 -14.83 -11.96
C GLU C 103 25.39 -15.24 -12.66
N ASN C 104 25.47 -16.48 -13.14
CA ASN C 104 26.68 -16.97 -13.83
C ASN C 104 26.52 -16.89 -15.33
N HIS C 105 25.83 -15.85 -15.77
CA HIS C 105 25.69 -15.55 -17.19
C HIS C 105 27.02 -15.64 -17.93
N GLU C 106 28.05 -15.00 -17.40
CA GLU C 106 29.27 -14.76 -18.16
C GLU C 106 30.15 -16.04 -18.39
N PRO C 107 30.38 -16.90 -17.37
CA PRO C 107 31.09 -18.16 -17.66
C PRO C 107 30.31 -19.14 -18.56
N LEU C 108 28.98 -19.23 -18.42
CA LEU C 108 28.18 -20.10 -19.30
C LEU C 108 28.23 -19.61 -20.73
N ARG C 109 28.13 -18.30 -20.90
CA ARG C 109 28.23 -17.70 -22.22
C ARG C 109 29.59 -17.95 -22.93
N GLU C 110 30.70 -17.90 -22.19
CA GLU C 110 32.00 -18.25 -22.79
C GLU C 110 32.04 -19.71 -23.22
N GLU C 111 31.50 -20.57 -22.34
CA GLU C 111 31.47 -22.03 -22.53
C GLU C 111 30.66 -22.36 -23.79
N LEU C 112 29.54 -21.66 -23.97
CA LEU C 112 28.67 -21.84 -25.12
C LEU C 112 29.29 -21.24 -26.39
N LYS C 113 30.03 -20.15 -26.22
CA LYS C 113 30.70 -19.51 -27.33
C LYS C 113 31.77 -20.45 -27.92
N ALA C 114 32.41 -21.25 -27.07
CA ALA C 114 33.51 -22.13 -27.50
C ALA C 114 32.95 -23.41 -28.05
N ARG C 115 31.64 -23.55 -27.96
CA ARG C 115 30.96 -24.70 -28.51
C ARG C 115 30.38 -24.33 -29.88
N GLY C 116 30.54 -23.10 -30.33
CA GLY C 116 30.06 -22.70 -31.64
C GLY C 116 28.76 -21.91 -31.67
N TYR C 117 28.23 -21.56 -30.50
CA TYR C 117 27.04 -20.69 -30.45
C TYR C 117 27.34 -19.20 -30.67
N THR C 118 26.49 -18.54 -31.49
CA THR C 118 26.61 -17.10 -31.77
C THR C 118 25.58 -16.38 -30.93
N PHE C 119 26.06 -15.42 -30.17
CA PHE C 119 25.15 -14.63 -29.32
C PHE C 119 24.75 -13.37 -30.05
N VAL C 120 23.45 -13.14 -30.22
CA VAL C 120 22.99 -11.96 -30.96
C VAL C 120 22.53 -10.85 -30.00
N SER C 121 22.42 -11.15 -28.71
CA SER C 121 22.07 -10.14 -27.71
C SER C 121 22.90 -10.36 -26.46
N GLU C 122 22.76 -9.51 -25.43
CA GLU C 122 23.47 -9.78 -24.16
C GLU C 122 22.53 -10.22 -23.05
N THR C 123 21.40 -10.81 -23.42
CA THR C 123 20.43 -11.26 -22.43
C THR C 123 20.80 -12.60 -21.81
N ASP C 124 20.39 -12.76 -20.56
CA ASP C 124 20.38 -14.05 -19.84
C ASP C 124 19.54 -15.07 -20.56
N THR C 125 18.43 -14.62 -21.14
CA THR C 125 17.48 -15.44 -21.83
C THR C 125 18.14 -16.23 -22.95
N GLU C 126 19.07 -15.60 -23.65
CA GLU C 126 19.70 -16.25 -24.80
C GLU C 126 20.69 -17.32 -24.29
N VAL C 127 21.29 -17.06 -23.12
CA VAL C 127 22.15 -18.06 -22.47
C VAL C 127 21.38 -19.36 -22.19
N ILE C 128 20.19 -19.22 -21.61
CA ILE C 128 19.30 -20.34 -21.34
C ILE C 128 18.96 -21.03 -22.68
N ALA C 129 18.57 -20.25 -23.70
CA ALA C 129 18.17 -20.84 -24.97
C ALA C 129 19.31 -21.69 -25.52
N HIS C 130 20.51 -21.11 -25.64
CA HIS C 130 21.64 -21.85 -26.20
C HIS C 130 22.01 -23.04 -25.34
N LEU C 131 21.89 -22.90 -24.03
CA LEU C 131 22.24 -23.98 -23.10
C LEU C 131 21.29 -25.16 -23.23
N VAL C 132 19.97 -24.91 -23.26
CA VAL C 132 18.99 -25.97 -23.44
C VAL C 132 19.17 -26.59 -24.83
N ASN C 133 19.41 -25.76 -25.83
CA ASN C 133 19.73 -26.27 -27.17
C ASN C 133 20.85 -27.27 -27.11
N TRP C 134 21.93 -26.91 -26.44
CA TRP C 134 23.09 -27.77 -26.31
C TRP C 134 22.80 -29.08 -25.64
N GLU C 135 22.10 -29.00 -24.53
CA GLU C 135 21.75 -30.17 -23.74
C GLU C 135 20.86 -31.11 -24.52
N LEU C 136 19.92 -30.55 -25.30
CA LEU C 136 19.00 -31.39 -26.04
C LEU C 136 19.80 -32.07 -27.16
N LYS C 137 20.82 -31.41 -27.71
CA LYS C 137 21.73 -32.08 -28.72
C LYS C 137 22.49 -33.28 -28.21
N GLN C 138 22.68 -33.36 -26.90
CA GLN C 138 23.37 -34.51 -26.31
C GLN C 138 22.47 -35.74 -26.27
N GLY C 139 21.14 -35.56 -26.42
CA GLY C 139 20.26 -36.72 -26.42
C GLY C 139 19.19 -36.59 -25.37
N GLY C 140 18.05 -37.26 -25.59
CA GLY C 140 16.93 -37.32 -24.64
C GLY C 140 15.76 -36.39 -24.95
N THR C 141 14.75 -36.42 -24.09
CA THR C 141 13.57 -35.58 -24.26
C THR C 141 13.89 -34.16 -23.87
N LEU C 142 13.02 -33.22 -24.21
CA LEU C 142 13.21 -31.86 -23.77
C LEU C 142 13.27 -31.65 -22.25
N ARG C 143 12.37 -32.31 -21.53
CA ARG C 143 12.42 -32.36 -20.09
C ARG C 143 13.73 -32.91 -19.52
N GLU C 144 14.23 -34.05 -20.05
CA GLU C 144 15.57 -34.49 -19.64
C GLU C 144 16.66 -33.40 -19.91
N ALA C 145 16.52 -32.65 -21.00
CA ALA C 145 17.54 -31.69 -21.31
C ALA C 145 17.44 -30.48 -20.37
N VAL C 146 16.22 -30.01 -20.16
CA VAL C 146 15.96 -28.96 -19.16
C VAL C 146 16.47 -29.36 -17.77
N LEU C 147 16.32 -30.64 -17.42
CA LEU C 147 16.74 -31.09 -16.09
C LEU C 147 18.26 -31.10 -15.99
N ARG C 148 18.94 -31.24 -17.13
CA ARG C 148 20.41 -31.10 -17.10
C ARG C 148 20.86 -29.63 -17.08
N ALA C 149 20.06 -28.76 -17.71
CA ALA C 149 20.45 -27.36 -17.88
C ALA C 149 20.19 -26.53 -16.57
N ILE C 150 19.12 -26.83 -15.86
CA ILE C 150 18.75 -26.09 -14.63
C ILE C 150 19.84 -26.02 -13.55
N PRO C 151 20.43 -27.19 -13.16
CA PRO C 151 21.57 -27.14 -12.20
C PRO C 151 22.77 -26.32 -12.71
N GLN C 152 22.90 -26.11 -14.02
CA GLN C 152 24.06 -25.34 -14.48
C GLN C 152 23.83 -23.83 -14.35
N LEU C 153 22.58 -23.47 -14.07
CA LEU C 153 22.15 -22.08 -13.92
C LEU C 153 22.04 -21.70 -12.46
N ARG C 154 22.72 -20.62 -12.12
CA ARG C 154 22.70 -20.07 -10.76
C ARG C 154 21.99 -18.73 -10.79
N GLY C 155 21.19 -18.49 -9.77
CA GLY C 155 20.52 -17.21 -9.59
C GLY C 155 19.06 -17.46 -9.39
N ALA C 156 18.31 -16.38 -9.29
CA ALA C 156 16.87 -16.43 -8.98
C ALA C 156 16.14 -16.07 -10.25
N TYR C 157 15.46 -17.03 -10.84
CA TYR C 157 14.84 -16.86 -12.15
C TYR C 157 13.70 -17.83 -12.31
N GLY C 158 12.85 -17.55 -13.27
CA GLY C 158 11.87 -18.51 -13.71
C GLY C 158 11.86 -18.40 -15.24
N THR C 159 11.52 -19.47 -15.92
CA THR C 159 11.71 -19.50 -17.38
C THR C 159 10.69 -20.48 -17.98
N VAL C 160 10.29 -20.22 -19.22
CA VAL C 160 9.40 -21.11 -19.92
C VAL C 160 10.04 -21.37 -21.26
N ILE C 161 10.09 -22.66 -21.66
CA ILE C 161 10.85 -23.08 -22.79
C ILE C 161 9.99 -23.87 -23.76
N MET C 162 10.23 -23.68 -25.03
CA MET C 162 9.46 -24.34 -26.04
C MET C 162 10.53 -24.85 -27.00
N ASP C 163 10.30 -26.03 -27.52
CA ASP C 163 11.00 -26.53 -28.74
C ASP C 163 9.95 -26.52 -29.83
N SER C 164 10.10 -25.61 -30.78
CA SER C 164 9.09 -25.38 -31.80
C SER C 164 8.93 -26.46 -32.84
N ARG C 165 9.84 -27.43 -32.87
CA ARG C 165 9.64 -28.61 -33.69
C ARG C 165 8.59 -29.56 -33.07
N HIS C 166 8.26 -29.37 -31.81
CA HIS C 166 7.34 -30.26 -31.03
C HIS C 166 6.50 -29.39 -30.15
N PRO C 167 5.56 -28.66 -30.76
CA PRO C 167 4.75 -27.66 -30.05
C PRO C 167 3.65 -28.27 -29.10
N ASP C 168 3.56 -29.60 -29.01
CA ASP C 168 2.62 -30.36 -28.11
C ASP C 168 2.98 -30.14 -26.64
N THR C 169 4.17 -29.61 -26.36
CA THR C 169 4.63 -29.50 -24.97
C THR C 169 5.35 -28.20 -24.57
N LEU C 170 5.12 -27.65 -23.36
CA LEU C 170 5.95 -26.58 -22.84
C LEU C 170 6.62 -27.01 -21.54
N LEU C 171 7.85 -26.57 -21.29
CA LEU C 171 8.61 -26.82 -20.09
C LEU C 171 8.75 -25.50 -19.32
N ALA C 172 8.68 -25.58 -18.00
CA ALA C 172 8.80 -24.32 -17.24
C ALA C 172 9.59 -24.69 -16.00
N ALA C 173 10.46 -23.82 -15.50
CA ALA C 173 11.13 -24.13 -14.25
C ALA C 173 11.08 -22.92 -13.38
N ARG C 174 10.73 -23.12 -12.11
CA ARG C 174 10.73 -22.08 -11.15
C ARG C 174 11.98 -22.27 -10.31
N SER C 175 12.87 -21.32 -10.37
CA SER C 175 14.10 -21.39 -9.58
C SER C 175 14.42 -20.06 -8.94
N GLY C 176 13.46 -19.53 -8.16
CA GLY C 176 13.71 -18.28 -7.47
C GLY C 176 12.87 -17.09 -7.92
N SER C 177 12.03 -17.26 -8.93
CA SER C 177 11.10 -16.18 -9.42
C SER C 177 9.71 -16.84 -9.69
N PRO C 178 8.58 -16.13 -9.44
CA PRO C 178 7.26 -16.79 -9.49
C PRO C 178 6.81 -17.32 -10.83
N LEU C 179 6.20 -18.52 -10.83
CA LEU C 179 5.47 -19.11 -11.99
C LEU C 179 4.23 -19.80 -11.47
N VAL C 180 3.12 -19.63 -12.20
CA VAL C 180 1.87 -20.27 -11.81
C VAL C 180 1.27 -20.90 -13.07
N ILE C 181 0.69 -22.11 -12.93
CA ILE C 181 0.03 -22.77 -14.08
C ILE C 181 -1.49 -22.52 -13.97
N GLY C 182 -2.14 -22.16 -15.05
CA GLY C 182 -3.64 -22.02 -15.00
C GLY C 182 -4.22 -23.21 -15.75
N LEU C 183 -5.20 -23.88 -15.15
CA LEU C 183 -5.77 -25.06 -15.79
C LEU C 183 -7.00 -24.74 -16.64
N GLY C 184 -6.94 -24.93 -17.94
CA GLY C 184 -8.20 -24.70 -18.70
C GLY C 184 -8.92 -26.01 -18.99
N MET C 185 -9.89 -25.98 -19.91
CA MET C 185 -10.54 -27.21 -20.35
C MET C 185 -10.00 -27.68 -21.70
N GLY C 186 -9.12 -28.68 -21.68
CA GLY C 186 -8.44 -29.08 -22.91
C GLY C 186 -7.37 -28.09 -23.37
N GLU C 187 -6.99 -27.19 -22.45
CA GLU C 187 -5.87 -26.27 -22.64
C GLU C 187 -5.27 -25.94 -21.27
N ASN C 188 -4.04 -25.49 -21.27
CA ASN C 188 -3.33 -25.13 -20.02
C ASN C 188 -2.50 -23.93 -20.29
N PHE C 189 -2.23 -23.15 -19.22
CA PHE C 189 -1.56 -21.84 -19.37
C PHE C 189 -0.49 -21.70 -18.35
N ILE C 190 0.40 -20.73 -18.56
CA ILE C 190 1.35 -20.39 -17.47
C ILE C 190 1.62 -18.89 -17.48
N ALA C 191 2.04 -18.37 -16.34
CA ALA C 191 2.29 -16.97 -16.21
C ALA C 191 3.12 -16.75 -14.97
N SER C 192 3.75 -15.57 -14.90
CA SER C 192 4.56 -15.22 -13.73
C SER C 192 3.65 -14.83 -12.60
N ASP C 193 2.43 -14.39 -12.95
CA ASP C 193 1.35 -13.95 -11.98
C ASP C 193 -0.04 -14.33 -12.52
N GLN C 194 -0.90 -14.86 -11.68
CA GLN C 194 -2.23 -15.29 -12.10
C GLN C 194 -3.08 -14.17 -12.69
N LEU C 195 -2.69 -12.92 -12.40
CA LEU C 195 -3.44 -11.77 -12.88
C LEU C 195 -3.55 -11.91 -14.39
N ALA C 196 -2.50 -12.44 -15.01
CA ALA C 196 -2.49 -12.58 -16.47
C ALA C 196 -3.57 -13.51 -17.05
N LEU C 197 -3.96 -14.51 -16.25
CA LEU C 197 -4.73 -15.69 -16.74
C LEU C 197 -6.20 -15.63 -16.30
N LEU C 198 -6.52 -14.64 -15.46
CA LEU C 198 -7.93 -14.51 -15.01
C LEU C 198 -8.96 -14.53 -16.14
N PRO C 199 -8.65 -13.94 -17.31
CA PRO C 199 -9.60 -13.92 -18.43
C PRO C 199 -9.93 -15.34 -19.01
N VAL C 200 -9.09 -16.34 -18.72
CA VAL C 200 -9.26 -17.70 -19.32
C VAL C 200 -9.49 -18.79 -18.28
N THR C 201 -9.13 -18.51 -17.01
CA THR C 201 -9.27 -19.55 -15.99
C THR C 201 -9.13 -18.94 -14.59
N ARG C 202 -9.76 -19.59 -13.63
CA ARG C 202 -9.61 -19.21 -12.24
C ARG C 202 -8.97 -20.35 -11.41
N ARG C 203 -8.33 -21.30 -12.08
CA ARG C 203 -7.91 -22.52 -11.44
C ARG C 203 -6.38 -22.67 -11.60
N PHE C 204 -5.63 -22.67 -10.51
CA PHE C 204 -4.19 -22.47 -10.58
C PHE C 204 -3.38 -23.48 -9.80
N ILE C 205 -2.25 -23.89 -10.37
CA ILE C 205 -1.23 -24.62 -9.64
C ILE C 205 0.00 -23.72 -9.46
N PHE C 206 0.32 -23.37 -8.22
CA PHE C 206 1.46 -22.52 -7.92
C PHE C 206 2.69 -23.40 -7.83
N LEU C 207 3.63 -23.23 -8.73
CA LEU C 207 4.85 -24.00 -8.64
C LEU C 207 5.69 -23.60 -7.43
N GLU C 208 6.53 -24.50 -6.94
CA GLU C 208 7.40 -24.23 -5.79
C GLU C 208 8.81 -24.12 -6.32
N GLU C 209 9.72 -23.58 -5.50
CA GLU C 209 11.11 -23.41 -5.94
C GLU C 209 11.70 -24.78 -6.23
N GLY C 210 12.40 -24.96 -7.34
CA GLY C 210 12.86 -26.32 -7.66
C GLY C 210 11.97 -27.00 -8.70
N ASP C 211 10.71 -26.58 -8.80
CA ASP C 211 9.75 -27.34 -9.60
C ASP C 211 10.08 -27.13 -11.03
N ILE C 212 10.06 -28.22 -11.77
CA ILE C 212 10.06 -28.14 -13.22
C ILE C 212 8.74 -28.69 -13.67
N ALA C 213 8.05 -27.98 -14.58
CA ALA C 213 6.73 -28.41 -15.05
C ALA C 213 6.74 -28.81 -16.52
N GLU C 214 6.13 -29.95 -16.84
CA GLU C 214 5.89 -30.30 -18.26
C GLU C 214 4.37 -30.21 -18.53
N ILE C 215 4.02 -29.26 -19.41
CA ILE C 215 2.65 -28.87 -19.70
C ILE C 215 2.23 -29.20 -21.16
N THR C 216 1.12 -29.94 -21.33
CA THR C 216 0.51 -30.15 -22.68
C THR C 216 -0.90 -29.54 -22.62
N ARG C 217 -1.64 -29.55 -23.73
CA ARG C 217 -3.03 -29.13 -23.67
C ARG C 217 -3.80 -29.96 -22.69
N ARG C 218 -3.41 -31.21 -22.51
CA ARG C 218 -4.22 -32.19 -21.76
C ARG C 218 -3.69 -32.59 -20.35
N SER C 219 -2.45 -32.24 -20.00
CA SER C 219 -1.82 -32.80 -18.80
C SER C 219 -0.81 -31.86 -18.16
N VAL C 220 -0.57 -31.99 -16.89
CA VAL C 220 0.44 -31.17 -16.26
C VAL C 220 1.24 -32.11 -15.39
N ASN C 221 2.55 -32.16 -15.59
CA ASN C 221 3.32 -33.00 -14.68
C ASN C 221 4.45 -32.19 -14.15
N ILE C 222 4.60 -32.25 -12.83
CA ILE C 222 5.61 -31.46 -12.17
C ILE C 222 6.63 -32.38 -11.51
N PHE C 223 7.91 -32.03 -11.68
CA PHE C 223 9.02 -32.85 -11.24
C PHE C 223 9.91 -31.99 -10.39
N ASP C 224 10.57 -32.62 -9.41
CA ASP C 224 11.46 -31.86 -8.56
C ASP C 224 12.87 -31.71 -9.14
N LYS C 225 13.79 -31.14 -8.35
CA LYS C 225 15.20 -30.91 -8.72
C LYS C 225 15.75 -32.20 -9.29
N THR C 226 15.50 -33.35 -8.63
CA THR C 226 15.78 -34.63 -9.27
C THR C 226 14.70 -34.96 -10.34
N GLY C 227 14.70 -36.15 -10.91
CA GLY C 227 13.68 -36.39 -11.96
C GLY C 227 12.31 -36.76 -11.43
N ALA C 228 12.19 -36.79 -10.11
CA ALA C 228 11.07 -37.42 -9.43
C ALA C 228 9.84 -36.55 -9.57
N GLU C 229 8.69 -37.18 -9.74
CA GLU C 229 7.50 -36.43 -10.05
C GLU C 229 6.90 -36.05 -8.74
N VAL C 230 6.28 -34.87 -8.67
CA VAL C 230 5.78 -34.37 -7.40
C VAL C 230 4.30 -34.01 -7.50
N LYS C 231 3.60 -34.00 -6.38
CA LYS C 231 2.17 -33.68 -6.40
C LYS C 231 1.96 -32.22 -6.03
N ARG C 232 1.25 -31.48 -6.86
CA ARG C 232 0.89 -30.10 -6.53
C ARG C 232 -0.61 -29.90 -6.69
N GLN C 233 -1.29 -29.38 -5.67
CA GLN C 233 -2.74 -29.18 -5.70
C GLN C 233 -3.08 -27.96 -6.53
N ASP C 234 -4.13 -28.08 -7.32
CA ASP C 234 -4.69 -26.90 -7.94
C ASP C 234 -5.67 -26.32 -6.94
N ILE C 235 -5.80 -25.01 -6.94
CA ILE C 235 -6.74 -24.35 -6.05
C ILE C 235 -7.37 -23.27 -6.85
N GLU C 236 -8.40 -22.67 -6.29
CA GLU C 236 -9.17 -21.62 -6.94
C GLU C 236 -8.45 -20.28 -6.75
N SER C 237 -8.64 -19.33 -7.68
CA SER C 237 -7.91 -18.05 -7.63
C SER C 237 -8.18 -17.45 -6.26
N ASN C 238 -7.10 -17.30 -5.52
CA ASN C 238 -7.15 -16.61 -4.23
C ASN C 238 -7.52 -15.08 -4.27
N LEU C 239 -7.94 -14.53 -5.42
CA LEU C 239 -7.98 -13.07 -5.62
C LEU C 239 -9.38 -12.47 -5.48
N GLN C 240 -9.44 -11.15 -5.31
CA GLN C 240 -10.70 -10.43 -5.08
C GLN C 240 -11.51 -10.21 -6.38
N TYR C 241 -12.56 -9.38 -6.26
CA TYR C 241 -13.58 -9.22 -7.32
C TYR C 241 -13.12 -8.23 -8.39
N ASP C 242 -12.95 -8.77 -9.59
CA ASP C 242 -12.41 -8.05 -10.74
C ASP C 242 -10.94 -7.68 -10.56
N ALA C 243 -10.19 -8.42 -9.73
CA ALA C 243 -8.75 -8.14 -9.61
C ALA C 243 -8.16 -7.83 -11.00
N GLY C 244 -7.45 -6.72 -11.11
CA GLY C 244 -6.86 -6.30 -12.39
C GLY C 244 -7.78 -5.61 -13.38
N ASP C 245 -8.97 -5.19 -12.93
CA ASP C 245 -9.87 -4.33 -13.74
C ASP C 245 -10.11 -3.01 -12.98
N LYS C 246 -10.18 -1.91 -13.73
CA LYS C 246 -10.28 -0.56 -13.16
C LYS C 246 -11.66 -0.24 -12.62
N GLY C 247 -12.67 -0.96 -13.10
CA GLY C 247 -14.08 -0.66 -12.81
C GLY C 247 -14.41 0.77 -13.23
N ILE C 248 -15.11 1.48 -12.36
CA ILE C 248 -15.50 2.89 -12.58
C ILE C 248 -14.33 3.87 -12.68
N TYR C 249 -13.19 3.46 -12.15
CA TYR C 249 -12.04 4.33 -12.03
C TYR C 249 -11.26 4.48 -13.31
N ARG C 250 -10.58 5.62 -13.46
CA ARG C 250 -9.87 5.93 -14.69
C ARG C 250 -8.40 5.42 -14.68
N HIS C 251 -7.80 5.35 -13.47
CA HIS C 251 -6.45 4.85 -13.25
C HIS C 251 -6.46 3.85 -12.11
N TYR C 252 -5.64 2.80 -12.17
CA TYR C 252 -5.49 1.89 -11.00
C TYR C 252 -5.10 2.63 -9.73
N MET C 253 -4.26 3.65 -9.86
CA MET C 253 -3.73 4.32 -8.70
C MET C 253 -4.90 5.03 -7.98
N GLN C 254 -5.82 5.50 -8.81
CA GLN C 254 -7.03 6.16 -8.35
C GLN C 254 -7.90 5.16 -7.62
N LYS C 255 -8.22 4.05 -8.27
CA LYS C 255 -9.02 3.01 -7.60
C LYS C 255 -8.39 2.66 -6.25
N GLU C 256 -7.05 2.55 -6.23
CA GLU C 256 -6.26 2.20 -5.04
C GLU C 256 -6.25 3.27 -3.93
N ILE C 257 -6.19 4.55 -4.28
CA ILE C 257 -6.38 5.64 -3.34
C ILE C 257 -7.77 5.53 -2.65
N TYR C 258 -8.80 5.27 -3.44
CA TYR C 258 -10.17 5.37 -3.00
C TYR C 258 -10.65 4.12 -2.24
N GLU C 259 -9.84 3.08 -2.37
CA GLU C 259 -9.98 1.77 -1.73
C GLU C 259 -9.43 1.74 -0.31
N GLN C 260 -8.65 2.75 0.03
CA GLN C 260 -7.98 2.73 1.34
C GLN C 260 -8.90 2.47 2.52
N PRO C 261 -10.06 3.16 2.59
CA PRO C 261 -10.85 2.90 3.78
C PRO C 261 -11.14 1.40 3.94
N ASN C 262 -11.36 0.74 2.81
CA ASN C 262 -11.75 -0.67 2.84
C ASN C 262 -10.57 -1.60 3.10
N ALA C 263 -9.45 -1.31 2.47
CA ALA C 263 -8.26 -2.09 2.73
C ALA C 263 -7.90 -2.01 4.23
N ILE C 264 -8.00 -0.81 4.79
CA ILE C 264 -7.66 -0.61 6.17
C ILE C 264 -8.70 -1.33 7.06
N LYS C 265 -9.97 -1.34 6.64
CA LYS C 265 -10.98 -2.16 7.29
C LYS C 265 -10.63 -3.66 7.24
N ASN C 266 -10.02 -4.10 6.13
CA ASN C 266 -9.60 -5.49 5.95
C ASN C 266 -8.36 -5.84 6.79
N THR C 267 -7.42 -4.91 6.89
CA THR C 267 -6.22 -5.07 7.73
C THR C 267 -6.57 -5.32 9.20
N LEU C 268 -7.72 -4.77 9.61
CA LEU C 268 -8.18 -4.74 11.00
C LEU C 268 -9.03 -5.93 11.37
N THR C 269 -9.58 -6.57 10.32
CA THR C 269 -10.53 -7.69 10.44
C THR C 269 -9.92 -8.82 11.29
N GLY C 270 -10.57 -9.13 12.40
CA GLY C 270 -10.10 -10.14 13.34
C GLY C 270 -8.81 -9.81 14.05
N ARG C 271 -8.48 -8.51 14.16
CA ARG C 271 -7.29 -8.07 14.89
C ARG C 271 -7.56 -7.05 16.00
N ILE C 272 -8.80 -6.55 16.06
CA ILE C 272 -9.22 -5.71 17.20
C ILE C 272 -10.28 -6.48 17.98
N SER C 273 -10.15 -6.46 19.30
CA SER C 273 -10.91 -7.33 20.18
C SER C 273 -10.95 -6.71 21.56
N HIS C 274 -12.10 -6.14 21.92
CA HIS C 274 -12.34 -5.52 23.23
C HIS C 274 -11.28 -4.52 23.70
N GLY C 275 -11.16 -3.40 22.99
CA GLY C 275 -10.21 -2.33 23.34
C GLY C 275 -8.73 -2.70 23.24
N GLN C 276 -8.43 -3.80 22.55
CA GLN C 276 -7.07 -4.35 22.53
C GLN C 276 -6.79 -5.01 21.20
N VAL C 277 -5.58 -4.78 20.70
CA VAL C 277 -5.05 -5.33 19.47
C VAL C 277 -4.90 -6.87 19.53
N ASP C 278 -5.34 -7.58 18.48
CA ASP C 278 -5.37 -9.06 18.45
C ASP C 278 -4.44 -9.61 17.37
N LEU C 279 -3.34 -10.21 17.80
CA LEU C 279 -2.32 -10.70 16.90
C LEU C 279 -2.03 -12.20 17.08
N SER C 280 -2.93 -12.89 17.77
CA SER C 280 -2.79 -14.34 18.08
C SER C 280 -2.65 -15.23 16.84
N GLU C 281 -2.87 -14.64 15.67
CA GLU C 281 -2.59 -15.30 14.39
C GLU C 281 -1.12 -15.68 14.25
N LEU C 282 -0.27 -15.06 15.05
CA LEU C 282 1.17 -15.30 15.00
C LEU C 282 1.60 -16.62 15.68
N GLY C 283 0.69 -17.23 16.44
CA GLY C 283 0.94 -18.55 17.05
C GLY C 283 1.49 -18.47 18.46
N PRO C 284 1.49 -19.63 19.18
CA PRO C 284 1.88 -19.66 20.60
C PRO C 284 3.40 -19.54 20.82
N ASN C 285 4.17 -19.75 19.75
CA ASN C 285 5.62 -19.55 19.78
C ASN C 285 6.02 -18.09 19.71
N ALA C 286 5.21 -17.31 18.99
CA ALA C 286 5.51 -15.91 18.63
C ALA C 286 5.67 -14.89 19.78
N ASP C 287 4.96 -15.09 20.88
CA ASP C 287 5.02 -14.16 22.02
C ASP C 287 6.32 -14.21 22.82
N GLU C 288 6.93 -15.39 22.89
CA GLU C 288 8.23 -15.60 23.52
C GLU C 288 9.38 -14.96 22.70
N LEU C 289 9.21 -14.90 21.39
CA LEU C 289 10.14 -14.15 20.51
C LEU C 289 9.98 -12.63 20.66
N LEU C 290 8.74 -12.11 20.64
CA LEU C 290 8.49 -10.67 20.81
C LEU C 290 8.75 -10.18 22.23
N SER C 291 8.64 -11.10 23.18
CA SER C 291 8.88 -10.85 24.58
C SER C 291 10.36 -10.57 24.86
N LYS C 292 11.26 -11.10 24.03
CA LYS C 292 12.71 -10.99 24.25
C LYS C 292 13.39 -9.78 23.58
N VAL C 293 12.66 -9.10 22.68
CA VAL C 293 13.22 -8.04 21.80
C VAL C 293 13.60 -6.76 22.56
N GLU C 294 14.86 -6.33 22.39
CA GLU C 294 15.34 -5.05 22.92
C GLU C 294 15.64 -3.97 21.86
N HIS C 295 15.60 -4.33 20.57
CA HIS C 295 15.88 -3.40 19.46
C HIS C 295 15.15 -3.78 18.19
N ILE C 296 14.64 -2.79 17.45
CA ILE C 296 13.99 -3.02 16.14
C ILE C 296 14.81 -2.49 14.96
N GLN C 297 15.23 -3.38 14.05
CA GLN C 297 15.80 -2.91 12.79
C GLN C 297 14.78 -3.10 11.67
N ILE C 298 14.40 -2.00 11.03
CA ILE C 298 13.51 -2.00 9.87
C ILE C 298 14.31 -1.80 8.58
N LEU C 299 14.04 -2.64 7.57
CA LEU C 299 14.62 -2.47 6.23
C LEU C 299 13.52 -2.45 5.20
N ALA C 300 13.55 -1.44 4.36
CA ALA C 300 12.67 -1.41 3.19
C ALA C 300 13.30 -0.52 2.14
N CYS C 301 12.67 -0.40 0.98
CA CYS C 301 13.07 0.57 -0.05
C CYS C 301 11.93 1.49 -0.37
N GLY C 302 12.23 2.68 -0.89
CA GLY C 302 11.25 3.60 -1.41
C GLY C 302 10.12 3.87 -0.45
N THR C 303 8.90 3.78 -0.96
CA THR C 303 7.73 4.12 -0.17
C THR C 303 7.57 3.20 1.03
N SER C 304 7.99 1.95 0.91
CA SER C 304 8.03 1.07 2.07
C SER C 304 9.03 1.54 3.16
N TYR C 305 10.04 2.28 2.73
CA TYR C 305 11.03 2.91 3.61
C TYR C 305 10.43 4.09 4.36
N ASN C 306 9.53 4.83 3.71
CA ASN C 306 8.84 5.93 4.40
C ASN C 306 7.92 5.43 5.52
N SER C 307 7.15 4.37 5.26
CA SER C 307 6.24 3.82 6.29
C SER C 307 7.04 3.34 7.48
N GLY C 308 8.28 2.94 7.23
CA GLY C 308 9.24 2.54 8.26
C GLY C 308 9.68 3.74 9.07
N MET C 309 9.90 4.87 8.39
CA MET C 309 10.40 6.06 9.02
C MET C 309 9.37 6.63 10.01
N VAL C 310 8.09 6.54 9.66
CA VAL C 310 7.02 6.89 10.60
C VAL C 310 7.12 5.97 11.83
N SER C 311 7.05 4.64 11.63
CA SER C 311 6.99 3.68 12.75
C SER C 311 8.10 3.84 13.79
N ARG C 312 9.19 4.48 13.37
CA ARG C 312 10.32 4.74 14.24
C ARG C 312 9.87 5.69 15.37
N TYR C 313 9.18 6.77 14.99
CA TYR C 313 8.63 7.72 15.96
C TYR C 313 7.68 7.02 16.88
N TRP C 314 6.90 6.10 16.33
CA TRP C 314 5.96 5.36 17.17
C TRP C 314 6.66 4.42 18.12
N PHE C 315 7.55 3.58 17.59
CA PHE C 315 8.22 2.55 18.40
C PHE C 315 9.01 3.18 19.59
N GLU C 316 9.72 4.27 19.30
CA GLU C 316 10.52 4.95 20.32
C GLU C 316 9.67 5.73 21.32
N SER C 317 8.86 6.66 20.80
CA SER C 317 8.07 7.56 21.67
C SER C 317 6.91 6.84 22.38
N LEU C 318 6.33 5.82 21.75
CA LEU C 318 5.13 5.19 22.30
C LEU C 318 5.38 3.82 22.95
N ALA C 319 6.46 3.15 22.57
CA ALA C 319 6.73 1.82 23.10
C ALA C 319 8.06 1.74 23.86
N GLY C 320 8.88 2.80 23.76
CA GLY C 320 10.21 2.81 24.36
C GLY C 320 11.15 1.71 23.87
N ILE C 321 11.06 1.36 22.58
CA ILE C 321 11.97 0.39 21.95
C ILE C 321 12.84 1.06 20.85
N PRO C 322 14.19 1.06 21.02
CA PRO C 322 15.07 1.68 20.02
C PRO C 322 14.82 1.15 18.58
N CYS C 323 14.57 2.08 17.68
CA CYS C 323 14.22 1.73 16.32
C CYS C 323 15.13 2.44 15.31
N ASP C 324 15.69 1.67 14.38
CA ASP C 324 16.40 2.26 13.27
C ASP C 324 15.85 1.74 11.95
N VAL C 325 15.72 2.64 10.99
CA VAL C 325 15.24 2.33 9.64
C VAL C 325 16.32 2.65 8.63
N GLU C 326 16.51 1.81 7.62
CA GLU C 326 17.55 2.08 6.63
C GLU C 326 17.18 1.48 5.28
N ILE C 327 17.57 2.18 4.22
CA ILE C 327 17.35 1.68 2.88
C ILE C 327 18.09 0.36 2.65
N ALA C 328 17.42 -0.58 2.01
CA ALA C 328 17.95 -1.91 1.90
C ALA C 328 19.20 -1.93 1.02
N SER C 329 19.27 -1.05 0.02
CA SER C 329 20.38 -1.12 -0.95
C SER C 329 21.69 -0.74 -0.29
N GLU C 330 21.60 0.00 0.81
CA GLU C 330 22.80 0.37 1.58
C GLU C 330 23.07 -0.67 2.66
N PHE C 331 22.03 -1.06 3.40
CA PHE C 331 22.20 -2.06 4.44
C PHE C 331 22.84 -3.36 3.95
N ARG C 332 22.41 -3.82 2.78
CA ARG C 332 22.80 -5.13 2.29
C ARG C 332 24.32 -5.31 2.04
N TYR C 333 25.05 -4.20 1.96
CA TYR C 333 26.45 -4.25 1.66
C TYR C 333 27.32 -3.64 2.74
N ARG C 334 26.71 -3.15 3.82
CA ARG C 334 27.62 -2.63 4.84
C ARG C 334 27.89 -3.63 5.94
N LYS C 335 29.08 -3.52 6.51
CA LYS C 335 29.44 -4.30 7.64
C LYS C 335 28.83 -3.58 8.85
N SER C 336 27.63 -4.00 9.25
CA SER C 336 26.91 -3.32 10.34
C SER C 336 27.25 -3.91 11.70
N ALA C 337 27.07 -3.11 12.76
CA ALA C 337 27.30 -3.54 14.14
C ALA C 337 25.96 -4.02 14.70
N VAL C 338 25.86 -5.33 14.97
CA VAL C 338 24.55 -5.95 15.25
C VAL C 338 24.14 -5.75 16.70
N ARG C 339 23.11 -4.94 16.93
CA ARG C 339 22.56 -4.73 18.28
C ARG C 339 22.14 -6.05 18.91
N ARG C 340 22.31 -6.16 20.22
CA ARG C 340 21.87 -7.34 20.96
C ARG C 340 20.34 -7.42 21.01
N ASN C 341 19.84 -8.66 20.96
CA ASN C 341 18.38 -8.95 20.93
C ASN C 341 17.59 -8.04 19.98
N SER C 342 17.99 -8.06 18.71
CA SER C 342 17.46 -7.14 17.74
C SER C 342 16.46 -7.84 16.80
N LEU C 343 15.33 -7.17 16.53
CA LEU C 343 14.28 -7.70 15.66
C LEU C 343 14.25 -7.06 14.25
N MET C 344 14.46 -7.90 13.23
CA MET C 344 14.39 -7.45 11.84
C MET C 344 12.95 -7.40 11.36
N ILE C 345 12.51 -6.20 11.00
CA ILE C 345 11.24 -6.02 10.32
C ILE C 345 11.53 -5.50 8.92
N THR C 346 11.13 -6.30 7.92
CA THR C 346 11.05 -5.87 6.52
C THR C 346 9.61 -5.41 6.23
N LEU C 347 9.50 -4.34 5.46
CA LEU C 347 8.25 -3.84 4.99
C LEU C 347 8.32 -3.97 3.46
N SER C 348 7.34 -4.61 2.84
CA SER C 348 7.36 -4.77 1.39
C SER C 348 5.95 -5.09 0.87
N GLN C 349 5.42 -4.21 0.01
CA GLN C 349 4.15 -4.48 -0.65
C GLN C 349 4.22 -5.86 -1.32
N SER C 350 5.21 -6.04 -2.22
CA SER C 350 5.28 -7.21 -3.08
C SER C 350 5.90 -8.41 -2.38
N GLY C 351 6.79 -8.16 -1.41
CA GLY C 351 7.47 -9.24 -0.69
C GLY C 351 8.55 -9.90 -1.54
N GLU C 352 8.93 -9.23 -2.62
CA GLU C 352 9.77 -9.82 -3.67
C GLU C 352 10.94 -8.89 -4.02
N THR C 353 11.01 -7.72 -3.41
CA THR C 353 12.04 -6.71 -3.72
C THR C 353 13.43 -7.23 -3.38
N ALA C 354 14.28 -7.33 -4.41
CA ALA C 354 15.61 -7.91 -4.29
C ALA C 354 16.40 -7.35 -3.13
N ASP C 355 16.55 -6.03 -3.06
CA ASP C 355 17.38 -5.47 -1.98
C ASP C 355 16.91 -5.82 -0.57
N THR C 356 15.58 -5.79 -0.34
CA THR C 356 14.99 -6.05 1.00
C THR C 356 15.15 -7.50 1.36
N LEU C 357 14.90 -8.35 0.39
CA LEU C 357 15.13 -9.76 0.51
C LEU C 357 16.58 -10.06 0.93
N ALA C 358 17.53 -9.40 0.27
CA ALA C 358 18.96 -9.58 0.57
C ALA C 358 19.24 -9.10 1.99
N GLY C 359 18.50 -8.07 2.40
CA GLY C 359 18.61 -7.52 3.74
C GLY C 359 18.19 -8.55 4.76
N LEU C 360 17.06 -9.19 4.50
CA LEU C 360 16.59 -10.24 5.40
C LEU C 360 17.55 -11.40 5.41
N ARG C 361 18.02 -11.81 4.22
CA ARG C 361 18.91 -12.94 4.16
C ARG C 361 20.20 -12.69 4.95
N LEU C 362 20.68 -11.46 4.88
CA LEU C 362 21.87 -11.06 5.61
C LEU C 362 21.67 -11.12 7.13
N SER C 363 20.46 -10.80 7.58
CA SER C 363 20.17 -10.78 9.01
C SER C 363 20.38 -12.15 9.67
N LYS C 364 20.00 -13.19 8.97
CA LYS C 364 20.09 -14.52 9.53
C LYS C 364 21.54 -14.92 9.77
N GLU C 365 22.38 -14.77 8.73
CA GLU C 365 23.82 -15.02 8.81
C GLU C 365 24.47 -14.19 9.94
N LEU C 366 23.89 -13.02 10.23
CA LEU C 366 24.44 -12.12 11.24
C LEU C 366 23.92 -12.37 12.65
N GLY C 367 23.02 -13.34 12.81
CA GLY C 367 22.40 -13.60 14.11
C GLY C 367 21.63 -12.42 14.72
N TYR C 368 20.48 -12.11 14.11
CA TYR C 368 19.47 -11.25 14.74
C TYR C 368 18.62 -12.15 15.65
N LEU C 369 17.76 -11.59 16.49
CA LEU C 369 16.97 -12.46 17.37
C LEU C 369 16.02 -13.29 16.51
N GLY C 370 15.36 -12.62 15.58
CA GLY C 370 14.41 -13.26 14.69
C GLY C 370 13.97 -12.24 13.67
N SER C 371 13.00 -12.62 12.83
CA SER C 371 12.53 -11.71 11.78
C SER C 371 11.02 -11.76 11.55
N LEU C 372 10.46 -10.58 11.27
CA LEU C 372 9.05 -10.38 11.04
C LEU C 372 8.91 -9.67 9.72
N ALA C 373 7.89 -10.08 8.96
CA ALA C 373 7.63 -9.54 7.63
C ALA C 373 6.24 -8.90 7.62
N ILE C 374 6.17 -7.66 7.14
CA ILE C 374 4.89 -6.99 6.98
C ILE C 374 4.81 -6.82 5.50
N CYS C 375 3.89 -7.57 4.89
CA CYS C 375 3.86 -7.78 3.47
C CYS C 375 2.41 -7.89 2.97
N ASN C 376 2.20 -7.40 1.75
CA ASN C 376 0.92 -7.46 1.10
C ASN C 376 0.66 -8.65 0.16
N VAL C 377 1.64 -9.51 -0.08
CA VAL C 377 1.46 -10.59 -1.02
C VAL C 377 1.65 -11.95 -0.36
N PRO C 378 0.54 -12.67 -0.09
CA PRO C 378 0.60 -14.01 0.52
C PRO C 378 1.63 -14.96 -0.14
N GLY C 379 2.42 -15.65 0.69
CA GLY C 379 3.38 -16.64 0.19
C GLY C 379 4.55 -16.10 -0.63
N SER C 380 4.73 -14.79 -0.63
CA SER C 380 5.90 -14.16 -1.25
C SER C 380 7.14 -14.59 -0.46
N SER C 381 8.30 -14.25 -0.98
CA SER C 381 9.58 -14.69 -0.40
C SER C 381 9.90 -14.07 0.96
N LEU C 382 9.50 -12.82 1.17
CA LEU C 382 9.80 -12.17 2.44
C LEU C 382 8.95 -12.82 3.52
N VAL C 383 7.69 -13.08 3.15
CA VAL C 383 6.76 -13.76 4.04
C VAL C 383 7.33 -15.13 4.40
N ARG C 384 7.70 -15.93 3.41
CA ARG C 384 8.00 -17.31 3.68
C ARG C 384 9.42 -17.54 4.20
N GLU C 385 10.27 -16.51 4.12
CA GLU C 385 11.63 -16.63 4.66
C GLU C 385 11.78 -16.01 6.06
N SER C 386 10.70 -15.44 6.59
CA SER C 386 10.70 -14.88 7.97
C SER C 386 10.13 -15.84 9.01
N ASP C 387 10.43 -15.60 10.29
CA ASP C 387 9.88 -16.47 11.32
C ASP C 387 8.42 -16.13 11.52
N LEU C 388 8.13 -14.83 11.56
CA LEU C 388 6.77 -14.35 11.70
C LEU C 388 6.36 -13.49 10.50
N ALA C 389 5.06 -13.49 10.24
CA ALA C 389 4.49 -12.74 9.12
C ALA C 389 3.18 -12.09 9.54
N LEU C 390 3.02 -10.82 9.15
CA LEU C 390 1.85 -10.04 9.48
C LEU C 390 1.36 -9.39 8.18
N MET C 391 0.41 -10.05 7.49
CA MET C 391 -0.08 -9.59 6.18
C MET C 391 -0.85 -8.29 6.27
N THR C 392 -0.88 -7.52 5.20
CA THR C 392 -1.62 -6.25 5.23
C THR C 392 -3.05 -6.32 4.68
N ASN C 393 -3.39 -7.34 3.88
CA ASN C 393 -4.78 -7.52 3.37
C ASN C 393 -5.37 -6.36 2.52
N ALA C 394 -4.51 -5.63 1.79
CA ALA C 394 -4.94 -4.55 0.89
C ALA C 394 -5.38 -5.03 -0.51
N GLY C 395 -5.07 -6.30 -0.83
CA GLY C 395 -5.40 -6.89 -2.15
C GLY C 395 -4.49 -6.35 -3.24
N THR C 396 -4.60 -6.91 -4.44
CA THR C 396 -3.78 -6.48 -5.58
C THR C 396 -3.60 -4.95 -5.73
N GLU C 397 -2.35 -4.52 -5.77
CA GLU C 397 -2.04 -3.15 -6.14
C GLU C 397 -1.36 -3.13 -7.50
N ILE C 398 -1.97 -2.48 -8.49
CA ILE C 398 -1.44 -2.47 -9.86
C ILE C 398 -0.70 -1.18 -10.18
N GLY C 399 -1.20 -0.02 -9.75
CA GLY C 399 -0.47 1.27 -9.96
C GLY C 399 1.01 1.27 -9.48
N VAL C 400 1.93 1.73 -10.36
CA VAL C 400 3.39 1.62 -10.13
C VAL C 400 3.78 2.23 -8.78
N ALA C 401 3.29 3.44 -8.52
CA ALA C 401 3.37 4.17 -7.24
C ALA C 401 2.44 3.61 -6.14
N SER C 402 2.96 3.19 -4.98
CA SER C 402 2.11 2.52 -4.01
C SER C 402 1.21 3.51 -3.24
N THR C 403 0.01 3.08 -2.82
CA THR C 403 -0.88 3.94 -2.01
C THR C 403 -1.40 3.13 -0.84
N LYS C 404 -2.45 2.35 -1.07
CA LYS C 404 -3.02 1.43 -0.07
C LYS C 404 -1.95 0.58 0.64
N ALA C 405 -0.95 0.11 -0.13
CA ALA C 405 0.19 -0.59 0.43
C ALA C 405 0.80 0.18 1.61
N PHE C 406 1.10 1.46 1.38
CA PHE C 406 1.79 2.27 2.35
C PHE C 406 0.85 2.45 3.58
N THR C 407 -0.25 3.10 3.31
CA THR C 407 -1.30 3.31 4.23
C THR C 407 -1.65 2.09 5.11
N THR C 408 -1.78 0.90 4.53
CA THR C 408 -2.03 -0.31 5.32
C THR C 408 -0.80 -0.79 6.12
N GLN C 409 0.42 -0.59 5.57
CA GLN C 409 1.66 -0.85 6.35
C GLN C 409 1.66 -0.05 7.66
N LEU C 410 1.42 1.26 7.56
CA LEU C 410 1.29 2.06 8.80
C LEU C 410 0.34 1.38 9.81
N THR C 411 -0.85 1.02 9.34
CA THR C 411 -1.91 0.43 10.17
C THR C 411 -1.38 -0.77 10.97
N VAL C 412 -0.63 -1.63 10.27
CA VAL C 412 -0.05 -2.83 10.84
C VAL C 412 1.09 -2.51 11.81
N LEU C 413 2.05 -1.66 11.39
CA LEU C 413 3.09 -1.15 12.30
C LEU C 413 2.47 -0.72 13.63
N LEU C 414 1.46 0.13 13.52
CA LEU C 414 0.73 0.68 14.66
C LEU C 414 0.18 -0.39 15.58
N MET C 415 -0.31 -1.51 15.03
CA MET C 415 -0.76 -2.63 15.85
C MET C 415 0.42 -3.31 16.58
N LEU C 416 1.51 -3.51 15.85
CA LEU C 416 2.73 -4.10 16.44
C LEU C 416 3.32 -3.20 17.55
N VAL C 417 3.30 -1.89 17.31
CA VAL C 417 3.67 -0.92 18.31
C VAL C 417 2.86 -1.24 19.57
N ALA C 418 1.54 -1.26 19.42
CA ALA C 418 0.63 -1.54 20.51
C ALA C 418 0.95 -2.87 21.20
N LYS C 419 0.96 -3.98 20.46
CA LYS C 419 1.26 -5.30 21.02
C LYS C 419 2.53 -5.35 21.90
N LEU C 420 3.57 -4.65 21.46
CA LEU C 420 4.88 -4.64 22.14
C LEU C 420 4.88 -3.75 23.38
N SER C 421 3.98 -2.77 23.40
CA SER C 421 3.73 -1.99 24.60
C SER C 421 3.15 -2.90 25.69
N LYS C 422 2.21 -3.77 25.29
CA LYS C 422 1.64 -4.74 26.22
C LYS C 422 2.68 -5.79 26.58
N LEU C 423 3.49 -6.19 25.60
CA LEU C 423 4.62 -7.08 25.86
C LEU C 423 5.60 -6.44 26.87
N LYS C 424 5.87 -5.14 26.73
CA LYS C 424 6.78 -4.41 27.61
C LYS C 424 6.30 -4.15 29.04
N GLY C 425 5.05 -4.51 29.33
CA GLY C 425 4.41 -4.22 30.62
C GLY C 425 4.27 -2.73 30.84
N LEU C 426 4.10 -2.00 29.72
CA LEU C 426 4.05 -0.53 29.70
C LEU C 426 2.66 0.01 30.04
N ASP C 427 2.57 1.34 30.18
CA ASP C 427 1.33 2.04 30.53
C ASP C 427 0.19 1.70 29.57
N ALA C 428 -0.81 0.97 30.08
CA ALA C 428 -1.95 0.46 29.29
C ALA C 428 -2.70 1.51 28.44
N SER C 429 -2.44 2.80 28.73
CA SER C 429 -2.92 3.91 27.93
C SER C 429 -2.46 3.80 26.47
N ILE C 430 -1.20 3.42 26.27
CA ILE C 430 -0.61 3.23 24.95
C ILE C 430 -1.53 2.45 24.02
N GLU C 431 -1.91 1.24 24.43
CA GLU C 431 -2.69 0.30 23.62
C GLU C 431 -4.08 0.83 23.26
N HIS C 432 -4.85 1.19 24.29
CA HIS C 432 -6.22 1.72 24.15
C HIS C 432 -6.31 2.93 23.25
N ASP C 433 -5.37 3.86 23.39
CA ASP C 433 -5.34 5.06 22.57
C ASP C 433 -5.00 4.75 21.09
N ILE C 434 -4.27 3.66 20.86
CA ILE C 434 -3.91 3.21 19.49
C ILE C 434 -5.10 2.50 18.86
N VAL C 435 -5.66 1.54 19.60
CA VAL C 435 -6.86 0.79 19.20
C VAL C 435 -8.07 1.70 18.94
N HIS C 436 -8.23 2.75 19.75
CA HIS C 436 -9.27 3.76 19.53
C HIS C 436 -9.00 4.51 18.20
N GLY C 437 -7.75 4.89 17.95
CA GLY C 437 -7.38 5.56 16.70
C GLY C 437 -7.50 4.68 15.45
N LEU C 438 -7.18 3.39 15.60
CA LEU C 438 -7.21 2.43 14.49
C LEU C 438 -8.65 2.06 14.14
N GLN C 439 -9.50 2.05 15.16
CA GLN C 439 -10.93 1.78 14.99
C GLN C 439 -11.63 3.01 14.38
N ALA C 440 -11.12 4.21 14.69
CA ALA C 440 -11.54 5.46 14.07
C ALA C 440 -11.07 5.66 12.62
N LEU C 441 -9.97 5.01 12.26
CA LEU C 441 -9.22 5.32 11.05
C LEU C 441 -9.92 5.20 9.66
N PRO C 442 -10.54 4.04 9.34
CA PRO C 442 -11.19 3.97 8.00
C PRO C 442 -12.18 5.11 7.73
N SER C 443 -12.94 5.53 8.76
CA SER C 443 -13.85 6.69 8.69
C SER C 443 -13.12 8.03 8.57
N ARG C 444 -12.11 8.26 9.41
CA ARG C 444 -11.18 9.36 9.18
C ARG C 444 -10.66 9.34 7.69
N ILE C 445 -10.18 8.19 7.21
CA ILE C 445 -9.76 8.10 5.81
C ILE C 445 -10.95 8.39 4.87
N GLU C 446 -12.12 7.81 5.14
CA GLU C 446 -13.29 8.09 4.29
C GLU C 446 -13.53 9.62 4.22
N GLN C 447 -13.49 10.28 5.40
CA GLN C 447 -13.64 11.74 5.50
C GLN C 447 -12.61 12.54 4.70
N MET C 448 -11.32 12.21 4.83
CA MET C 448 -10.31 12.79 3.97
C MET C 448 -10.50 12.56 2.45
N LEU C 449 -11.07 11.42 2.06
CA LEU C 449 -11.25 11.15 0.64
C LEU C 449 -12.21 12.09 -0.06
N SER C 450 -13.21 12.62 0.65
CA SER C 450 -14.15 13.58 0.07
C SER C 450 -13.64 15.02 0.21
N GLN C 451 -12.34 15.13 0.42
CA GLN C 451 -11.61 16.39 0.37
C GLN C 451 -10.93 16.49 -0.99
N ASP C 452 -11.25 15.52 -1.86
CA ASP C 452 -10.70 15.40 -3.21
C ASP C 452 -10.85 16.63 -4.14
N LYS C 453 -12.07 17.13 -4.23
CA LYS C 453 -12.39 18.30 -5.07
C LYS C 453 -11.48 19.49 -4.80
N ARG C 454 -11.29 19.81 -3.53
CA ARG C 454 -10.43 20.93 -3.13
C ARG C 454 -8.98 20.69 -3.59
N ILE C 455 -8.50 19.45 -3.47
CA ILE C 455 -7.10 19.14 -3.79
C ILE C 455 -6.88 19.24 -5.30
N GLU C 456 -7.87 18.78 -6.08
CA GLU C 456 -7.83 18.87 -7.54
C GLU C 456 -7.81 20.31 -8.07
N ALA C 457 -8.64 21.16 -7.48
CA ALA C 457 -8.67 22.59 -7.82
C ALA C 457 -7.26 23.12 -7.66
N LEU C 458 -6.70 22.79 -6.52
CA LEU C 458 -5.42 23.28 -6.12
C LEU C 458 -4.26 22.80 -7.04
N ALA C 459 -4.39 21.58 -7.56
CA ALA C 459 -3.35 20.98 -8.42
C ALA C 459 -3.11 21.77 -9.71
N GLU C 460 -4.13 22.48 -10.14
CA GLU C 460 -3.99 23.27 -11.34
C GLU C 460 -2.84 24.26 -11.27
N ASP C 461 -2.60 24.80 -10.06
CA ASP C 461 -1.53 25.72 -9.77
C ASP C 461 -0.17 25.19 -10.20
N PHE C 462 -0.07 23.88 -10.41
CA PHE C 462 1.26 23.24 -10.63
C PHE C 462 1.61 23.03 -12.11
N SER C 463 0.67 23.39 -13.01
CA SER C 463 0.88 23.28 -14.47
C SER C 463 2.21 23.87 -14.97
N ASP C 464 2.69 24.91 -14.31
CA ASP C 464 3.86 25.63 -14.77
C ASP C 464 5.09 25.33 -13.90
N LYS C 465 4.88 24.56 -12.82
CA LYS C 465 5.91 24.31 -11.79
C LYS C 465 6.78 23.06 -12.07
N HIS C 466 8.07 23.17 -11.77
CA HIS C 466 9.12 22.17 -12.08
C HIS C 466 9.86 21.74 -10.85
N HIS C 467 9.76 22.54 -9.79
CA HIS C 467 10.27 22.18 -8.51
C HIS C 467 9.15 22.14 -7.52
N ALA C 468 9.38 21.53 -6.38
CA ALA C 468 8.50 21.66 -5.20
C ALA C 468 9.22 21.13 -3.99
N LEU C 469 9.16 21.86 -2.87
CA LEU C 469 9.64 21.34 -1.60
C LEU C 469 8.49 20.81 -0.78
N PHE C 470 8.77 19.85 0.09
CA PHE C 470 7.77 19.29 0.98
C PHE C 470 8.38 19.29 2.36
N LEU C 471 7.81 20.05 3.31
CA LEU C 471 8.35 20.09 4.65
C LEU C 471 7.41 19.44 5.63
N GLY C 472 7.98 18.88 6.69
CA GLY C 472 7.21 18.35 7.82
C GLY C 472 8.08 18.36 9.06
N ARG C 473 7.52 17.97 10.21
CA ARG C 473 8.36 17.71 11.40
C ARG C 473 7.90 16.47 12.16
N GLY C 474 8.81 15.89 12.94
CA GLY C 474 8.50 14.68 13.73
C GLY C 474 7.97 13.55 12.86
N ASP C 475 6.97 12.82 13.37
CA ASP C 475 6.30 11.71 12.66
C ASP C 475 5.69 12.12 11.31
N GLN C 476 5.57 13.43 11.10
CA GLN C 476 5.01 13.96 9.87
C GLN C 476 6.10 14.34 8.88
N TYR C 477 7.36 14.27 9.30
CA TYR C 477 8.48 14.38 8.32
C TYR C 477 8.58 13.26 7.26
N PRO C 478 8.46 11.98 7.69
CA PRO C 478 8.44 10.92 6.66
C PRO C 478 7.20 10.94 5.77
N ILE C 479 6.11 11.54 6.25
CA ILE C 479 4.94 11.81 5.40
C ILE C 479 5.27 12.82 4.29
N ALA C 480 6.12 13.80 4.59
CA ALA C 480 6.57 14.75 3.54
C ALA C 480 7.51 14.06 2.53
N LEU C 481 8.32 13.13 3.03
CA LEU C 481 9.13 12.27 2.14
C LEU C 481 8.21 11.51 1.15
N GLU C 482 7.19 10.87 1.71
CA GLU C 482 6.26 10.05 0.97
C GLU C 482 5.48 10.85 -0.02
N GLY C 483 5.14 12.06 0.39
CA GLY C 483 4.50 13.04 -0.50
C GLY C 483 5.41 13.49 -1.66
N ALA C 484 6.69 13.71 -1.39
CA ALA C 484 7.62 14.23 -2.39
C ALA C 484 7.95 13.16 -3.43
N LEU C 485 8.16 11.94 -2.94
CA LEU C 485 8.37 10.75 -3.79
C LEU C 485 7.16 10.49 -4.71
N LYS C 486 5.92 10.55 -4.18
CA LYS C 486 4.74 10.40 -5.05
C LYS C 486 4.81 11.41 -6.14
N LEU C 487 5.08 12.64 -5.76
CA LEU C 487 4.97 13.73 -6.72
C LEU C 487 6.02 13.63 -7.81
N LYS C 488 7.29 13.55 -7.42
CA LYS C 488 8.37 13.42 -8.43
C LYS C 488 8.23 12.20 -9.33
N GLU C 489 7.73 11.08 -8.78
CA GLU C 489 7.69 9.78 -9.51
C GLU C 489 6.64 9.84 -10.58
N ILE C 490 5.46 10.36 -10.22
CA ILE C 490 4.38 10.36 -11.21
C ILE C 490 4.04 11.67 -11.95
N SER C 491 4.58 12.81 -11.55
CA SER C 491 4.41 14.08 -12.29
C SER C 491 5.72 14.55 -12.94
N TYR C 492 6.87 14.07 -12.43
CA TYR C 492 8.25 14.43 -12.88
C TYR C 492 8.68 15.87 -12.55
N ILE C 493 7.94 16.50 -11.66
CA ILE C 493 8.36 17.79 -11.07
C ILE C 493 9.39 17.35 -10.05
N HIS C 494 10.49 18.10 -9.95
CA HIS C 494 11.50 17.87 -8.95
C HIS C 494 11.01 18.16 -7.56
N ALA C 495 10.17 17.30 -6.99
CA ALA C 495 9.81 17.42 -5.54
C ALA C 495 10.94 16.99 -4.60
N GLU C 496 11.14 17.70 -3.50
CA GLU C 496 12.16 17.34 -2.52
C GLU C 496 11.65 17.62 -1.12
N ALA C 497 11.79 16.66 -0.23
CA ALA C 497 11.26 16.75 1.10
C ALA C 497 12.41 17.09 2.03
N TYR C 498 12.08 17.78 3.11
CA TYR C 498 13.03 18.23 4.10
C TYR C 498 12.34 18.25 5.45
N ALA C 499 13.10 18.09 6.53
CA ALA C 499 12.55 18.30 7.84
C ALA C 499 12.49 19.82 7.86
N ALA C 500 11.43 20.39 8.45
CA ALA C 500 11.28 21.84 8.50
C ALA C 500 12.55 22.52 9.02
N GLY C 501 13.29 21.79 9.87
CA GLY C 501 14.37 22.39 10.58
C GLY C 501 15.68 22.49 9.83
N GLU C 502 15.82 21.86 8.68
CA GLU C 502 17.15 21.89 8.02
C GLU C 502 17.33 23.03 7.03
N LEU C 503 16.27 23.79 6.84
CA LEU C 503 16.22 24.74 5.73
C LEU C 503 17.31 25.79 5.92
N LYS C 504 17.38 26.31 7.14
CA LYS C 504 18.30 27.39 7.50
C LYS C 504 19.80 27.03 7.42
N HIS C 505 20.09 25.75 7.18
CA HIS C 505 21.48 25.26 7.11
C HIS C 505 21.91 25.11 5.68
N GLY C 506 21.10 25.54 4.73
CA GLY C 506 21.56 25.64 3.36
C GLY C 506 20.51 25.62 2.29
N PRO C 507 19.51 24.71 2.42
CA PRO C 507 18.50 24.51 1.40
C PRO C 507 17.50 25.67 1.29
N LEU C 508 17.37 26.52 2.32
CA LEU C 508 16.55 27.73 2.21
C LEU C 508 16.98 28.61 1.03
N ALA C 509 18.25 28.50 0.61
CA ALA C 509 18.76 29.22 -0.56
C ALA C 509 17.88 29.00 -1.79
N LEU C 510 17.26 27.83 -1.88
CA LEU C 510 16.39 27.47 -3.03
C LEU C 510 15.04 28.20 -3.09
N ILE C 511 14.66 28.96 -2.07
CA ILE C 511 13.36 29.64 -2.09
C ILE C 511 13.45 30.89 -2.96
N ASP C 512 12.66 30.93 -4.02
CA ASP C 512 12.39 32.19 -4.71
C ASP C 512 10.86 32.35 -4.93
N ALA C 513 10.45 33.36 -5.70
CA ALA C 513 9.02 33.55 -5.98
C ALA C 513 8.30 32.35 -6.68
N ASP C 514 9.05 31.56 -7.47
CA ASP C 514 8.54 30.39 -8.24
C ASP C 514 8.50 29.04 -7.49
N MET C 515 9.05 29.00 -6.27
CA MET C 515 9.12 27.73 -5.54
C MET C 515 7.87 27.43 -4.69
N PRO C 516 7.19 26.32 -4.99
CA PRO C 516 6.07 25.80 -4.16
C PRO C 516 6.55 24.98 -2.98
N VAL C 517 5.97 25.22 -1.82
CA VAL C 517 6.41 24.56 -0.62
C VAL C 517 5.16 23.92 -0.01
N ILE C 518 5.17 22.62 0.15
CA ILE C 518 4.00 21.91 0.64
C ILE C 518 4.23 21.54 2.10
N VAL C 519 3.28 21.86 2.98
CA VAL C 519 3.49 21.53 4.38
C VAL C 519 2.34 20.75 4.97
N VAL C 520 2.66 19.77 5.82
CA VAL C 520 1.65 19.02 6.59
C VAL C 520 1.62 19.53 8.06
N ALA C 521 0.55 20.19 8.44
CA ALA C 521 0.57 20.97 9.66
C ALA C 521 -0.58 20.65 10.61
N PRO C 522 -0.58 19.44 11.23
CA PRO C 522 -1.67 19.02 12.14
C PRO C 522 -1.63 19.77 13.45
N ASN C 523 -2.65 19.63 14.30
CA ASN C 523 -2.72 20.32 15.61
C ASN C 523 -1.90 19.58 16.69
N ASN C 524 -0.58 19.84 16.68
CA ASN C 524 0.45 19.12 17.44
C ASN C 524 1.25 20.03 18.31
N GLU C 525 1.88 19.46 19.31
CA GLU C 525 2.85 20.15 20.19
C GLU C 525 4.07 20.71 19.39
N LEU C 526 4.25 20.20 18.17
CA LEU C 526 5.25 20.69 17.20
C LEU C 526 4.74 21.84 16.33
N LEU C 527 3.46 22.17 16.50
CA LEU C 527 2.77 23.06 15.56
C LEU C 527 3.39 24.45 15.54
N GLU C 528 3.63 25.01 16.73
CA GLU C 528 4.20 26.35 16.88
C GLU C 528 5.61 26.44 16.29
N LYS C 529 6.48 25.47 16.59
CA LYS C 529 7.78 25.42 15.92
C LYS C 529 7.67 25.24 14.38
N LEU C 530 6.69 24.47 13.92
CA LEU C 530 6.42 24.35 12.48
C LEU C 530 6.06 25.69 11.84
N LYS C 531 5.16 26.45 12.49
CA LYS C 531 4.75 27.75 12.00
C LYS C 531 5.95 28.66 11.77
N SER C 532 6.81 28.73 12.76
CA SER C 532 8.04 29.51 12.65
C SER C 532 8.76 29.18 11.34
N ASN C 533 8.90 27.89 11.06
CA ASN C 533 9.49 27.50 9.79
C ASN C 533 8.77 27.90 8.55
N ILE C 534 7.45 27.93 8.62
CA ILE C 534 6.67 28.39 7.49
C ILE C 534 6.97 29.87 7.29
N GLU C 535 6.95 30.62 8.40
CA GLU C 535 7.29 32.04 8.37
C GLU C 535 8.62 32.27 7.64
N GLU C 536 9.68 31.58 8.05
CA GLU C 536 10.99 31.80 7.43
C GLU C 536 10.99 31.59 5.90
N VAL C 537 10.30 30.56 5.40
CA VAL C 537 10.06 30.41 3.97
C VAL C 537 9.21 31.55 3.34
N ARG C 538 8.06 31.86 3.92
CA ARG C 538 7.21 32.91 3.32
C ARG C 538 7.95 34.27 3.29
N ALA C 539 8.83 34.49 4.28
CA ALA C 539 9.72 35.65 4.32
C ALA C 539 10.56 35.87 3.06
N ARG C 540 10.91 34.78 2.42
CA ARG C 540 11.84 34.78 1.29
C ARG C 540 11.14 34.55 -0.07
N GLY C 541 9.83 34.33 -0.04
CA GLY C 541 8.99 34.43 -1.25
C GLY C 541 8.30 33.17 -1.73
N GLY C 542 8.16 32.18 -0.84
CA GLY C 542 7.62 30.87 -1.22
C GLY C 542 6.11 30.76 -1.25
N GLN C 543 5.59 30.16 -2.33
CA GLN C 543 4.20 29.81 -2.42
C GLN C 543 3.84 28.63 -1.54
N LEU C 544 3.25 28.90 -0.39
CA LEU C 544 2.93 27.84 0.56
C LEU C 544 1.56 27.13 0.37
N TYR C 545 1.58 25.81 0.47
CA TYR C 545 0.38 25.02 0.44
C TYR C 545 0.39 24.21 1.74
N VAL C 546 -0.52 24.54 2.64
CA VAL C 546 -0.39 24.13 4.05
C VAL C 546 -1.63 23.32 4.44
N PHE C 547 -1.41 22.05 4.72
CA PHE C 547 -2.48 21.11 5.07
C PHE C 547 -2.60 21.08 6.60
N ALA C 548 -3.48 21.93 7.14
CA ALA C 548 -3.49 22.18 8.57
C ALA C 548 -4.80 21.79 9.28
N ASP C 549 -4.68 21.11 10.43
CA ASP C 549 -5.86 20.83 11.28
C ASP C 549 -6.80 22.02 11.34
N GLN C 550 -8.09 21.71 11.32
CA GLN C 550 -9.18 22.69 11.48
C GLN C 550 -8.80 23.91 12.32
N ASP C 551 -8.45 23.68 13.60
CA ASP C 551 -8.26 24.79 14.57
C ASP C 551 -6.80 25.26 14.76
N ALA C 552 -5.85 24.71 14.00
CA ALA C 552 -4.43 25.05 14.18
C ALA C 552 -4.09 26.56 14.08
N GLY C 553 -4.99 27.34 13.48
CA GLY C 553 -4.92 28.82 13.50
C GLY C 553 -4.15 29.57 12.42
N PHE C 554 -4.01 28.96 11.23
CA PHE C 554 -3.34 29.62 10.11
C PHE C 554 -4.15 30.67 9.39
N VAL C 555 -3.47 31.74 8.95
CA VAL C 555 -4.14 32.78 8.17
C VAL C 555 -3.75 32.75 6.67
N SER C 556 -4.75 32.61 5.80
CA SER C 556 -4.61 32.78 4.33
C SER C 556 -4.01 34.14 3.91
N SER C 557 -3.19 34.13 2.86
CA SER C 557 -2.60 35.33 2.24
C SER C 557 -2.58 35.18 0.72
N ASP C 558 -1.67 35.91 0.06
CA ASP C 558 -1.40 35.71 -1.37
C ASP C 558 -0.64 34.40 -1.60
N ASN C 559 0.52 34.27 -0.96
CA ASN C 559 1.21 32.98 -0.96
C ASN C 559 1.06 32.29 0.39
N MET C 560 -0.18 31.93 0.72
CA MET C 560 -0.48 31.03 1.84
C MET C 560 -1.86 30.38 1.65
N HIS C 561 -1.87 29.37 0.79
CA HIS C 561 -3.09 28.58 0.52
C HIS C 561 -3.23 27.54 1.60
N ILE C 562 -4.25 27.70 2.46
CA ILE C 562 -4.50 26.73 3.54
C ILE C 562 -5.53 25.68 3.12
N ILE C 563 -5.22 24.41 3.37
CA ILE C 563 -6.18 23.31 3.14
C ILE C 563 -6.59 22.70 4.50
N GLU C 564 -7.76 23.09 4.97
CA GLU C 564 -8.24 22.77 6.33
C GLU C 564 -8.61 21.30 6.52
N MET C 565 -8.21 20.74 7.64
CA MET C 565 -8.34 19.30 7.87
C MET C 565 -9.31 19.00 9.00
N PRO C 566 -10.14 17.94 8.84
CA PRO C 566 -10.88 17.61 10.04
C PRO C 566 -9.97 17.10 11.17
N HIS C 567 -10.61 16.80 12.30
CA HIS C 567 -9.93 16.28 13.46
C HIS C 567 -9.53 14.85 13.27
N VAL C 568 -8.34 14.54 13.77
CA VAL C 568 -7.88 13.18 13.81
C VAL C 568 -7.13 12.95 15.11
N GLU C 569 -7.46 11.84 15.77
CA GLU C 569 -6.69 11.33 16.91
C GLU C 569 -5.20 11.26 16.53
N GLU C 570 -4.35 11.81 17.39
CA GLU C 570 -2.99 12.14 17.00
C GLU C 570 -2.17 10.96 16.41
N VAL C 571 -2.50 9.76 16.88
CA VAL C 571 -1.76 8.55 16.69
C VAL C 571 -1.97 8.03 15.29
N ILE C 572 -3.08 8.41 14.66
CA ILE C 572 -3.32 8.06 13.23
C ILE C 572 -3.12 9.28 12.31
N ALA C 573 -2.67 10.41 12.86
CA ALA C 573 -2.37 11.61 12.08
C ALA C 573 -1.49 11.35 10.84
N PRO C 574 -0.37 10.60 10.97
CA PRO C 574 0.44 10.36 9.77
C PRO C 574 -0.34 9.75 8.60
N ILE C 575 -1.15 8.73 8.92
CA ILE C 575 -1.82 7.96 7.87
C ILE C 575 -2.83 8.91 7.23
N PHE C 576 -3.45 9.75 8.05
CA PHE C 576 -4.46 10.73 7.65
C PHE C 576 -3.92 11.79 6.67
N TYR C 577 -2.78 12.38 7.00
CA TYR C 577 -2.20 13.47 6.23
C TYR C 577 -1.53 12.92 4.99
N THR C 578 -1.37 11.60 4.95
CA THR C 578 -0.81 10.98 3.76
C THR C 578 -1.80 11.15 2.60
N VAL C 579 -3.09 10.91 2.86
CA VAL C 579 -4.11 10.86 1.78
C VAL C 579 -4.13 12.14 0.94
N PRO C 580 -3.97 13.33 1.59
CA PRO C 580 -3.93 14.57 0.81
C PRO C 580 -2.85 14.60 -0.27
N LEU C 581 -1.64 14.12 0.05
CA LEU C 581 -0.52 14.30 -0.83
C LEU C 581 -0.60 13.28 -1.96
N GLN C 582 -1.08 12.08 -1.62
CA GLN C 582 -1.46 11.07 -2.59
C GLN C 582 -2.37 11.70 -3.66
N LEU C 583 -3.51 12.25 -3.24
CA LEU C 583 -4.49 12.94 -4.15
C LEU C 583 -3.83 14.10 -4.93
N LEU C 584 -2.92 14.82 -4.28
CA LEU C 584 -2.20 15.91 -4.92
C LEU C 584 -1.31 15.39 -6.03
N ALA C 585 -0.53 14.35 -5.75
CA ALA C 585 0.41 13.83 -6.72
C ALA C 585 -0.39 13.40 -7.92
N TYR C 586 -1.52 12.76 -7.62
CA TYR C 586 -2.36 12.19 -8.65
C TYR C 586 -2.91 13.26 -9.59
N HIS C 587 -3.43 14.37 -9.03
CA HIS C 587 -4.07 15.44 -9.82
C HIS C 587 -3.07 16.32 -10.51
N VAL C 588 -1.89 16.53 -9.91
CA VAL C 588 -0.79 17.24 -10.60
C VAL C 588 -0.30 16.46 -11.83
N ALA C 589 -0.10 15.14 -11.68
CA ALA C 589 0.17 14.26 -12.84
C ALA C 589 -0.86 14.45 -13.93
N LEU C 590 -2.15 14.37 -13.59
CA LEU C 590 -3.22 14.55 -14.60
C LEU C 590 -3.08 15.90 -15.26
N ILE C 591 -2.84 16.96 -14.46
CA ILE C 591 -2.54 18.30 -15.00
C ILE C 591 -1.36 18.24 -15.95
N LYS C 592 -0.30 17.60 -15.50
CA LYS C 592 0.89 17.42 -16.32
C LYS C 592 0.69 16.50 -17.51
N GLY C 593 -0.35 15.66 -17.47
CA GLY C 593 -0.64 14.73 -18.61
C GLY C 593 0.39 13.59 -18.72
N THR C 594 0.89 13.14 -17.59
CA THR C 594 1.86 12.05 -17.61
C THR C 594 1.11 10.74 -17.39
N ASP C 595 1.86 9.63 -17.49
CA ASP C 595 1.31 8.29 -17.37
C ASP C 595 1.32 7.94 -15.89
N VAL C 596 0.21 8.21 -15.22
CA VAL C 596 0.09 8.06 -13.77
C VAL C 596 0.35 6.62 -13.31
N ASP C 597 -0.25 5.66 -14.05
CA ASP C 597 -0.21 4.25 -13.68
C ASP C 597 1.18 3.67 -14.03
N GLN C 598 1.79 4.17 -15.10
CA GLN C 598 3.05 3.68 -15.63
C GLN C 598 4.10 4.76 -15.87
N PRO C 599 4.66 5.35 -14.79
CA PRO C 599 5.61 6.45 -15.01
C PRO C 599 6.88 6.05 -15.77
N ARG C 600 7.43 6.98 -16.53
CA ARG C 600 8.56 6.67 -17.38
C ARG C 600 9.79 6.20 -16.58
N ASN C 601 10.62 5.38 -17.27
CA ASN C 601 11.91 4.84 -16.75
C ASN C 601 11.77 3.88 -15.60
N LEU C 602 10.55 3.52 -15.28
CA LEU C 602 10.28 2.67 -14.13
C LEU C 602 9.38 1.48 -14.51
N ALA C 603 9.09 0.65 -13.51
CA ALA C 603 7.94 -0.27 -13.50
C ALA C 603 7.72 -0.68 -12.04
N LYS C 604 6.75 -1.53 -11.76
CA LYS C 604 6.47 -1.83 -10.34
C LYS C 604 7.25 -3.04 -9.80
N SER C 605 7.83 -2.84 -8.63
CA SER C 605 8.62 -3.86 -7.90
C SER C 605 9.95 -4.13 -8.57
N VAL C 606 11.02 -3.78 -7.86
CA VAL C 606 12.42 -4.00 -8.28
C VAL C 606 12.85 -5.33 -7.73
N THR C 607 12.45 -6.39 -8.42
CA THR C 607 12.66 -7.75 -7.94
C THR C 607 14.01 -8.33 -8.36
N VAL C 608 14.77 -7.59 -9.17
CA VAL C 608 16.14 -7.96 -9.54
C VAL C 608 16.99 -6.76 -9.18
N GLU C 609 18.13 -6.99 -8.55
CA GLU C 609 18.87 -5.85 -8.00
C GLU C 609 19.14 -4.74 -9.02
C1 F6R D . -37.95 -29.87 -1.38
C2 F6R D . -37.72 -28.47 -1.97
C3 F6R D . -38.95 -27.93 -2.70
C4 F6R D . -39.05 -26.45 -2.77
C5 F6R D . -39.82 -25.85 -3.84
C6 F6R D . -39.96 -24.41 -3.83
O1 F6R D . -37.06 -30.11 -0.36
O2 F6R D . -36.59 -27.91 -1.98
O3 F6R D . -40.17 -28.26 -2.01
O4 F6R D . -38.85 -25.71 -1.66
O5 F6R D . -39.95 -26.57 -5.01
O6 F6R D . -38.78 -24.00 -4.63
P F6R D . -38.29 -22.49 -4.41
O1P F6R D . -37.20 -22.19 -5.48
O2P F6R D . -39.45 -21.57 -4.72
O3P F6R D . -37.87 -22.36 -3.02
C1 F6R E . 26.49 24.10 4.51
C2 F6R E . 26.80 24.57 5.95
C3 F6R E . 25.70 24.35 6.99
C4 F6R E . 26.11 23.70 8.29
C5 F6R E . 25.67 24.39 9.54
C6 F6R E . 25.96 23.65 10.80
O1 F6R E . 27.44 24.61 3.59
O2 F6R E . 27.86 25.09 6.22
O3 F6R E . 24.81 23.37 6.46
O4 F6R E . 27.33 22.96 8.35
O5 F6R E . 24.38 25.00 9.49
O6 F6R E . 26.72 24.59 11.52
P F6R E . 27.80 24.12 12.56
O1P F6R E . 28.33 25.39 13.12
O2P F6R E . 27.01 23.27 13.53
O3P F6R E . 28.73 23.35 11.66
C1 F6R F . 6.81 3.96 -5.55
C2 F6R F . 6.94 2.66 -4.77
C3 F6R F . 8.35 2.16 -4.45
C4 F6R F . 8.44 1.16 -3.35
C5 F6R F . 9.08 -0.14 -3.72
C6 F6R F . 9.35 -1.11 -2.64
O1 F6R F . 5.94 4.86 -4.92
O2 F6R F . 5.96 2.00 -4.53
O3 F6R F . 9.13 3.23 -3.95
O4 F6R F . 7.45 1.15 -2.31
O5 F6R F . 9.88 -0.27 -4.87
O6 F6R F . 8.49 -2.13 -3.05
P F6R F . 7.97 -3.16 -2.00
O1P F6R F . 7.15 -4.13 -2.83
O2P F6R F . 9.20 -3.76 -1.39
O3P F6R F . 7.15 -2.32 -1.05
#